data_1J8B
# 
_entry.id   1J8B 
# 
_audit_conform.dict_name       mmcif_pdbx.dic 
_audit_conform.dict_version    5.398 
_audit_conform.dict_location   http://mmcif.pdb.org/dictionaries/ascii/mmcif_pdbx.dic 
# 
loop_
_database_2.database_id 
_database_2.database_code 
_database_2.pdbx_database_accession 
_database_2.pdbx_DOI 
PDB   1J8B         pdb_00001j8b 10.2210/pdb1j8b/pdb 
RCSB  RCSB013485   ?            ?                   
WWPDB D_1000013485 ?            ?                   
# 
loop_
_pdbx_audit_revision_history.ordinal 
_pdbx_audit_revision_history.data_content_type 
_pdbx_audit_revision_history.major_revision 
_pdbx_audit_revision_history.minor_revision 
_pdbx_audit_revision_history.revision_date 
1 'Structure model' 1 0 2003-01-14 
2 'Structure model' 1 1 2008-04-27 
3 'Structure model' 1 2 2011-07-13 
4 'Structure model' 1 3 2012-09-26 
5 'Structure model' 1 4 2024-10-30 
# 
_pdbx_audit_revision_details.ordinal             1 
_pdbx_audit_revision_details.revision_ordinal    1 
_pdbx_audit_revision_details.data_content_type   'Structure model' 
_pdbx_audit_revision_details.provider            repository 
_pdbx_audit_revision_details.type                'Initial release' 
_pdbx_audit_revision_details.description         ? 
_pdbx_audit_revision_details.details             ? 
# 
loop_
_pdbx_audit_revision_group.ordinal 
_pdbx_audit_revision_group.revision_ordinal 
_pdbx_audit_revision_group.data_content_type 
_pdbx_audit_revision_group.group 
1 2 'Structure model' 'Version format compliance' 
2 3 'Structure model' 'Source and taxonomy'       
3 3 'Structure model' 'Version format compliance' 
4 4 'Structure model' 'Database references'       
5 5 'Structure model' 'Data collection'           
6 5 'Structure model' 'Database references'       
7 5 'Structure model' 'Derived calculations'      
8 5 'Structure model' 'Structure summary'         
# 
loop_
_pdbx_audit_revision_category.ordinal 
_pdbx_audit_revision_category.revision_ordinal 
_pdbx_audit_revision_category.data_content_type 
_pdbx_audit_revision_category.category 
1 5 'Structure model' chem_comp_atom            
2 5 'Structure model' chem_comp_bond            
3 5 'Structure model' database_2                
4 5 'Structure model' pdbx_entry_details        
5 5 'Structure model' pdbx_modification_feature 
6 5 'Structure model' struct_conn               
7 5 'Structure model' struct_ref_seq_dif        
# 
loop_
_pdbx_audit_revision_item.ordinal 
_pdbx_audit_revision_item.revision_ordinal 
_pdbx_audit_revision_item.data_content_type 
_pdbx_audit_revision_item.item 
1 5 'Structure model' '_database_2.pdbx_DOI'                
2 5 'Structure model' '_database_2.pdbx_database_accession' 
3 5 'Structure model' '_struct_conn.pdbx_leaving_atom_flag' 
4 5 'Structure model' '_struct_ref_seq_dif.details'         
# 
_pdbx_database_status.status_code                     REL 
_pdbx_database_status.entry_id                        1J8B 
_pdbx_database_status.recvd_initial_deposition_date   2001-05-21 
_pdbx_database_status.deposit_site                    RCSB 
_pdbx_database_status.process_site                    RCSB 
_pdbx_database_status.status_code_sf                  REL 
_pdbx_database_status.SG_entry                        Y 
_pdbx_database_status.status_code_mr                  ? 
_pdbx_database_status.status_code_cs                  ? 
_pdbx_database_status.methods_development_category    ? 
_pdbx_database_status.pdb_format_compatible           Y 
_pdbx_database_status.status_code_nmr_data            ? 
# 
_pdbx_database_related.db_name        TargetDB 
_pdbx_database_related.db_id          HI0442 
_pdbx_database_related.details        . 
_pdbx_database_related.content_type   unspecified 
# 
loop_
_audit_author.name 
_audit_author.pdbx_ordinal 
'Lim, K.'                            1 
'Tempcyzk, A.'                       2 
'Toedt, J.'                          3 
'Parsons, J.F.'                      4 
'Howard, A.'                         5 
'Eisenstein, E.'                     6 
'Herzberg, O.'                       7 
'Structure 2 Function Project (S2F)' 8 
# 
_citation.id                        primary 
_citation.title                     
;Crystal structure of YbaB from Haemophilus influenzae (HI0442), a   
protein of unknown function coexpressed with the recombinational   
DNA repair protein RecR
;
_citation.journal_abbrev            Proteins 
_citation.journal_volume            50 
_citation.page_first                375 
_citation.page_last                 379 
_citation.year                      2003 
_citation.journal_id_ASTM           PSFGEY 
_citation.country                   US 
_citation.journal_id_ISSN           0887-3585 
_citation.journal_id_CSD            0867 
_citation.book_publisher            ? 
_citation.pdbx_database_id_PubMed   12486730 
_citation.pdbx_database_id_DOI      10.1002/prot.10297 
# 
loop_
_citation_author.citation_id 
_citation_author.name 
_citation_author.ordinal 
_citation_author.identifier_ORCID 
primary 'Lim, K.'        1 ? 
primary 'Tempcyzk, A.'   2 ? 
primary 'Parsons, J.F.'  3 ? 
primary 'Bonander, N.'   4 ? 
primary 'Toedt, J.'      5 ? 
primary 'Kelman, Z.'     6 ? 
primary 'Howard, A.'     7 ? 
primary 'Eisenstein, E.' 8 ? 
primary 'Herzberg, O.'   9 ? 
# 
loop_
_entity.id 
_entity.type 
_entity.src_method 
_entity.pdbx_description 
_entity.formula_weight 
_entity.pdbx_number_of_molecules 
_entity.pdbx_ec 
_entity.pdbx_mutation 
_entity.pdbx_fragment 
_entity.details 
1 polymer man YbaB  12734.129 1   ? ? ? ? 
2 water   nat water 18.015    161 ? ? ? ? 
# 
_entity_name_com.entity_id   1 
_entity_name_com.name        'HYPOTHETICAL PROTEIN HI0442' 
# 
_entity_poly.entity_id                      1 
_entity_poly.type                           'polypeptide(L)' 
_entity_poly.nstd_linkage                   no 
_entity_poly.nstd_monomer                   yes 
_entity_poly.pdbx_seq_one_letter_code       
;GSH(MSE)FGKGGLGGL(MSE)KQAQQ(MSE)QEK(MSE)QK(MSE)QEEIAQLEVTGESGAGLVKITINGAHNCRRIDI
DPSL(MSE)EDDKE(MSE)LEDLIAAAFNDAVRRAEELQKEK(MSE)ASVTAG(MSE)PLPPG(MSE)KFPF
;
_entity_poly.pdbx_seq_one_letter_code_can   
;GSHMFGKGGLGGLMKQAQQMQEKMQKMQEEIAQLEVTGESGAGLVKITINGAHNCRRIDIDPSLMEDDKEMLEDLIAAAF
NDAVRRAEELQKEKMASVTAGMPLPPGMKFPF
;
_entity_poly.pdbx_strand_id                 A 
_entity_poly.pdbx_target_identifier         HI0442 
# 
_pdbx_entity_nonpoly.entity_id   2 
_pdbx_entity_nonpoly.name        water 
_pdbx_entity_nonpoly.comp_id     HOH 
# 
loop_
_entity_poly_seq.entity_id 
_entity_poly_seq.num 
_entity_poly_seq.mon_id 
_entity_poly_seq.hetero 
1 1   GLY n 
1 2   SER n 
1 3   HIS n 
1 4   MSE n 
1 5   PHE n 
1 6   GLY n 
1 7   LYS n 
1 8   GLY n 
1 9   GLY n 
1 10  LEU n 
1 11  GLY n 
1 12  GLY n 
1 13  LEU n 
1 14  MSE n 
1 15  LYS n 
1 16  GLN n 
1 17  ALA n 
1 18  GLN n 
1 19  GLN n 
1 20  MSE n 
1 21  GLN n 
1 22  GLU n 
1 23  LYS n 
1 24  MSE n 
1 25  GLN n 
1 26  LYS n 
1 27  MSE n 
1 28  GLN n 
1 29  GLU n 
1 30  GLU n 
1 31  ILE n 
1 32  ALA n 
1 33  GLN n 
1 34  LEU n 
1 35  GLU n 
1 36  VAL n 
1 37  THR n 
1 38  GLY n 
1 39  GLU n 
1 40  SER n 
1 41  GLY n 
1 42  ALA n 
1 43  GLY n 
1 44  LEU n 
1 45  VAL n 
1 46  LYS n 
1 47  ILE n 
1 48  THR n 
1 49  ILE n 
1 50  ASN n 
1 51  GLY n 
1 52  ALA n 
1 53  HIS n 
1 54  ASN n 
1 55  CYS n 
1 56  ARG n 
1 57  ARG n 
1 58  ILE n 
1 59  ASP n 
1 60  ILE n 
1 61  ASP n 
1 62  PRO n 
1 63  SER n 
1 64  LEU n 
1 65  MSE n 
1 66  GLU n 
1 67  ASP n 
1 68  ASP n 
1 69  LYS n 
1 70  GLU n 
1 71  MSE n 
1 72  LEU n 
1 73  GLU n 
1 74  ASP n 
1 75  LEU n 
1 76  ILE n 
1 77  ALA n 
1 78  ALA n 
1 79  ALA n 
1 80  PHE n 
1 81  ASN n 
1 82  ASP n 
1 83  ALA n 
1 84  VAL n 
1 85  ARG n 
1 86  ARG n 
1 87  ALA n 
1 88  GLU n 
1 89  GLU n 
1 90  LEU n 
1 91  GLN n 
1 92  LYS n 
1 93  GLU n 
1 94  LYS n 
1 95  MSE n 
1 96  ALA n 
1 97  SER n 
1 98  VAL n 
1 99  THR n 
1 100 ALA n 
1 101 GLY n 
1 102 MSE n 
1 103 PRO n 
1 104 LEU n 
1 105 PRO n 
1 106 PRO n 
1 107 GLY n 
1 108 MSE n 
1 109 LYS n 
1 110 PHE n 
1 111 PRO n 
1 112 PHE n 
# 
_entity_src_gen.entity_id                          1 
_entity_src_gen.pdbx_src_id                        1 
_entity_src_gen.pdbx_alt_source_flag               sample 
_entity_src_gen.pdbx_seq_type                      ? 
_entity_src_gen.pdbx_beg_seq_num                   ? 
_entity_src_gen.pdbx_end_seq_num                   ? 
_entity_src_gen.gene_src_common_name               ? 
_entity_src_gen.gene_src_genus                     Haemophilus 
_entity_src_gen.pdbx_gene_src_gene                 HI0442 
_entity_src_gen.gene_src_species                   'Haemophilus influenzae' 
_entity_src_gen.gene_src_strain                    KW20 
_entity_src_gen.gene_src_tissue                    ? 
_entity_src_gen.gene_src_tissue_fraction           ? 
_entity_src_gen.gene_src_details                   ? 
_entity_src_gen.pdbx_gene_src_fragment             ? 
_entity_src_gen.pdbx_gene_src_scientific_name      'Haemophilus influenzae Rd' 
_entity_src_gen.pdbx_gene_src_ncbi_taxonomy_id     71421 
_entity_src_gen.pdbx_gene_src_variant              ? 
_entity_src_gen.pdbx_gene_src_cell_line            ? 
_entity_src_gen.pdbx_gene_src_atcc                 ? 
_entity_src_gen.pdbx_gene_src_organ                ? 
_entity_src_gen.pdbx_gene_src_organelle            ? 
_entity_src_gen.pdbx_gene_src_cell                 ? 
_entity_src_gen.pdbx_gene_src_cellular_location    ? 
_entity_src_gen.host_org_common_name               ? 
_entity_src_gen.pdbx_host_org_scientific_name      'Escherichia coli' 
_entity_src_gen.pdbx_host_org_ncbi_taxonomy_id     562 
_entity_src_gen.host_org_genus                     Escherichia 
_entity_src_gen.pdbx_host_org_gene                 ? 
_entity_src_gen.pdbx_host_org_organ                ? 
_entity_src_gen.host_org_species                   ? 
_entity_src_gen.pdbx_host_org_tissue               ? 
_entity_src_gen.pdbx_host_org_tissue_fraction      ? 
_entity_src_gen.pdbx_host_org_strain               'B834 (DE3)' 
_entity_src_gen.pdbx_host_org_variant              ? 
_entity_src_gen.pdbx_host_org_cell_line            ? 
_entity_src_gen.pdbx_host_org_atcc                 ? 
_entity_src_gen.pdbx_host_org_culture_collection   ? 
_entity_src_gen.pdbx_host_org_cell                 ? 
_entity_src_gen.pdbx_host_org_organelle            ? 
_entity_src_gen.pdbx_host_org_cellular_location    ? 
_entity_src_gen.pdbx_host_org_vector_type          pET15b 
_entity_src_gen.pdbx_host_org_vector               ? 
_entity_src_gen.host_org_details                   ? 
_entity_src_gen.expression_system_id               ? 
_entity_src_gen.plasmid_name                       pET15b-HI0442 
_entity_src_gen.plasmid_details                    ? 
_entity_src_gen.pdbx_description                   ? 
# 
loop_
_chem_comp.id 
_chem_comp.type 
_chem_comp.mon_nstd_flag 
_chem_comp.name 
_chem_comp.pdbx_synonyms 
_chem_comp.formula 
_chem_comp.formula_weight 
ALA 'L-peptide linking' y ALANINE          ? 'C3 H7 N O2'     89.093  
ARG 'L-peptide linking' y ARGININE         ? 'C6 H15 N4 O2 1' 175.209 
ASN 'L-peptide linking' y ASPARAGINE       ? 'C4 H8 N2 O3'    132.118 
ASP 'L-peptide linking' y 'ASPARTIC ACID'  ? 'C4 H7 N O4'     133.103 
CYS 'L-peptide linking' y CYSTEINE         ? 'C3 H7 N O2 S'   121.158 
GLN 'L-peptide linking' y GLUTAMINE        ? 'C5 H10 N2 O3'   146.144 
GLU 'L-peptide linking' y 'GLUTAMIC ACID'  ? 'C5 H9 N O4'     147.129 
GLY 'peptide linking'   y GLYCINE          ? 'C2 H5 N O2'     75.067  
HIS 'L-peptide linking' y HISTIDINE        ? 'C6 H10 N3 O2 1' 156.162 
HOH non-polymer         . WATER            ? 'H2 O'           18.015  
ILE 'L-peptide linking' y ISOLEUCINE       ? 'C6 H13 N O2'    131.173 
LEU 'L-peptide linking' y LEUCINE          ? 'C6 H13 N O2'    131.173 
LYS 'L-peptide linking' y LYSINE           ? 'C6 H15 N2 O2 1' 147.195 
MET 'L-peptide linking' y METHIONINE       ? 'C5 H11 N O2 S'  149.211 
MSE 'L-peptide linking' n SELENOMETHIONINE ? 'C5 H11 N O2 Se' 196.106 
PHE 'L-peptide linking' y PHENYLALANINE    ? 'C9 H11 N O2'    165.189 
PRO 'L-peptide linking' y PROLINE          ? 'C5 H9 N O2'     115.130 
SER 'L-peptide linking' y SERINE           ? 'C3 H7 N O3'     105.093 
THR 'L-peptide linking' y THREONINE        ? 'C4 H9 N O3'     119.119 
VAL 'L-peptide linking' y VALINE           ? 'C5 H11 N O2'    117.146 
# 
loop_
_pdbx_poly_seq_scheme.asym_id 
_pdbx_poly_seq_scheme.entity_id 
_pdbx_poly_seq_scheme.seq_id 
_pdbx_poly_seq_scheme.mon_id 
_pdbx_poly_seq_scheme.ndb_seq_num 
_pdbx_poly_seq_scheme.pdb_seq_num 
_pdbx_poly_seq_scheme.auth_seq_num 
_pdbx_poly_seq_scheme.pdb_mon_id 
_pdbx_poly_seq_scheme.auth_mon_id 
_pdbx_poly_seq_scheme.pdb_strand_id 
_pdbx_poly_seq_scheme.pdb_ins_code 
_pdbx_poly_seq_scheme.hetero 
A 1 1   GLY 1   -2  ?  ?   ?   A . n 
A 1 2   SER 2   -1  ?  ?   ?   A . n 
A 1 3   HIS 3   0   ?  ?   ?   A . n 
A 1 4   MSE 4   1   ?  ?   ?   A . n 
A 1 5   PHE 5   2   ?  ?   ?   A . n 
A 1 6   GLY 6   3   ?  ?   ?   A . n 
A 1 7   LYS 7   4   ?  ?   ?   A . n 
A 1 8   GLY 8   5   ?  ?   ?   A . n 
A 1 9   GLY 9   6   ?  ?   ?   A . n 
A 1 10  LEU 10  7   7  LEU LEU A . n 
A 1 11  GLY 11  8   8  GLY GLY A . n 
A 1 12  GLY 12  9   9  GLY GLY A . n 
A 1 13  LEU 13  10  10 LEU LEU A . n 
A 1 14  MSE 14  11  11 MSE MSE A . n 
A 1 15  LYS 15  12  12 LYS LYS A . n 
A 1 16  GLN 16  13  13 GLN GLN A . n 
A 1 17  ALA 17  14  14 ALA ALA A . n 
A 1 18  GLN 18  15  15 GLN GLN A . n 
A 1 19  GLN 19  16  16 GLN GLN A . n 
A 1 20  MSE 20  17  17 MSE MSE A . n 
A 1 21  GLN 21  18  18 GLN GLN A . n 
A 1 22  GLU 22  19  19 GLU GLU A . n 
A 1 23  LYS 23  20  20 LYS LYS A . n 
A 1 24  MSE 24  21  21 MSE MSE A . n 
A 1 25  GLN 25  22  22 GLN GLN A . n 
A 1 26  LYS 26  23  23 LYS LYS A . n 
A 1 27  MSE 27  24  24 MSE MSE A . n 
A 1 28  GLN 28  25  25 GLN GLN A . n 
A 1 29  GLU 29  26  26 GLU GLU A . n 
A 1 30  GLU 30  27  27 GLU GLU A . n 
A 1 31  ILE 31  28  28 ILE ILE A . n 
A 1 32  ALA 32  29  29 ALA ALA A . n 
A 1 33  GLN 33  30  30 GLN GLN A . n 
A 1 34  LEU 34  31  31 LEU LEU A . n 
A 1 35  GLU 35  32  32 GLU GLU A . n 
A 1 36  VAL 36  33  33 VAL VAL A . n 
A 1 37  THR 37  34  34 THR THR A . n 
A 1 38  GLY 38  35  35 GLY GLY A . n 
A 1 39  GLU 39  36  36 GLU GLU A . n 
A 1 40  SER 40  37  37 SER SER A . n 
A 1 41  GLY 41  38  38 GLY GLY A . n 
A 1 42  ALA 42  39  39 ALA ALA A . n 
A 1 43  GLY 43  40  40 GLY GLY A . n 
A 1 44  LEU 44  41  41 LEU LEU A . n 
A 1 45  VAL 45  42  42 VAL VAL A . n 
A 1 46  LYS 46  43  43 LYS LYS A . n 
A 1 47  ILE 47  44  44 ILE ILE A . n 
A 1 48  THR 48  45  45 THR THR A . n 
A 1 49  ILE 49  46  46 ILE ILE A . n 
A 1 50  ASN 50  47  47 ASN ASN A . n 
A 1 51  GLY 51  48  48 GLY GLY A . n 
A 1 52  ALA 52  49  49 ALA ALA A . n 
A 1 53  HIS 53  50  50 HIS HIS A . n 
A 1 54  ASN 54  51  51 ASN ASN A . n 
A 1 55  CYS 55  52  52 CYS CYS A . n 
A 1 56  ARG 56  53  53 ARG ARG A . n 
A 1 57  ARG 57  54  54 ARG ARG A . n 
A 1 58  ILE 58  55  55 ILE ILE A . n 
A 1 59  ASP 59  56  56 ASP ASP A . n 
A 1 60  ILE 60  57  57 ILE ILE A . n 
A 1 61  ASP 61  58  58 ASP ASP A . n 
A 1 62  PRO 62  59  59 PRO PRO A . n 
A 1 63  SER 63  60  60 SER SER A . n 
A 1 64  LEU 64  61  61 LEU LEU A . n 
A 1 65  MSE 65  62  62 MSE MSE A . n 
A 1 66  GLU 66  63  63 GLU GLU A . n 
A 1 67  ASP 67  64  64 ASP ASP A . n 
A 1 68  ASP 68  65  65 ASP ASP A . n 
A 1 69  LYS 69  66  66 LYS LYS A . n 
A 1 70  GLU 70  67  67 GLU GLU A . n 
A 1 71  MSE 71  68  68 MSE MSE A . n 
A 1 72  LEU 72  69  69 LEU LEU A . n 
A 1 73  GLU 73  70  70 GLU GLU A . n 
A 1 74  ASP 74  71  71 ASP ASP A . n 
A 1 75  LEU 75  72  72 LEU LEU A . n 
A 1 76  ILE 76  73  73 ILE ILE A . n 
A 1 77  ALA 77  74  74 ALA ALA A . n 
A 1 78  ALA 78  75  75 ALA ALA A . n 
A 1 79  ALA 79  76  76 ALA ALA A . n 
A 1 80  PHE 80  77  77 PHE PHE A . n 
A 1 81  ASN 81  78  78 ASN ASN A . n 
A 1 82  ASP 82  79  79 ASP ASP A . n 
A 1 83  ALA 83  80  80 ALA ALA A . n 
A 1 84  VAL 84  81  81 VAL VAL A . n 
A 1 85  ARG 85  82  82 ARG ARG A . n 
A 1 86  ARG 86  83  83 ARG ARG A . n 
A 1 87  ALA 87  84  84 ALA ALA A . n 
A 1 88  GLU 88  85  85 GLU GLU A . n 
A 1 89  GLU 89  86  86 GLU GLU A . n 
A 1 90  LEU 90  87  87 LEU LEU A . n 
A 1 91  GLN 91  88  88 GLN GLN A . n 
A 1 92  LYS 92  89  89 LYS LYS A . n 
A 1 93  GLU 93  90  90 GLU GLU A . n 
A 1 94  LYS 94  91  91 LYS LYS A . n 
A 1 95  MSE 95  92  92 MSE MSE A . n 
A 1 96  ALA 96  93  93 ALA ALA A . n 
A 1 97  SER 97  94  94 SER SER A . n 
A 1 98  VAL 98  95  95 VAL VAL A . n 
A 1 99  THR 99  96  96 THR THR A . n 
A 1 100 ALA 100 97  97 ALA ALA A . n 
A 1 101 GLY 101 98  98 GLY GLY A . n 
A 1 102 MSE 102 99  ?  ?   ?   A . n 
A 1 103 PRO 103 100 ?  ?   ?   A . n 
A 1 104 LEU 104 101 ?  ?   ?   A . n 
A 1 105 PRO 105 102 ?  ?   ?   A . n 
A 1 106 PRO 106 103 ?  ?   ?   A . n 
A 1 107 GLY 107 104 ?  ?   ?   A . n 
A 1 108 MSE 108 105 ?  ?   ?   A . n 
A 1 109 LYS 109 106 ?  ?   ?   A . n 
A 1 110 PHE 110 107 ?  ?   ?   A . n 
A 1 111 PRO 111 108 ?  ?   ?   A . n 
A 1 112 PHE 112 109 ?  ?   ?   A . n 
# 
loop_
_pdbx_nonpoly_scheme.asym_id 
_pdbx_nonpoly_scheme.entity_id 
_pdbx_nonpoly_scheme.mon_id 
_pdbx_nonpoly_scheme.ndb_seq_num 
_pdbx_nonpoly_scheme.pdb_seq_num 
_pdbx_nonpoly_scheme.auth_seq_num 
_pdbx_nonpoly_scheme.pdb_mon_id 
_pdbx_nonpoly_scheme.auth_mon_id 
_pdbx_nonpoly_scheme.pdb_strand_id 
_pdbx_nonpoly_scheme.pdb_ins_code 
B 2 HOH 1   201 201 HOH HOH A . 
B 2 HOH 2   202 202 HOH HOH A . 
B 2 HOH 3   203 203 HOH HOH A . 
B 2 HOH 4   204 204 HOH HOH A . 
B 2 HOH 5   205 205 HOH HOH A . 
B 2 HOH 6   206 206 HOH HOH A . 
B 2 HOH 7   207 207 HOH HOH A . 
B 2 HOH 8   208 208 HOH HOH A . 
B 2 HOH 9   209 209 HOH HOH A . 
B 2 HOH 10  210 210 HOH HOH A . 
B 2 HOH 11  211 211 HOH HOH A . 
B 2 HOH 12  212 212 HOH HOH A . 
B 2 HOH 13  213 213 HOH HOH A . 
B 2 HOH 14  214 214 HOH HOH A . 
B 2 HOH 15  215 215 HOH HOH A . 
B 2 HOH 16  216 216 HOH HOH A . 
B 2 HOH 17  217 217 HOH HOH A . 
B 2 HOH 18  218 218 HOH HOH A . 
B 2 HOH 19  219 219 HOH HOH A . 
B 2 HOH 20  220 220 HOH HOH A . 
B 2 HOH 21  221 221 HOH HOH A . 
B 2 HOH 22  222 222 HOH HOH A . 
B 2 HOH 23  223 223 HOH HOH A . 
B 2 HOH 24  224 224 HOH HOH A . 
B 2 HOH 25  225 225 HOH HOH A . 
B 2 HOH 26  226 226 HOH HOH A . 
B 2 HOH 27  227 227 HOH HOH A . 
B 2 HOH 28  228 228 HOH HOH A . 
B 2 HOH 29  229 229 HOH HOH A . 
B 2 HOH 30  230 230 HOH HOH A . 
B 2 HOH 31  231 231 HOH HOH A . 
B 2 HOH 32  232 232 HOH HOH A . 
B 2 HOH 33  233 233 HOH HOH A . 
B 2 HOH 34  234 234 HOH HOH A . 
B 2 HOH 35  235 235 HOH HOH A . 
B 2 HOH 36  236 236 HOH HOH A . 
B 2 HOH 37  237 237 HOH HOH A . 
B 2 HOH 38  238 238 HOH HOH A . 
B 2 HOH 39  239 239 HOH HOH A . 
B 2 HOH 40  240 240 HOH HOH A . 
B 2 HOH 41  241 241 HOH HOH A . 
B 2 HOH 42  242 242 HOH HOH A . 
B 2 HOH 43  243 243 HOH HOH A . 
B 2 HOH 44  244 244 HOH HOH A . 
B 2 HOH 45  245 245 HOH HOH A . 
B 2 HOH 46  246 246 HOH HOH A . 
B 2 HOH 47  247 247 HOH HOH A . 
B 2 HOH 48  248 248 HOH HOH A . 
B 2 HOH 49  249 249 HOH HOH A . 
B 2 HOH 50  250 250 HOH HOH A . 
B 2 HOH 51  251 251 HOH HOH A . 
B 2 HOH 52  252 252 HOH HOH A . 
B 2 HOH 53  253 253 HOH HOH A . 
B 2 HOH 54  254 254 HOH HOH A . 
B 2 HOH 55  255 255 HOH HOH A . 
B 2 HOH 56  256 256 HOH HOH A . 
B 2 HOH 57  257 257 HOH HOH A . 
B 2 HOH 58  258 258 HOH HOH A . 
B 2 HOH 59  259 259 HOH HOH A . 
B 2 HOH 60  260 260 HOH HOH A . 
B 2 HOH 61  261 261 HOH HOH A . 
B 2 HOH 62  262 262 HOH HOH A . 
B 2 HOH 63  263 263 HOH HOH A . 
B 2 HOH 64  264 264 HOH HOH A . 
B 2 HOH 65  265 265 HOH HOH A . 
B 2 HOH 66  266 266 HOH HOH A . 
B 2 HOH 67  267 267 HOH HOH A . 
B 2 HOH 68  268 268 HOH HOH A . 
B 2 HOH 69  269 269 HOH HOH A . 
B 2 HOH 70  270 270 HOH HOH A . 
B 2 HOH 71  271 271 HOH HOH A . 
B 2 HOH 72  272 272 HOH HOH A . 
B 2 HOH 73  273 273 HOH HOH A . 
B 2 HOH 74  274 274 HOH HOH A . 
B 2 HOH 75  275 275 HOH HOH A . 
B 2 HOH 76  276 276 HOH HOH A . 
B 2 HOH 77  277 277 HOH HOH A . 
B 2 HOH 78  278 278 HOH HOH A . 
B 2 HOH 79  279 279 HOH HOH A . 
B 2 HOH 80  280 280 HOH HOH A . 
B 2 HOH 81  281 281 HOH HOH A . 
B 2 HOH 82  282 282 HOH HOH A . 
B 2 HOH 83  283 283 HOH HOH A . 
B 2 HOH 84  284 284 HOH HOH A . 
B 2 HOH 85  285 285 HOH HOH A . 
B 2 HOH 86  286 286 HOH HOH A . 
B 2 HOH 87  287 287 HOH HOH A . 
B 2 HOH 88  288 288 HOH HOH A . 
B 2 HOH 89  289 289 HOH HOH A . 
B 2 HOH 90  290 290 HOH HOH A . 
B 2 HOH 91  291 291 HOH HOH A . 
B 2 HOH 92  292 292 HOH HOH A . 
B 2 HOH 93  293 293 HOH HOH A . 
B 2 HOH 94  294 294 HOH HOH A . 
B 2 HOH 95  295 295 HOH HOH A . 
B 2 HOH 96  296 296 HOH HOH A . 
B 2 HOH 97  297 297 HOH HOH A . 
B 2 HOH 98  298 298 HOH HOH A . 
B 2 HOH 99  299 299 HOH HOH A . 
B 2 HOH 100 300 300 HOH HOH A . 
B 2 HOH 101 301 301 HOH HOH A . 
B 2 HOH 102 302 302 HOH HOH A . 
B 2 HOH 103 303 303 HOH HOH A . 
B 2 HOH 104 304 304 HOH HOH A . 
B 2 HOH 105 305 305 HOH HOH A . 
B 2 HOH 106 306 306 HOH HOH A . 
B 2 HOH 107 307 307 HOH HOH A . 
B 2 HOH 108 308 308 HOH HOH A . 
B 2 HOH 109 309 309 HOH HOH A . 
B 2 HOH 110 310 310 HOH HOH A . 
B 2 HOH 111 311 311 HOH HOH A . 
B 2 HOH 112 312 312 HOH HOH A . 
B 2 HOH 113 313 313 HOH HOH A . 
B 2 HOH 114 314 314 HOH HOH A . 
B 2 HOH 115 315 315 HOH HOH A . 
B 2 HOH 116 316 316 HOH HOH A . 
B 2 HOH 117 317 317 HOH HOH A . 
B 2 HOH 118 318 318 HOH HOH A . 
B 2 HOH 119 319 319 HOH HOH A . 
B 2 HOH 120 320 320 HOH HOH A . 
B 2 HOH 121 321 321 HOH HOH A . 
B 2 HOH 122 322 322 HOH HOH A . 
B 2 HOH 123 323 323 HOH HOH A . 
B 2 HOH 124 324 324 HOH HOH A . 
B 2 HOH 125 325 325 HOH HOH A . 
B 2 HOH 126 326 326 HOH HOH A . 
B 2 HOH 127 327 327 HOH HOH A . 
B 2 HOH 128 328 328 HOH HOH A . 
B 2 HOH 129 329 329 HOH HOH A . 
B 2 HOH 130 330 330 HOH HOH A . 
B 2 HOH 131 331 331 HOH HOH A . 
B 2 HOH 132 332 332 HOH HOH A . 
B 2 HOH 133 333 333 HOH HOH A . 
B 2 HOH 134 334 334 HOH HOH A . 
B 2 HOH 135 335 335 HOH HOH A . 
B 2 HOH 136 336 336 HOH HOH A . 
B 2 HOH 137 337 337 HOH HOH A . 
B 2 HOH 138 338 338 HOH HOH A . 
B 2 HOH 139 339 339 HOH HOH A . 
B 2 HOH 140 340 340 HOH HOH A . 
B 2 HOH 141 341 341 HOH HOH A . 
B 2 HOH 142 342 342 HOH HOH A . 
B 2 HOH 143 343 343 HOH HOH A . 
B 2 HOH 144 344 344 HOH HOH A . 
B 2 HOH 145 345 345 HOH HOH A . 
B 2 HOH 146 346 346 HOH HOH A . 
B 2 HOH 147 347 347 HOH HOH A . 
B 2 HOH 148 348 348 HOH HOH A . 
B 2 HOH 149 349 349 HOH HOH A . 
B 2 HOH 150 350 350 HOH HOH A . 
B 2 HOH 151 351 351 HOH HOH A . 
B 2 HOH 152 352 352 HOH HOH A . 
B 2 HOH 153 353 353 HOH HOH A . 
B 2 HOH 154 354 354 HOH HOH A . 
B 2 HOH 155 355 355 HOH HOH A . 
B 2 HOH 156 356 356 HOH HOH A . 
B 2 HOH 157 357 357 HOH HOH A . 
B 2 HOH 158 358 358 HOH HOH A . 
B 2 HOH 159 359 359 HOH HOH A . 
B 2 HOH 160 360 360 HOH HOH A . 
B 2 HOH 161 361 361 HOH HOH A . 
# 
loop_
_software.name 
_software.classification 
_software.version 
_software.citation_id 
_software.pdbx_ordinal 
DENZO     'data reduction' . ? 1 
SCALEPACK 'data scaling'   . ? 2 
SOLVE     phasing          . ? 3 
SHELX     'model building' . ? 4 
MLPHARE   phasing          . ? 5 
DM        'model building' . ? 6 
CNS       refinement       . ? 7 
SHELX     phasing          . ? 8 
DM        phasing          . ? 9 
# 
_cell.entry_id           1J8B 
_cell.length_a           44.39 
_cell.length_b           132.79 
_cell.length_c           36.22 
_cell.angle_alpha        90.0 
_cell.angle_beta         90.0 
_cell.angle_gamma        90.0 
_cell.Z_PDB              8 
_cell.pdbx_unique_axis   ? 
_cell.length_a_esd       ? 
_cell.length_b_esd       ? 
_cell.length_c_esd       ? 
_cell.angle_alpha_esd    ? 
_cell.angle_beta_esd     ? 
_cell.angle_gamma_esd    ? 
# 
_symmetry.entry_id                         1J8B 
_symmetry.space_group_name_H-M             'C 2 2 21' 
_symmetry.pdbx_full_space_group_name_H-M   ? 
_symmetry.cell_setting                     ? 
_symmetry.Int_Tables_number                20 
_symmetry.space_group_name_Hall            ? 
# 
_exptl.entry_id          1J8B 
_exptl.method            'X-RAY DIFFRACTION' 
_exptl.crystals_number   1 
# 
_exptl_crystal.id                    1 
_exptl_crystal.density_meas          ? 
_exptl_crystal.density_Matthews      2.09 
_exptl_crystal.density_percent_sol   41.29 
_exptl_crystal.description           ? 
_exptl_crystal.F_000                 ? 
_exptl_crystal.preparation           ? 
# 
_exptl_crystal_grow.crystal_id      1 
_exptl_crystal_grow.method          'VAPOR DIFFUSION, HANGING DROP' 
_exptl_crystal_grow.temp            277 
_exptl_crystal_grow.temp_details    ? 
_exptl_crystal_grow.pH              3.8 
_exptl_crystal_grow.pdbx_details    '1 M ammonium phosphate, pH 3.8, VAPOR DIFFUSION, HANGING DROP, temperature 277K' 
_exptl_crystal_grow.pdbx_pH_range   . 
# 
_diffrn.id                     1 
_diffrn.ambient_temp           100 
_diffrn.ambient_temp_details   ? 
_diffrn.crystal_id             1 
# 
_diffrn_detector.diffrn_id              1 
_diffrn_detector.detector               CCD 
_diffrn_detector.type                   MARRESEARCH 
_diffrn_detector.pdbx_collection_date   2000-01-01 
_diffrn_detector.details                ? 
# 
_diffrn_radiation.diffrn_id                        1 
_diffrn_radiation.wavelength_id                    1 
_diffrn_radiation.pdbx_monochromatic_or_laue_m_l   M 
_diffrn_radiation.monochromator                    ? 
_diffrn_radiation.pdbx_diffrn_protocol             MAD 
_diffrn_radiation.pdbx_scattering_type             x-ray 
# 
loop_
_diffrn_radiation_wavelength.id 
_diffrn_radiation_wavelength.wavelength 
_diffrn_radiation_wavelength.wt 
1 0.9789 1.0 
2 0.9790 1.0 
3 0.9500 1.0 
# 
_diffrn_source.diffrn_id                   1 
_diffrn_source.source                      SYNCHROTRON 
_diffrn_source.type                        'APS BEAMLINE 17-ID' 
_diffrn_source.pdbx_synchrotron_site       APS 
_diffrn_source.pdbx_synchrotron_beamline   17-ID 
_diffrn_source.pdbx_wavelength             ? 
_diffrn_source.pdbx_wavelength_list        '0.9789, 0.9790, 0.9500' 
# 
_reflns.entry_id                     1J8B 
_reflns.observed_criterion_sigma_I   0 
_reflns.observed_criterion_sigma_F   0 
_reflns.d_resolution_low             99 
_reflns.d_resolution_high            1.75 
_reflns.number_obs                   10936 
_reflns.number_all                   10936 
_reflns.percent_possible_obs         96.7 
_reflns.pdbx_Rmerge_I_obs            0.071 
_reflns.pdbx_Rsym_value              ? 
_reflns.pdbx_netI_over_sigmaI        18.0 
_reflns.B_iso_Wilson_estimate        21 
_reflns.pdbx_redundancy              6.5 
_reflns.R_free_details               ? 
_reflns.limit_h_max                  ? 
_reflns.limit_h_min                  ? 
_reflns.limit_k_max                  ? 
_reflns.limit_k_min                  ? 
_reflns.limit_l_max                  ? 
_reflns.limit_l_min                  ? 
_reflns.observed_criterion_F_max     ? 
_reflns.observed_criterion_F_min     ? 
_reflns.pdbx_ordinal                 1 
_reflns.pdbx_diffrn_id               1 
_reflns.pdbx_chi_squared             ? 
_reflns.pdbx_scaling_rejects         ? 
# 
_reflns_shell.d_res_high             1.75 
_reflns_shell.d_res_low              1.81 
_reflns_shell.percent_possible_all   73.5 
_reflns_shell.Rmerge_I_obs           0.214 
_reflns_shell.pdbx_Rsym_value        ? 
_reflns_shell.meanI_over_sigI_obs    ? 
_reflns_shell.pdbx_redundancy        4.2 
_reflns_shell.percent_possible_obs   ? 
_reflns_shell.number_unique_all      810 
_reflns_shell.pdbx_ordinal           1 
_reflns_shell.pdbx_diffrn_id         1 
_reflns_shell.number_measured_all    ? 
_reflns_shell.number_measured_obs    ? 
_reflns_shell.number_unique_obs      ? 
_reflns_shell.pdbx_chi_squared       ? 
# 
_refine.entry_id                                 1J8B 
_refine.ls_number_reflns_obs                     10681 
_refine.ls_number_reflns_all                     10912 
_refine.pdbx_ls_sigma_I                          ? 
_refine.pdbx_ls_sigma_F                          2 
_refine.pdbx_data_cutoff_high_absF               ? 
_refine.pdbx_data_cutoff_low_absF                ? 
_refine.ls_d_res_low                             99 
_refine.ls_d_res_high                            1.75 
_refine.ls_percent_reflns_obs                    ? 
_refine.ls_R_factor_obs                          ? 
_refine.ls_R_factor_all                          ? 
_refine.ls_R_factor_R_work                       0.18 
_refine.ls_R_factor_R_free                       0.263 
_refine.ls_R_factor_R_free_error                 ? 
_refine.ls_R_factor_R_free_error_details         ? 
_refine.ls_percent_reflns_R_free                 10.2 
_refine.ls_number_reflns_R_free                  1093 
_refine.ls_number_parameters                     ? 
_refine.ls_number_restraints                     ? 
_refine.occupancy_min                            ? 
_refine.occupancy_max                            ? 
_refine.B_iso_mean                               33 
_refine.aniso_B[1][1]                            ? 
_refine.aniso_B[2][2]                            ? 
_refine.aniso_B[3][3]                            ? 
_refine.aniso_B[1][2]                            ? 
_refine.aniso_B[1][3]                            ? 
_refine.aniso_B[2][3]                            ? 
_refine.solvent_model_details                    ? 
_refine.solvent_model_param_ksol                 ? 
_refine.solvent_model_param_bsol                 ? 
_refine.pdbx_ls_cross_valid_method               THROUGHOUT 
_refine.details                                  ? 
_refine.pdbx_starting_model                      ? 
_refine.pdbx_method_to_determine_struct          MAD 
_refine.pdbx_isotropic_thermal_model             ? 
_refine.pdbx_stereochemistry_target_values       'Engh & Huber' 
_refine.pdbx_stereochem_target_val_spec_case     ? 
_refine.pdbx_R_Free_selection_details            random 
_refine.pdbx_overall_ESU_R_Free                  ? 
_refine.overall_SU_B                             ? 
_refine.ls_redundancy_reflns_obs                 ? 
_refine.B_iso_min                                ? 
_refine.B_iso_max                                ? 
_refine.correlation_coeff_Fo_to_Fc               ? 
_refine.overall_SU_R_Cruickshank_DPI             ? 
_refine.overall_SU_R_free                        ? 
_refine.overall_SU_ML                            ? 
_refine.pdbx_overall_ESU_R                       ? 
_refine.pdbx_data_cutoff_high_rms_absF           ? 
_refine.correlation_coeff_Fo_to_Fc_free          ? 
_refine.pdbx_solvent_vdw_probe_radii             ? 
_refine.pdbx_solvent_ion_probe_radii             ? 
_refine.pdbx_solvent_shrinkage_radii             ? 
_refine.pdbx_refine_id                           'X-RAY DIFFRACTION' 
_refine.pdbx_diffrn_id                           1 
_refine.pdbx_overall_phase_error                 ? 
_refine.ls_wR_factor_R_free                      ? 
_refine.ls_wR_factor_R_work                      ? 
_refine.overall_FOM_free_R_set                   ? 
_refine.overall_FOM_work_R_set                   ? 
_refine.pdbx_TLS_residual_ADP_flag               ? 
_refine.pdbx_overall_SU_R_free_Cruickshank_DPI   ? 
_refine.pdbx_overall_SU_R_Blow_DPI               ? 
_refine.pdbx_overall_SU_R_free_Blow_DPI          ? 
# 
_refine_hist.pdbx_refine_id                   'X-RAY DIFFRACTION' 
_refine_hist.cycle_id                         LAST 
_refine_hist.pdbx_number_atoms_protein        702 
_refine_hist.pdbx_number_atoms_nucleic_acid   0 
_refine_hist.pdbx_number_atoms_ligand         0 
_refine_hist.number_atoms_solvent             161 
_refine_hist.number_atoms_total               863 
_refine_hist.d_res_high                       1.75 
_refine_hist.d_res_low                        99 
# 
loop_
_refine_ls_restr.type 
_refine_ls_restr.dev_ideal 
_refine_ls_restr.dev_ideal_target 
_refine_ls_restr.weight 
_refine_ls_restr.number 
_refine_ls_restr.pdbx_refine_id 
_refine_ls_restr.pdbx_restraint_function 
c_bond_d    0.020 ? ? ? 'X-RAY DIFFRACTION' ? 
c_angle_deg 1.8   ? ? ? 'X-RAY DIFFRACTION' ? 
# 
_refine_ls_shell.pdbx_total_number_of_bins_used   ? 
_refine_ls_shell.d_res_high                       1.75 
_refine_ls_shell.d_res_low                        1.83 
_refine_ls_shell.number_reflns_R_work             ? 
_refine_ls_shell.R_factor_R_work                  0.348 
_refine_ls_shell.percent_reflns_obs               77.3 
_refine_ls_shell.R_factor_R_free                  0.301 
_refine_ls_shell.R_factor_R_free_error            ? 
_refine_ls_shell.percent_reflns_R_free            ? 
_refine_ls_shell.number_reflns_R_free             ? 
_refine_ls_shell.number_reflns_obs                ? 
_refine_ls_shell.redundancy_reflns_obs            ? 
_refine_ls_shell.number_reflns_all                ? 
_refine_ls_shell.pdbx_refine_id                   'X-RAY DIFFRACTION' 
_refine_ls_shell.R_factor_all                     ? 
# 
_struct.entry_id                  1J8B 
_struct.title                     'Structure of YbaB from Haemophilus influenzae (HI0442), a protein of unknown function' 
_struct.pdbx_model_details        ? 
_struct.pdbx_CASP_flag            ? 
_struct.pdbx_model_type_details   ? 
# 
_struct_keywords.entry_id        1J8B 
_struct_keywords.pdbx_keywords   'STRUCTURAL GENOMICS, UNKNOWN FUNCTION' 
_struct_keywords.text            
'HI0442, hypothetical protein, structural genomics, Structure 2 Function Project, S2F, UNKNOWN FUNCTION' 
# 
loop_
_struct_asym.id 
_struct_asym.pdbx_blank_PDB_chainid_flag 
_struct_asym.pdbx_modified 
_struct_asym.entity_id 
_struct_asym.details 
A N N 1 ? 
B N N 2 ? 
# 
_struct_ref.id                         1 
_struct_ref.db_name                    UNP 
_struct_ref.db_code                    Y442_HAEIN 
_struct_ref.entity_id                  1 
_struct_ref.pdbx_seq_one_letter_code   
;MFGKGGLGGLMKQAQQMQEKMQKMQEEIAQLEVTGESGAGLVKITINGAHNCRRIDIDPSLMEDDKEMLEDLIAAAFNDA
VRRAEELQKEKMASVTAGMPLPPGMKFPF
;
_struct_ref.pdbx_align_begin           1 
_struct_ref.pdbx_db_accession          P44711 
_struct_ref.pdbx_db_isoform            ? 
# 
_struct_ref_seq.align_id                      1 
_struct_ref_seq.ref_id                        1 
_struct_ref_seq.pdbx_PDB_id_code              1J8B 
_struct_ref_seq.pdbx_strand_id                A 
_struct_ref_seq.seq_align_beg                 4 
_struct_ref_seq.pdbx_seq_align_beg_ins_code   ? 
_struct_ref_seq.seq_align_end                 112 
_struct_ref_seq.pdbx_seq_align_end_ins_code   ? 
_struct_ref_seq.pdbx_db_accession             P44711 
_struct_ref_seq.db_align_beg                  1 
_struct_ref_seq.pdbx_db_align_beg_ins_code    ? 
_struct_ref_seq.db_align_end                  109 
_struct_ref_seq.pdbx_db_align_end_ins_code    ? 
_struct_ref_seq.pdbx_auth_seq_align_beg       1 
_struct_ref_seq.pdbx_auth_seq_align_end       109 
# 
loop_
_struct_ref_seq_dif.align_id 
_struct_ref_seq_dif.pdbx_pdb_id_code 
_struct_ref_seq_dif.mon_id 
_struct_ref_seq_dif.pdbx_pdb_strand_id 
_struct_ref_seq_dif.seq_num 
_struct_ref_seq_dif.pdbx_pdb_ins_code 
_struct_ref_seq_dif.pdbx_seq_db_name 
_struct_ref_seq_dif.pdbx_seq_db_accession_code 
_struct_ref_seq_dif.db_mon_id 
_struct_ref_seq_dif.pdbx_seq_db_seq_num 
_struct_ref_seq_dif.details 
_struct_ref_seq_dif.pdbx_auth_seq_num 
_struct_ref_seq_dif.pdbx_ordinal 
1 1J8B GLY A 1   ? UNP P44711 ?   ?   'cloning artifact' -2  1  
1 1J8B SER A 2   ? UNP P44711 ?   ?   'cloning artifact' -1  2  
1 1J8B HIS A 3   ? UNP P44711 ?   ?   'cloning artifact' 0   3  
1 1J8B MSE A 4   ? UNP P44711 MET 1   'modified residue' 1   4  
1 1J8B MSE A 14  ? UNP P44711 MET 11  'modified residue' 11  5  
1 1J8B MSE A 20  ? UNP P44711 MET 17  'modified residue' 17  6  
1 1J8B MSE A 24  ? UNP P44711 MET 21  'modified residue' 21  7  
1 1J8B MSE A 27  ? UNP P44711 MET 24  'modified residue' 24  8  
1 1J8B MSE A 65  ? UNP P44711 MET 62  'modified residue' 62  9  
1 1J8B MSE A 71  ? UNP P44711 MET 68  'modified residue' 68  10 
1 1J8B MSE A 95  ? UNP P44711 MET 92  'modified residue' 92  11 
1 1J8B MSE A 102 ? UNP P44711 MET 99  'modified residue' 99  12 
1 1J8B MSE A 108 ? UNP P44711 MET 105 'modified residue' 105 13 
# 
_pdbx_struct_assembly.id                   1 
_pdbx_struct_assembly.details              author_defined_assembly 
_pdbx_struct_assembly.method_details       ? 
_pdbx_struct_assembly.oligomeric_details   dimeric 
_pdbx_struct_assembly.oligomeric_count     2 
# 
_pdbx_struct_assembly_gen.assembly_id       1 
_pdbx_struct_assembly_gen.oper_expression   1,2 
_pdbx_struct_assembly_gen.asym_id_list      A,B 
# 
loop_
_pdbx_struct_oper_list.id 
_pdbx_struct_oper_list.type 
_pdbx_struct_oper_list.name 
_pdbx_struct_oper_list.symmetry_operation 
_pdbx_struct_oper_list.matrix[1][1] 
_pdbx_struct_oper_list.matrix[1][2] 
_pdbx_struct_oper_list.matrix[1][3] 
_pdbx_struct_oper_list.vector[1] 
_pdbx_struct_oper_list.matrix[2][1] 
_pdbx_struct_oper_list.matrix[2][2] 
_pdbx_struct_oper_list.matrix[2][3] 
_pdbx_struct_oper_list.vector[2] 
_pdbx_struct_oper_list.matrix[3][1] 
_pdbx_struct_oper_list.matrix[3][2] 
_pdbx_struct_oper_list.matrix[3][3] 
_pdbx_struct_oper_list.vector[3] 
1 'identity operation'         1_555 x,y,z         1.0000000000  0.0000000000 0.0000000000  0.0000000000 0.0000000000 1.0000000000 0.0000000000  0.0000000000  0.0000000000  0.0000000000  1.0000000000  0.0000000000  
2 'crystal symmetry operation' 3_656 -x+1,y,-z+3/2 -0.9998118050 0.0141656369 -0.0132547846 9.7857379195 0.0141656369 0.0662624847 -0.9977016678 -8.5174567824 -0.0132547846 -0.9977016678 -0.0664506797 -8.9638252701 
# 
_struct_biol.id                    1 
_struct_biol.details               'To obtain a dimer, apply -X,Y,1/2-Z symmetry operator and 1,0,1 translation vector' 
_struct_biol.pdbx_parent_biol_id   ? 
# 
loop_
_struct_conf.conf_type_id 
_struct_conf.id 
_struct_conf.pdbx_PDB_helix_id 
_struct_conf.beg_label_comp_id 
_struct_conf.beg_label_asym_id 
_struct_conf.beg_label_seq_id 
_struct_conf.pdbx_beg_PDB_ins_code 
_struct_conf.end_label_comp_id 
_struct_conf.end_label_asym_id 
_struct_conf.end_label_seq_id 
_struct_conf.pdbx_end_PDB_ins_code 
_struct_conf.beg_auth_comp_id 
_struct_conf.beg_auth_asym_id 
_struct_conf.beg_auth_seq_id 
_struct_conf.end_auth_comp_id 
_struct_conf.end_auth_asym_id 
_struct_conf.end_auth_seq_id 
_struct_conf.pdbx_PDB_helix_class 
_struct_conf.details 
_struct_conf.pdbx_PDB_helix_length 
HELX_P HELX_P1 1 GLY A 12 ? ALA A 32 ? GLY A 9  ALA A 29 1 ? 21 
HELX_P HELX_P2 2 PRO A 62 ? ASP A 67 ? PRO A 59 ASP A 64 5 ? 6  
HELX_P HELX_P3 3 ASP A 68 ? THR A 99 ? ASP A 65 THR A 96 1 ? 32 
# 
_struct_conf_type.id          HELX_P 
_struct_conf_type.criteria    ? 
_struct_conf_type.reference   ? 
# 
loop_
_struct_conn.id 
_struct_conn.conn_type_id 
_struct_conn.pdbx_leaving_atom_flag 
_struct_conn.pdbx_PDB_id 
_struct_conn.ptnr1_label_asym_id 
_struct_conn.ptnr1_label_comp_id 
_struct_conn.ptnr1_label_seq_id 
_struct_conn.ptnr1_label_atom_id 
_struct_conn.pdbx_ptnr1_label_alt_id 
_struct_conn.pdbx_ptnr1_PDB_ins_code 
_struct_conn.pdbx_ptnr1_standard_comp_id 
_struct_conn.ptnr1_symmetry 
_struct_conn.ptnr2_label_asym_id 
_struct_conn.ptnr2_label_comp_id 
_struct_conn.ptnr2_label_seq_id 
_struct_conn.ptnr2_label_atom_id 
_struct_conn.pdbx_ptnr2_label_alt_id 
_struct_conn.pdbx_ptnr2_PDB_ins_code 
_struct_conn.ptnr1_auth_asym_id 
_struct_conn.ptnr1_auth_comp_id 
_struct_conn.ptnr1_auth_seq_id 
_struct_conn.ptnr2_auth_asym_id 
_struct_conn.ptnr2_auth_comp_id 
_struct_conn.ptnr2_auth_seq_id 
_struct_conn.ptnr2_symmetry 
_struct_conn.pdbx_ptnr3_label_atom_id 
_struct_conn.pdbx_ptnr3_label_seq_id 
_struct_conn.pdbx_ptnr3_label_comp_id 
_struct_conn.pdbx_ptnr3_label_asym_id 
_struct_conn.pdbx_ptnr3_label_alt_id 
_struct_conn.pdbx_ptnr3_PDB_ins_code 
_struct_conn.details 
_struct_conn.pdbx_dist_value 
_struct_conn.pdbx_value_order 
_struct_conn.pdbx_role 
covale1  covale both ? A LEU 13 C ? ? ? 1_555 A MSE 14 N ? ? A LEU 10 A MSE 11 1_555 ? ? ? ? ? ? ? 1.335 ? ? 
covale2  covale both ? A MSE 14 C ? ? ? 1_555 A LYS 15 N ? ? A MSE 11 A LYS 12 1_555 ? ? ? ? ? ? ? 1.338 ? ? 
covale3  covale both ? A GLN 19 C ? ? ? 1_555 A MSE 20 N A ? A GLN 16 A MSE 17 1_555 ? ? ? ? ? ? ? 1.330 ? ? 
covale4  covale both ? A GLN 19 C ? ? ? 1_555 A MSE 20 N B ? A GLN 16 A MSE 17 1_555 ? ? ? ? ? ? ? 1.329 ? ? 
covale5  covale both ? A MSE 20 C A ? ? 1_555 A GLN 21 N ? ? A MSE 17 A GLN 18 1_555 ? ? ? ? ? ? ? 1.325 ? ? 
covale6  covale both ? A MSE 20 C B ? ? 1_555 A GLN 21 N ? ? A MSE 17 A GLN 18 1_555 ? ? ? ? ? ? ? 1.326 ? ? 
covale7  covale both ? A LYS 23 C ? ? ? 1_555 A MSE 24 N ? ? A LYS 20 A MSE 21 1_555 ? ? ? ? ? ? ? 1.327 ? ? 
covale8  covale both ? A MSE 24 C ? ? ? 1_555 A GLN 25 N ? ? A MSE 21 A GLN 22 1_555 ? ? ? ? ? ? ? 1.332 ? ? 
covale9  covale both ? A LYS 26 C ? ? ? 1_555 A MSE 27 N ? ? A LYS 23 A MSE 24 1_555 ? ? ? ? ? ? ? 1.341 ? ? 
covale10 covale both ? A MSE 27 C ? ? ? 1_555 A GLN 28 N ? ? A MSE 24 A GLN 25 1_555 ? ? ? ? ? ? ? 1.333 ? ? 
covale11 covale both ? A LEU 64 C ? ? ? 1_555 A MSE 65 N ? ? A LEU 61 A MSE 62 1_555 ? ? ? ? ? ? ? 1.342 ? ? 
covale12 covale both ? A MSE 65 C ? ? ? 1_555 A GLU 66 N ? ? A MSE 62 A GLU 63 1_555 ? ? ? ? ? ? ? 1.337 ? ? 
covale13 covale both ? A GLU 70 C ? ? ? 1_555 A MSE 71 N ? ? A GLU 67 A MSE 68 1_555 ? ? ? ? ? ? ? 1.336 ? ? 
covale14 covale both ? A MSE 71 C ? ? ? 1_555 A LEU 72 N ? ? A MSE 68 A LEU 69 1_555 ? ? ? ? ? ? ? 1.333 ? ? 
covale15 covale both ? A LYS 94 C ? ? ? 1_555 A MSE 95 N ? ? A LYS 91 A MSE 92 1_555 ? ? ? ? ? ? ? 1.335 ? ? 
covale16 covale both ? A MSE 95 C ? ? ? 1_555 A ALA 96 N ? ? A MSE 92 A ALA 93 1_555 ? ? ? ? ? ? ? 1.338 ? ? 
# 
_struct_conn_type.id          covale 
_struct_conn_type.criteria    ? 
_struct_conn_type.reference   ? 
# 
loop_
_pdbx_modification_feature.ordinal 
_pdbx_modification_feature.label_comp_id 
_pdbx_modification_feature.label_asym_id 
_pdbx_modification_feature.label_seq_id 
_pdbx_modification_feature.label_alt_id 
_pdbx_modification_feature.modified_residue_label_comp_id 
_pdbx_modification_feature.modified_residue_label_asym_id 
_pdbx_modification_feature.modified_residue_label_seq_id 
_pdbx_modification_feature.modified_residue_label_alt_id 
_pdbx_modification_feature.auth_comp_id 
_pdbx_modification_feature.auth_asym_id 
_pdbx_modification_feature.auth_seq_id 
_pdbx_modification_feature.PDB_ins_code 
_pdbx_modification_feature.symmetry 
_pdbx_modification_feature.modified_residue_auth_comp_id 
_pdbx_modification_feature.modified_residue_auth_asym_id 
_pdbx_modification_feature.modified_residue_auth_seq_id 
_pdbx_modification_feature.modified_residue_PDB_ins_code 
_pdbx_modification_feature.modified_residue_symmetry 
_pdbx_modification_feature.comp_id_linking_atom 
_pdbx_modification_feature.modified_residue_id_linking_atom 
_pdbx_modification_feature.modified_residue_id 
_pdbx_modification_feature.ref_pcm_id 
_pdbx_modification_feature.ref_comp_id 
_pdbx_modification_feature.type 
_pdbx_modification_feature.category 
1 MSE A 14 ? . . . . MSE A 11 ? 1_555 . . . . . . . MET 1 MSE Selenomethionine 'Named protein modification' 
2 MSE A 20 A . . . . MSE A 17 ? 1_555 . . . . . . . MET 1 MSE Selenomethionine 'Named protein modification' 
3 MSE A 20 B . . . . MSE A 17 ? 1_555 . . . . . . . MET 1 MSE Selenomethionine 'Named protein modification' 
4 MSE A 24 ? . . . . MSE A 21 ? 1_555 . . . . . . . MET 1 MSE Selenomethionine 'Named protein modification' 
5 MSE A 27 ? . . . . MSE A 24 ? 1_555 . . . . . . . MET 1 MSE Selenomethionine 'Named protein modification' 
6 MSE A 65 ? . . . . MSE A 62 ? 1_555 . . . . . . . MET 1 MSE Selenomethionine 'Named protein modification' 
7 MSE A 71 ? . . . . MSE A 68 ? 1_555 . . . . . . . MET 1 MSE Selenomethionine 'Named protein modification' 
8 MSE A 95 ? . . . . MSE A 92 ? 1_555 . . . . . . . MET 1 MSE Selenomethionine 'Named protein modification' 
# 
_struct_sheet.id               A 
_struct_sheet.type             ? 
_struct_sheet.number_strands   3 
_struct_sheet.details          ? 
# 
loop_
_struct_sheet_order.sheet_id 
_struct_sheet_order.range_id_1 
_struct_sheet_order.range_id_2 
_struct_sheet_order.offset 
_struct_sheet_order.sense 
A 1 2 ? anti-parallel 
A 2 3 ? anti-parallel 
# 
loop_
_struct_sheet_range.sheet_id 
_struct_sheet_range.id 
_struct_sheet_range.beg_label_comp_id 
_struct_sheet_range.beg_label_asym_id 
_struct_sheet_range.beg_label_seq_id 
_struct_sheet_range.pdbx_beg_PDB_ins_code 
_struct_sheet_range.end_label_comp_id 
_struct_sheet_range.end_label_asym_id 
_struct_sheet_range.end_label_seq_id 
_struct_sheet_range.pdbx_end_PDB_ins_code 
_struct_sheet_range.beg_auth_comp_id 
_struct_sheet_range.beg_auth_asym_id 
_struct_sheet_range.beg_auth_seq_id 
_struct_sheet_range.end_auth_comp_id 
_struct_sheet_range.end_auth_asym_id 
_struct_sheet_range.end_auth_seq_id 
A 1 GLU A 35 ? SER A 40 ? GLU A 32 SER A 37 
A 2 VAL A 45 ? ASN A 50 ? VAL A 42 ASN A 47 
A 3 CYS A 55 ? ILE A 60 ? CYS A 52 ILE A 57 
# 
loop_
_pdbx_struct_sheet_hbond.sheet_id 
_pdbx_struct_sheet_hbond.range_id_1 
_pdbx_struct_sheet_hbond.range_id_2 
_pdbx_struct_sheet_hbond.range_1_label_atom_id 
_pdbx_struct_sheet_hbond.range_1_label_comp_id 
_pdbx_struct_sheet_hbond.range_1_label_asym_id 
_pdbx_struct_sheet_hbond.range_1_label_seq_id 
_pdbx_struct_sheet_hbond.range_1_PDB_ins_code 
_pdbx_struct_sheet_hbond.range_1_auth_atom_id 
_pdbx_struct_sheet_hbond.range_1_auth_comp_id 
_pdbx_struct_sheet_hbond.range_1_auth_asym_id 
_pdbx_struct_sheet_hbond.range_1_auth_seq_id 
_pdbx_struct_sheet_hbond.range_2_label_atom_id 
_pdbx_struct_sheet_hbond.range_2_label_comp_id 
_pdbx_struct_sheet_hbond.range_2_label_asym_id 
_pdbx_struct_sheet_hbond.range_2_label_seq_id 
_pdbx_struct_sheet_hbond.range_2_PDB_ins_code 
_pdbx_struct_sheet_hbond.range_2_auth_atom_id 
_pdbx_struct_sheet_hbond.range_2_auth_comp_id 
_pdbx_struct_sheet_hbond.range_2_auth_asym_id 
_pdbx_struct_sheet_hbond.range_2_auth_seq_id 
A 1 2 N SER A 40 ? N SER A 37 O VAL A 45 ? O VAL A 42 
A 2 3 O THR A 48 ? O THR A 45 N ARG A 56 ? N ARG A 53 
# 
_pdbx_entry_details.entry_id                   1J8B 
_pdbx_entry_details.compound_details           ? 
_pdbx_entry_details.source_details             ? 
_pdbx_entry_details.nonpolymer_details         ? 
_pdbx_entry_details.sequence_details           ? 
_pdbx_entry_details.has_ligand_of_interest     ? 
_pdbx_entry_details.has_protein_modification   Y 
# 
loop_
_pdbx_validate_close_contact.id 
_pdbx_validate_close_contact.PDB_model_num 
_pdbx_validate_close_contact.auth_atom_id_1 
_pdbx_validate_close_contact.auth_asym_id_1 
_pdbx_validate_close_contact.auth_comp_id_1 
_pdbx_validate_close_contact.auth_seq_id_1 
_pdbx_validate_close_contact.PDB_ins_code_1 
_pdbx_validate_close_contact.label_alt_id_1 
_pdbx_validate_close_contact.auth_atom_id_2 
_pdbx_validate_close_contact.auth_asym_id_2 
_pdbx_validate_close_contact.auth_comp_id_2 
_pdbx_validate_close_contact.auth_seq_id_2 
_pdbx_validate_close_contact.PDB_ins_code_2 
_pdbx_validate_close_contact.label_alt_id_2 
_pdbx_validate_close_contact.dist 
1 1 O   A HOH 227 ? ? O A HOH 293 ? ? 1.97 
2 1 O   A HOH 287 ? ? O A HOH 325 ? ? 2.17 
3 1 OE2 A GLU 90  ? ? O A HOH 292 ? ? 2.19 
4 1 O   A HOH 276 ? ? O A HOH 279 ? ? 2.19 
# 
loop_
_pdbx_validate_symm_contact.id 
_pdbx_validate_symm_contact.PDB_model_num 
_pdbx_validate_symm_contact.auth_atom_id_1 
_pdbx_validate_symm_contact.auth_asym_id_1 
_pdbx_validate_symm_contact.auth_comp_id_1 
_pdbx_validate_symm_contact.auth_seq_id_1 
_pdbx_validate_symm_contact.PDB_ins_code_1 
_pdbx_validate_symm_contact.label_alt_id_1 
_pdbx_validate_symm_contact.site_symmetry_1 
_pdbx_validate_symm_contact.auth_atom_id_2 
_pdbx_validate_symm_contact.auth_asym_id_2 
_pdbx_validate_symm_contact.auth_comp_id_2 
_pdbx_validate_symm_contact.auth_seq_id_2 
_pdbx_validate_symm_contact.PDB_ins_code_2 
_pdbx_validate_symm_contact.label_alt_id_2 
_pdbx_validate_symm_contact.site_symmetry_2 
_pdbx_validate_symm_contact.dist 
1 1 O A HOH 212 ? ? 1_555 O A HOH 212 ? ? 3_655 1.76 
2 1 O A HOH 302 ? ? 1_555 O A HOH 329 ? ? 8_556 2.15 
# 
loop_
_pdbx_validate_torsion.id 
_pdbx_validate_torsion.PDB_model_num 
_pdbx_validate_torsion.auth_comp_id 
_pdbx_validate_torsion.auth_asym_id 
_pdbx_validate_torsion.auth_seq_id 
_pdbx_validate_torsion.PDB_ins_code 
_pdbx_validate_torsion.label_alt_id 
_pdbx_validate_torsion.phi 
_pdbx_validate_torsion.psi 
1 1 HIS A 50 ? ? 70.16   30.25   
2 1 ASP A 64 ? ? -119.00 -163.88 
3 1 ALA A 97 ? ? -45.10  68.72   
# 
_pdbx_SG_project.id                    1 
_pdbx_SG_project.project_name          ? 
_pdbx_SG_project.full_name_of_center   'Structure 2 Function Project' 
_pdbx_SG_project.initial_of_center     S2F 
# 
loop_
_pdbx_struct_mod_residue.id 
_pdbx_struct_mod_residue.label_asym_id 
_pdbx_struct_mod_residue.label_comp_id 
_pdbx_struct_mod_residue.label_seq_id 
_pdbx_struct_mod_residue.auth_asym_id 
_pdbx_struct_mod_residue.auth_comp_id 
_pdbx_struct_mod_residue.auth_seq_id 
_pdbx_struct_mod_residue.PDB_ins_code 
_pdbx_struct_mod_residue.parent_comp_id 
_pdbx_struct_mod_residue.details 
1 A MSE 14 A MSE 11 ? MET SELENOMETHIONINE 
2 A MSE 20 A MSE 17 ? MET SELENOMETHIONINE 
3 A MSE 24 A MSE 21 ? MET SELENOMETHIONINE 
4 A MSE 27 A MSE 24 ? MET SELENOMETHIONINE 
5 A MSE 65 A MSE 62 ? MET SELENOMETHIONINE 
6 A MSE 71 A MSE 68 ? MET SELENOMETHIONINE 
7 A MSE 95 A MSE 92 ? MET SELENOMETHIONINE 
# 
loop_
_pdbx_struct_special_symmetry.id 
_pdbx_struct_special_symmetry.PDB_model_num 
_pdbx_struct_special_symmetry.auth_asym_id 
_pdbx_struct_special_symmetry.auth_comp_id 
_pdbx_struct_special_symmetry.auth_seq_id 
_pdbx_struct_special_symmetry.PDB_ins_code 
_pdbx_struct_special_symmetry.label_asym_id 
_pdbx_struct_special_symmetry.label_comp_id 
_pdbx_struct_special_symmetry.label_seq_id 
1 1 A HOH 324 ? B HOH . 
2 1 A HOH 336 ? B HOH . 
# 
loop_
_pdbx_unobs_or_zero_occ_residues.id 
_pdbx_unobs_or_zero_occ_residues.PDB_model_num 
_pdbx_unobs_or_zero_occ_residues.polymer_flag 
_pdbx_unobs_or_zero_occ_residues.occupancy_flag 
_pdbx_unobs_or_zero_occ_residues.auth_asym_id 
_pdbx_unobs_or_zero_occ_residues.auth_comp_id 
_pdbx_unobs_or_zero_occ_residues.auth_seq_id 
_pdbx_unobs_or_zero_occ_residues.PDB_ins_code 
_pdbx_unobs_or_zero_occ_residues.label_asym_id 
_pdbx_unobs_or_zero_occ_residues.label_comp_id 
_pdbx_unobs_or_zero_occ_residues.label_seq_id 
1  1 Y 1 A GLY -2  ? A GLY 1   
2  1 Y 1 A SER -1  ? A SER 2   
3  1 Y 1 A HIS 0   ? A HIS 3   
4  1 Y 1 A MSE 1   ? A MSE 4   
5  1 Y 1 A PHE 2   ? A PHE 5   
6  1 Y 1 A GLY 3   ? A GLY 6   
7  1 Y 1 A LYS 4   ? A LYS 7   
8  1 Y 1 A GLY 5   ? A GLY 8   
9  1 Y 1 A GLY 6   ? A GLY 9   
10 1 Y 1 A MSE 99  ? A MSE 102 
11 1 Y 1 A PRO 100 ? A PRO 103 
12 1 Y 1 A LEU 101 ? A LEU 104 
13 1 Y 1 A PRO 102 ? A PRO 105 
14 1 Y 1 A PRO 103 ? A PRO 106 
15 1 Y 1 A GLY 104 ? A GLY 107 
16 1 Y 1 A MSE 105 ? A MSE 108 
17 1 Y 1 A LYS 106 ? A LYS 109 
18 1 Y 1 A PHE 107 ? A PHE 110 
19 1 Y 1 A PRO 108 ? A PRO 111 
20 1 Y 1 A PHE 109 ? A PHE 112 
# 
loop_
_chem_comp_atom.comp_id 
_chem_comp_atom.atom_id 
_chem_comp_atom.type_symbol 
_chem_comp_atom.pdbx_aromatic_flag 
_chem_comp_atom.pdbx_stereo_config 
_chem_comp_atom.pdbx_ordinal 
ALA N    N  N N 1   
ALA CA   C  N S 2   
ALA C    C  N N 3   
ALA O    O  N N 4   
ALA CB   C  N N 5   
ALA OXT  O  N N 6   
ALA H    H  N N 7   
ALA H2   H  N N 8   
ALA HA   H  N N 9   
ALA HB1  H  N N 10  
ALA HB2  H  N N 11  
ALA HB3  H  N N 12  
ALA HXT  H  N N 13  
ARG N    N  N N 14  
ARG CA   C  N S 15  
ARG C    C  N N 16  
ARG O    O  N N 17  
ARG CB   C  N N 18  
ARG CG   C  N N 19  
ARG CD   C  N N 20  
ARG NE   N  N N 21  
ARG CZ   C  N N 22  
ARG NH1  N  N N 23  
ARG NH2  N  N N 24  
ARG OXT  O  N N 25  
ARG H    H  N N 26  
ARG H2   H  N N 27  
ARG HA   H  N N 28  
ARG HB2  H  N N 29  
ARG HB3  H  N N 30  
ARG HG2  H  N N 31  
ARG HG3  H  N N 32  
ARG HD2  H  N N 33  
ARG HD3  H  N N 34  
ARG HE   H  N N 35  
ARG HH11 H  N N 36  
ARG HH12 H  N N 37  
ARG HH21 H  N N 38  
ARG HH22 H  N N 39  
ARG HXT  H  N N 40  
ASN N    N  N N 41  
ASN CA   C  N S 42  
ASN C    C  N N 43  
ASN O    O  N N 44  
ASN CB   C  N N 45  
ASN CG   C  N N 46  
ASN OD1  O  N N 47  
ASN ND2  N  N N 48  
ASN OXT  O  N N 49  
ASN H    H  N N 50  
ASN H2   H  N N 51  
ASN HA   H  N N 52  
ASN HB2  H  N N 53  
ASN HB3  H  N N 54  
ASN HD21 H  N N 55  
ASN HD22 H  N N 56  
ASN HXT  H  N N 57  
ASP N    N  N N 58  
ASP CA   C  N S 59  
ASP C    C  N N 60  
ASP O    O  N N 61  
ASP CB   C  N N 62  
ASP CG   C  N N 63  
ASP OD1  O  N N 64  
ASP OD2  O  N N 65  
ASP OXT  O  N N 66  
ASP H    H  N N 67  
ASP H2   H  N N 68  
ASP HA   H  N N 69  
ASP HB2  H  N N 70  
ASP HB3  H  N N 71  
ASP HD2  H  N N 72  
ASP HXT  H  N N 73  
CYS N    N  N N 74  
CYS CA   C  N R 75  
CYS C    C  N N 76  
CYS O    O  N N 77  
CYS CB   C  N N 78  
CYS SG   S  N N 79  
CYS OXT  O  N N 80  
CYS H    H  N N 81  
CYS H2   H  N N 82  
CYS HA   H  N N 83  
CYS HB2  H  N N 84  
CYS HB3  H  N N 85  
CYS HG   H  N N 86  
CYS HXT  H  N N 87  
GLN N    N  N N 88  
GLN CA   C  N S 89  
GLN C    C  N N 90  
GLN O    O  N N 91  
GLN CB   C  N N 92  
GLN CG   C  N N 93  
GLN CD   C  N N 94  
GLN OE1  O  N N 95  
GLN NE2  N  N N 96  
GLN OXT  O  N N 97  
GLN H    H  N N 98  
GLN H2   H  N N 99  
GLN HA   H  N N 100 
GLN HB2  H  N N 101 
GLN HB3  H  N N 102 
GLN HG2  H  N N 103 
GLN HG3  H  N N 104 
GLN HE21 H  N N 105 
GLN HE22 H  N N 106 
GLN HXT  H  N N 107 
GLU N    N  N N 108 
GLU CA   C  N S 109 
GLU C    C  N N 110 
GLU O    O  N N 111 
GLU CB   C  N N 112 
GLU CG   C  N N 113 
GLU CD   C  N N 114 
GLU OE1  O  N N 115 
GLU OE2  O  N N 116 
GLU OXT  O  N N 117 
GLU H    H  N N 118 
GLU H2   H  N N 119 
GLU HA   H  N N 120 
GLU HB2  H  N N 121 
GLU HB3  H  N N 122 
GLU HG2  H  N N 123 
GLU HG3  H  N N 124 
GLU HE2  H  N N 125 
GLU HXT  H  N N 126 
GLY N    N  N N 127 
GLY CA   C  N N 128 
GLY C    C  N N 129 
GLY O    O  N N 130 
GLY OXT  O  N N 131 
GLY H    H  N N 132 
GLY H2   H  N N 133 
GLY HA2  H  N N 134 
GLY HA3  H  N N 135 
GLY HXT  H  N N 136 
HIS N    N  N N 137 
HIS CA   C  N S 138 
HIS C    C  N N 139 
HIS O    O  N N 140 
HIS CB   C  N N 141 
HIS CG   C  Y N 142 
HIS ND1  N  Y N 143 
HIS CD2  C  Y N 144 
HIS CE1  C  Y N 145 
HIS NE2  N  Y N 146 
HIS OXT  O  N N 147 
HIS H    H  N N 148 
HIS H2   H  N N 149 
HIS HA   H  N N 150 
HIS HB2  H  N N 151 
HIS HB3  H  N N 152 
HIS HD1  H  N N 153 
HIS HD2  H  N N 154 
HIS HE1  H  N N 155 
HIS HE2  H  N N 156 
HIS HXT  H  N N 157 
HOH O    O  N N 158 
HOH H1   H  N N 159 
HOH H2   H  N N 160 
ILE N    N  N N 161 
ILE CA   C  N S 162 
ILE C    C  N N 163 
ILE O    O  N N 164 
ILE CB   C  N S 165 
ILE CG1  C  N N 166 
ILE CG2  C  N N 167 
ILE CD1  C  N N 168 
ILE OXT  O  N N 169 
ILE H    H  N N 170 
ILE H2   H  N N 171 
ILE HA   H  N N 172 
ILE HB   H  N N 173 
ILE HG12 H  N N 174 
ILE HG13 H  N N 175 
ILE HG21 H  N N 176 
ILE HG22 H  N N 177 
ILE HG23 H  N N 178 
ILE HD11 H  N N 179 
ILE HD12 H  N N 180 
ILE HD13 H  N N 181 
ILE HXT  H  N N 182 
LEU N    N  N N 183 
LEU CA   C  N S 184 
LEU C    C  N N 185 
LEU O    O  N N 186 
LEU CB   C  N N 187 
LEU CG   C  N N 188 
LEU CD1  C  N N 189 
LEU CD2  C  N N 190 
LEU OXT  O  N N 191 
LEU H    H  N N 192 
LEU H2   H  N N 193 
LEU HA   H  N N 194 
LEU HB2  H  N N 195 
LEU HB3  H  N N 196 
LEU HG   H  N N 197 
LEU HD11 H  N N 198 
LEU HD12 H  N N 199 
LEU HD13 H  N N 200 
LEU HD21 H  N N 201 
LEU HD22 H  N N 202 
LEU HD23 H  N N 203 
LEU HXT  H  N N 204 
LYS N    N  N N 205 
LYS CA   C  N S 206 
LYS C    C  N N 207 
LYS O    O  N N 208 
LYS CB   C  N N 209 
LYS CG   C  N N 210 
LYS CD   C  N N 211 
LYS CE   C  N N 212 
LYS NZ   N  N N 213 
LYS OXT  O  N N 214 
LYS H    H  N N 215 
LYS H2   H  N N 216 
LYS HA   H  N N 217 
LYS HB2  H  N N 218 
LYS HB3  H  N N 219 
LYS HG2  H  N N 220 
LYS HG3  H  N N 221 
LYS HD2  H  N N 222 
LYS HD3  H  N N 223 
LYS HE2  H  N N 224 
LYS HE3  H  N N 225 
LYS HZ1  H  N N 226 
LYS HZ2  H  N N 227 
LYS HZ3  H  N N 228 
LYS HXT  H  N N 229 
MET N    N  N N 230 
MET CA   C  N S 231 
MET C    C  N N 232 
MET O    O  N N 233 
MET CB   C  N N 234 
MET CG   C  N N 235 
MET SD   S  N N 236 
MET CE   C  N N 237 
MET OXT  O  N N 238 
MET H    H  N N 239 
MET H2   H  N N 240 
MET HA   H  N N 241 
MET HB2  H  N N 242 
MET HB3  H  N N 243 
MET HG2  H  N N 244 
MET HG3  H  N N 245 
MET HE1  H  N N 246 
MET HE2  H  N N 247 
MET HE3  H  N N 248 
MET HXT  H  N N 249 
MSE N    N  N N 250 
MSE CA   C  N S 251 
MSE C    C  N N 252 
MSE O    O  N N 253 
MSE OXT  O  N N 254 
MSE CB   C  N N 255 
MSE CG   C  N N 256 
MSE SE   SE N N 257 
MSE CE   C  N N 258 
MSE H    H  N N 259 
MSE H2   H  N N 260 
MSE HA   H  N N 261 
MSE HXT  H  N N 262 
MSE HB2  H  N N 263 
MSE HB3  H  N N 264 
MSE HG2  H  N N 265 
MSE HG3  H  N N 266 
MSE HE1  H  N N 267 
MSE HE2  H  N N 268 
MSE HE3  H  N N 269 
PHE N    N  N N 270 
PHE CA   C  N S 271 
PHE C    C  N N 272 
PHE O    O  N N 273 
PHE CB   C  N N 274 
PHE CG   C  Y N 275 
PHE CD1  C  Y N 276 
PHE CD2  C  Y N 277 
PHE CE1  C  Y N 278 
PHE CE2  C  Y N 279 
PHE CZ   C  Y N 280 
PHE OXT  O  N N 281 
PHE H    H  N N 282 
PHE H2   H  N N 283 
PHE HA   H  N N 284 
PHE HB2  H  N N 285 
PHE HB3  H  N N 286 
PHE HD1  H  N N 287 
PHE HD2  H  N N 288 
PHE HE1  H  N N 289 
PHE HE2  H  N N 290 
PHE HZ   H  N N 291 
PHE HXT  H  N N 292 
PRO N    N  N N 293 
PRO CA   C  N S 294 
PRO C    C  N N 295 
PRO O    O  N N 296 
PRO CB   C  N N 297 
PRO CG   C  N N 298 
PRO CD   C  N N 299 
PRO OXT  O  N N 300 
PRO H    H  N N 301 
PRO HA   H  N N 302 
PRO HB2  H  N N 303 
PRO HB3  H  N N 304 
PRO HG2  H  N N 305 
PRO HG3  H  N N 306 
PRO HD2  H  N N 307 
PRO HD3  H  N N 308 
PRO HXT  H  N N 309 
SER N    N  N N 310 
SER CA   C  N S 311 
SER C    C  N N 312 
SER O    O  N N 313 
SER CB   C  N N 314 
SER OG   O  N N 315 
SER OXT  O  N N 316 
SER H    H  N N 317 
SER H2   H  N N 318 
SER HA   H  N N 319 
SER HB2  H  N N 320 
SER HB3  H  N N 321 
SER HG   H  N N 322 
SER HXT  H  N N 323 
THR N    N  N N 324 
THR CA   C  N S 325 
THR C    C  N N 326 
THR O    O  N N 327 
THR CB   C  N R 328 
THR OG1  O  N N 329 
THR CG2  C  N N 330 
THR OXT  O  N N 331 
THR H    H  N N 332 
THR H2   H  N N 333 
THR HA   H  N N 334 
THR HB   H  N N 335 
THR HG1  H  N N 336 
THR HG21 H  N N 337 
THR HG22 H  N N 338 
THR HG23 H  N N 339 
THR HXT  H  N N 340 
VAL N    N  N N 341 
VAL CA   C  N S 342 
VAL C    C  N N 343 
VAL O    O  N N 344 
VAL CB   C  N N 345 
VAL CG1  C  N N 346 
VAL CG2  C  N N 347 
VAL OXT  O  N N 348 
VAL H    H  N N 349 
VAL H2   H  N N 350 
VAL HA   H  N N 351 
VAL HB   H  N N 352 
VAL HG11 H  N N 353 
VAL HG12 H  N N 354 
VAL HG13 H  N N 355 
VAL HG21 H  N N 356 
VAL HG22 H  N N 357 
VAL HG23 H  N N 358 
VAL HXT  H  N N 359 
# 
loop_
_chem_comp_bond.comp_id 
_chem_comp_bond.atom_id_1 
_chem_comp_bond.atom_id_2 
_chem_comp_bond.value_order 
_chem_comp_bond.pdbx_aromatic_flag 
_chem_comp_bond.pdbx_stereo_config 
_chem_comp_bond.pdbx_ordinal 
ALA N   CA   sing N N 1   
ALA N   H    sing N N 2   
ALA N   H2   sing N N 3   
ALA CA  C    sing N N 4   
ALA CA  CB   sing N N 5   
ALA CA  HA   sing N N 6   
ALA C   O    doub N N 7   
ALA C   OXT  sing N N 8   
ALA CB  HB1  sing N N 9   
ALA CB  HB2  sing N N 10  
ALA CB  HB3  sing N N 11  
ALA OXT HXT  sing N N 12  
ARG N   CA   sing N N 13  
ARG N   H    sing N N 14  
ARG N   H2   sing N N 15  
ARG CA  C    sing N N 16  
ARG CA  CB   sing N N 17  
ARG CA  HA   sing N N 18  
ARG C   O    doub N N 19  
ARG C   OXT  sing N N 20  
ARG CB  CG   sing N N 21  
ARG CB  HB2  sing N N 22  
ARG CB  HB3  sing N N 23  
ARG CG  CD   sing N N 24  
ARG CG  HG2  sing N N 25  
ARG CG  HG3  sing N N 26  
ARG CD  NE   sing N N 27  
ARG CD  HD2  sing N N 28  
ARG CD  HD3  sing N N 29  
ARG NE  CZ   sing N N 30  
ARG NE  HE   sing N N 31  
ARG CZ  NH1  sing N N 32  
ARG CZ  NH2  doub N N 33  
ARG NH1 HH11 sing N N 34  
ARG NH1 HH12 sing N N 35  
ARG NH2 HH21 sing N N 36  
ARG NH2 HH22 sing N N 37  
ARG OXT HXT  sing N N 38  
ASN N   CA   sing N N 39  
ASN N   H    sing N N 40  
ASN N   H2   sing N N 41  
ASN CA  C    sing N N 42  
ASN CA  CB   sing N N 43  
ASN CA  HA   sing N N 44  
ASN C   O    doub N N 45  
ASN C   OXT  sing N N 46  
ASN CB  CG   sing N N 47  
ASN CB  HB2  sing N N 48  
ASN CB  HB3  sing N N 49  
ASN CG  OD1  doub N N 50  
ASN CG  ND2  sing N N 51  
ASN ND2 HD21 sing N N 52  
ASN ND2 HD22 sing N N 53  
ASN OXT HXT  sing N N 54  
ASP N   CA   sing N N 55  
ASP N   H    sing N N 56  
ASP N   H2   sing N N 57  
ASP CA  C    sing N N 58  
ASP CA  CB   sing N N 59  
ASP CA  HA   sing N N 60  
ASP C   O    doub N N 61  
ASP C   OXT  sing N N 62  
ASP CB  CG   sing N N 63  
ASP CB  HB2  sing N N 64  
ASP CB  HB3  sing N N 65  
ASP CG  OD1  doub N N 66  
ASP CG  OD2  sing N N 67  
ASP OD2 HD2  sing N N 68  
ASP OXT HXT  sing N N 69  
CYS N   CA   sing N N 70  
CYS N   H    sing N N 71  
CYS N   H2   sing N N 72  
CYS CA  C    sing N N 73  
CYS CA  CB   sing N N 74  
CYS CA  HA   sing N N 75  
CYS C   O    doub N N 76  
CYS C   OXT  sing N N 77  
CYS CB  SG   sing N N 78  
CYS CB  HB2  sing N N 79  
CYS CB  HB3  sing N N 80  
CYS SG  HG   sing N N 81  
CYS OXT HXT  sing N N 82  
GLN N   CA   sing N N 83  
GLN N   H    sing N N 84  
GLN N   H2   sing N N 85  
GLN CA  C    sing N N 86  
GLN CA  CB   sing N N 87  
GLN CA  HA   sing N N 88  
GLN C   O    doub N N 89  
GLN C   OXT  sing N N 90  
GLN CB  CG   sing N N 91  
GLN CB  HB2  sing N N 92  
GLN CB  HB3  sing N N 93  
GLN CG  CD   sing N N 94  
GLN CG  HG2  sing N N 95  
GLN CG  HG3  sing N N 96  
GLN CD  OE1  doub N N 97  
GLN CD  NE2  sing N N 98  
GLN NE2 HE21 sing N N 99  
GLN NE2 HE22 sing N N 100 
GLN OXT HXT  sing N N 101 
GLU N   CA   sing N N 102 
GLU N   H    sing N N 103 
GLU N   H2   sing N N 104 
GLU CA  C    sing N N 105 
GLU CA  CB   sing N N 106 
GLU CA  HA   sing N N 107 
GLU C   O    doub N N 108 
GLU C   OXT  sing N N 109 
GLU CB  CG   sing N N 110 
GLU CB  HB2  sing N N 111 
GLU CB  HB3  sing N N 112 
GLU CG  CD   sing N N 113 
GLU CG  HG2  sing N N 114 
GLU CG  HG3  sing N N 115 
GLU CD  OE1  doub N N 116 
GLU CD  OE2  sing N N 117 
GLU OE2 HE2  sing N N 118 
GLU OXT HXT  sing N N 119 
GLY N   CA   sing N N 120 
GLY N   H    sing N N 121 
GLY N   H2   sing N N 122 
GLY CA  C    sing N N 123 
GLY CA  HA2  sing N N 124 
GLY CA  HA3  sing N N 125 
GLY C   O    doub N N 126 
GLY C   OXT  sing N N 127 
GLY OXT HXT  sing N N 128 
HIS N   CA   sing N N 129 
HIS N   H    sing N N 130 
HIS N   H2   sing N N 131 
HIS CA  C    sing N N 132 
HIS CA  CB   sing N N 133 
HIS CA  HA   sing N N 134 
HIS C   O    doub N N 135 
HIS C   OXT  sing N N 136 
HIS CB  CG   sing N N 137 
HIS CB  HB2  sing N N 138 
HIS CB  HB3  sing N N 139 
HIS CG  ND1  sing Y N 140 
HIS CG  CD2  doub Y N 141 
HIS ND1 CE1  doub Y N 142 
HIS ND1 HD1  sing N N 143 
HIS CD2 NE2  sing Y N 144 
HIS CD2 HD2  sing N N 145 
HIS CE1 NE2  sing Y N 146 
HIS CE1 HE1  sing N N 147 
HIS NE2 HE2  sing N N 148 
HIS OXT HXT  sing N N 149 
HOH O   H1   sing N N 150 
HOH O   H2   sing N N 151 
ILE N   CA   sing N N 152 
ILE N   H    sing N N 153 
ILE N   H2   sing N N 154 
ILE CA  C    sing N N 155 
ILE CA  CB   sing N N 156 
ILE CA  HA   sing N N 157 
ILE C   O    doub N N 158 
ILE C   OXT  sing N N 159 
ILE CB  CG1  sing N N 160 
ILE CB  CG2  sing N N 161 
ILE CB  HB   sing N N 162 
ILE CG1 CD1  sing N N 163 
ILE CG1 HG12 sing N N 164 
ILE CG1 HG13 sing N N 165 
ILE CG2 HG21 sing N N 166 
ILE CG2 HG22 sing N N 167 
ILE CG2 HG23 sing N N 168 
ILE CD1 HD11 sing N N 169 
ILE CD1 HD12 sing N N 170 
ILE CD1 HD13 sing N N 171 
ILE OXT HXT  sing N N 172 
LEU N   CA   sing N N 173 
LEU N   H    sing N N 174 
LEU N   H2   sing N N 175 
LEU CA  C    sing N N 176 
LEU CA  CB   sing N N 177 
LEU CA  HA   sing N N 178 
LEU C   O    doub N N 179 
LEU C   OXT  sing N N 180 
LEU CB  CG   sing N N 181 
LEU CB  HB2  sing N N 182 
LEU CB  HB3  sing N N 183 
LEU CG  CD1  sing N N 184 
LEU CG  CD2  sing N N 185 
LEU CG  HG   sing N N 186 
LEU CD1 HD11 sing N N 187 
LEU CD1 HD12 sing N N 188 
LEU CD1 HD13 sing N N 189 
LEU CD2 HD21 sing N N 190 
LEU CD2 HD22 sing N N 191 
LEU CD2 HD23 sing N N 192 
LEU OXT HXT  sing N N 193 
LYS N   CA   sing N N 194 
LYS N   H    sing N N 195 
LYS N   H2   sing N N 196 
LYS CA  C    sing N N 197 
LYS CA  CB   sing N N 198 
LYS CA  HA   sing N N 199 
LYS C   O    doub N N 200 
LYS C   OXT  sing N N 201 
LYS CB  CG   sing N N 202 
LYS CB  HB2  sing N N 203 
LYS CB  HB3  sing N N 204 
LYS CG  CD   sing N N 205 
LYS CG  HG2  sing N N 206 
LYS CG  HG3  sing N N 207 
LYS CD  CE   sing N N 208 
LYS CD  HD2  sing N N 209 
LYS CD  HD3  sing N N 210 
LYS CE  NZ   sing N N 211 
LYS CE  HE2  sing N N 212 
LYS CE  HE3  sing N N 213 
LYS NZ  HZ1  sing N N 214 
LYS NZ  HZ2  sing N N 215 
LYS NZ  HZ3  sing N N 216 
LYS OXT HXT  sing N N 217 
MET N   CA   sing N N 218 
MET N   H    sing N N 219 
MET N   H2   sing N N 220 
MET CA  C    sing N N 221 
MET CA  CB   sing N N 222 
MET CA  HA   sing N N 223 
MET C   O    doub N N 224 
MET C   OXT  sing N N 225 
MET CB  CG   sing N N 226 
MET CB  HB2  sing N N 227 
MET CB  HB3  sing N N 228 
MET CG  SD   sing N N 229 
MET CG  HG2  sing N N 230 
MET CG  HG3  sing N N 231 
MET SD  CE   sing N N 232 
MET CE  HE1  sing N N 233 
MET CE  HE2  sing N N 234 
MET CE  HE3  sing N N 235 
MET OXT HXT  sing N N 236 
MSE N   CA   sing N N 237 
MSE N   H    sing N N 238 
MSE N   H2   sing N N 239 
MSE CA  C    sing N N 240 
MSE CA  CB   sing N N 241 
MSE CA  HA   sing N N 242 
MSE C   O    doub N N 243 
MSE C   OXT  sing N N 244 
MSE OXT HXT  sing N N 245 
MSE CB  CG   sing N N 246 
MSE CB  HB2  sing N N 247 
MSE CB  HB3  sing N N 248 
MSE CG  SE   sing N N 249 
MSE CG  HG2  sing N N 250 
MSE CG  HG3  sing N N 251 
MSE SE  CE   sing N N 252 
MSE CE  HE1  sing N N 253 
MSE CE  HE2  sing N N 254 
MSE CE  HE3  sing N N 255 
PHE N   CA   sing N N 256 
PHE N   H    sing N N 257 
PHE N   H2   sing N N 258 
PHE CA  C    sing N N 259 
PHE CA  CB   sing N N 260 
PHE CA  HA   sing N N 261 
PHE C   O    doub N N 262 
PHE C   OXT  sing N N 263 
PHE CB  CG   sing N N 264 
PHE CB  HB2  sing N N 265 
PHE CB  HB3  sing N N 266 
PHE CG  CD1  doub Y N 267 
PHE CG  CD2  sing Y N 268 
PHE CD1 CE1  sing Y N 269 
PHE CD1 HD1  sing N N 270 
PHE CD2 CE2  doub Y N 271 
PHE CD2 HD2  sing N N 272 
PHE CE1 CZ   doub Y N 273 
PHE CE1 HE1  sing N N 274 
PHE CE2 CZ   sing Y N 275 
PHE CE2 HE2  sing N N 276 
PHE CZ  HZ   sing N N 277 
PHE OXT HXT  sing N N 278 
PRO N   CA   sing N N 279 
PRO N   CD   sing N N 280 
PRO N   H    sing N N 281 
PRO CA  C    sing N N 282 
PRO CA  CB   sing N N 283 
PRO CA  HA   sing N N 284 
PRO C   O    doub N N 285 
PRO C   OXT  sing N N 286 
PRO CB  CG   sing N N 287 
PRO CB  HB2  sing N N 288 
PRO CB  HB3  sing N N 289 
PRO CG  CD   sing N N 290 
PRO CG  HG2  sing N N 291 
PRO CG  HG3  sing N N 292 
PRO CD  HD2  sing N N 293 
PRO CD  HD3  sing N N 294 
PRO OXT HXT  sing N N 295 
SER N   CA   sing N N 296 
SER N   H    sing N N 297 
SER N   H2   sing N N 298 
SER CA  C    sing N N 299 
SER CA  CB   sing N N 300 
SER CA  HA   sing N N 301 
SER C   O    doub N N 302 
SER C   OXT  sing N N 303 
SER CB  OG   sing N N 304 
SER CB  HB2  sing N N 305 
SER CB  HB3  sing N N 306 
SER OG  HG   sing N N 307 
SER OXT HXT  sing N N 308 
THR N   CA   sing N N 309 
THR N   H    sing N N 310 
THR N   H2   sing N N 311 
THR CA  C    sing N N 312 
THR CA  CB   sing N N 313 
THR CA  HA   sing N N 314 
THR C   O    doub N N 315 
THR C   OXT  sing N N 316 
THR CB  OG1  sing N N 317 
THR CB  CG2  sing N N 318 
THR CB  HB   sing N N 319 
THR OG1 HG1  sing N N 320 
THR CG2 HG21 sing N N 321 
THR CG2 HG22 sing N N 322 
THR CG2 HG23 sing N N 323 
THR OXT HXT  sing N N 324 
VAL N   CA   sing N N 325 
VAL N   H    sing N N 326 
VAL N   H2   sing N N 327 
VAL CA  C    sing N N 328 
VAL CA  CB   sing N N 329 
VAL CA  HA   sing N N 330 
VAL C   O    doub N N 331 
VAL C   OXT  sing N N 332 
VAL CB  CG1  sing N N 333 
VAL CB  CG2  sing N N 334 
VAL CB  HB   sing N N 335 
VAL CG1 HG11 sing N N 336 
VAL CG1 HG12 sing N N 337 
VAL CG1 HG13 sing N N 338 
VAL CG2 HG21 sing N N 339 
VAL CG2 HG22 sing N N 340 
VAL CG2 HG23 sing N N 341 
VAL OXT HXT  sing N N 342 
# 
_atom_sites.entry_id                    1J8B 
_atom_sites.fract_transf_matrix[1][1]   0.00890145 
_atom_sites.fract_transf_matrix[1][2]   0.01407637 
_atom_sites.fract_transf_matrix[1][3]   0.01517006 
_atom_sites.fract_transf_matrix[2][1]   -0.00007305 
_atom_sites.fract_transf_matrix[2][2]   -0.00549882 
_atom_sites.fract_transf_matrix[2][3]   0.00514525 
_atom_sites.fract_transf_matrix[3][1]   0.02536093 
_atom_sites.fract_transf_matrix[3][2]   -0.00763354 
_atom_sites.fract_transf_matrix[3][3]   -0.00779802 
_atom_sites.fract_transf_vector[1]      0.584394 
_atom_sites.fract_transf_vector[2]      0.200988 
_atom_sites.fract_transf_vector[3]      0.558452 
# 
loop_
_atom_type.symbol 
C  
N  
O  
S  
SE 
# 
loop_
_atom_site.group_PDB 
_atom_site.id 
_atom_site.type_symbol 
_atom_site.label_atom_id 
_atom_site.label_alt_id 
_atom_site.label_comp_id 
_atom_site.label_asym_id 
_atom_site.label_entity_id 
_atom_site.label_seq_id 
_atom_site.pdbx_PDB_ins_code 
_atom_site.Cartn_x 
_atom_site.Cartn_y 
_atom_site.Cartn_z 
_atom_site.occupancy 
_atom_site.B_iso_or_equiv 
_atom_site.pdbx_formal_charge 
_atom_site.auth_seq_id 
_atom_site.auth_comp_id 
_atom_site.auth_asym_id 
_atom_site.auth_atom_id 
_atom_site.pdbx_PDB_model_num 
ATOM   1   N  N   . LEU A 1 10  ? 5.712   35.331  -8.983  1.00 81.20 ? 7   LEU A N   1 
ATOM   2   C  CA  . LEU A 1 10  ? 5.834   33.846  -9.184  1.00 82.96 ? 7   LEU A CA  1 
ATOM   3   C  C   . LEU A 1 10  ? 7.165   33.473  -9.849  1.00 81.32 ? 7   LEU A C   1 
ATOM   4   O  O   . LEU A 1 10  ? 8.114   33.110  -9.149  1.00 97.32 ? 7   LEU A O   1 
ATOM   5   C  CB  . LEU A 1 10  ? 4.653   33.306  -10.012 1.00 70.92 ? 7   LEU A CB  1 
ATOM   6   C  CG  . LEU A 1 10  ? 3.278   33.584  -9.395  1.00 61.16 ? 7   LEU A CG  1 
ATOM   7   C  CD1 . LEU A 1 10  ? 2.176   33.088  -10.348 1.00 61.29 ? 7   LEU A CD1 1 
ATOM   8   C  CD2 . LEU A 1 10  ? 3.196   32.939  -8.000  1.00 59.35 ? 7   LEU A CD2 1 
ATOM   9   N  N   . GLY A 1 11  ? 7.249   33.542  -11.177 1.00 66.85 ? 8   GLY A N   1 
ATOM   10  C  CA  . GLY A 1 11  ? 8.513   33.217  -11.826 1.00 63.91 ? 8   GLY A CA  1 
ATOM   11  C  C   . GLY A 1 11  ? 8.536   32.846  -13.312 1.00 62.64 ? 8   GLY A C   1 
ATOM   12  O  O   . GLY A 1 11  ? 9.592   32.457  -13.845 1.00 57.15 ? 8   GLY A O   1 
ATOM   13  N  N   . GLY A 1 12  ? 7.399   32.976  -13.988 1.00 55.15 ? 9   GLY A N   1 
ATOM   14  C  CA  . GLY A 1 12  ? 7.337   32.617  -15.390 1.00 46.48 ? 9   GLY A CA  1 
ATOM   15  C  C   . GLY A 1 12  ? 6.616   31.280  -15.500 1.00 56.62 ? 9   GLY A C   1 
ATOM   16  O  O   . GLY A 1 12  ? 6.489   30.537  -14.504 1.00 48.09 ? 9   GLY A O   1 
ATOM   17  N  N   . LEU A 1 13  ? 6.169   30.964  -16.715 1.00 38.06 ? 10  LEU A N   1 
ATOM   18  C  CA  . LEU A 1 13  ? 5.424   29.739  -17.023 1.00 40.62 ? 10  LEU A CA  1 
ATOM   19  C  C   . LEU A 1 13  ? 6.187   28.393  -16.921 1.00 43.38 ? 10  LEU A C   1 
ATOM   20  O  O   . LEU A 1 13  ? 5.650   27.387  -16.407 1.00 35.23 ? 10  LEU A O   1 
ATOM   21  C  CB  . LEU A 1 13  ? 4.766   29.921  -18.417 1.00 40.59 ? 10  LEU A CB  1 
ATOM   22  C  CG  . LEU A 1 13  ? 3.719   31.082  -18.459 1.00 46.44 ? 10  LEU A CG  1 
ATOM   23  C  CD1 . LEU A 1 13  ? 3.514   31.620  -19.920 1.00 36.82 ? 10  LEU A CD1 1 
ATOM   24  C  CD2 . LEU A 1 13  ? 2.369   30.594  -17.782 1.00 28.89 ? 10  LEU A CD2 1 
HETATM 25  N  N   . MSE A 1 14  ? 7.426   28.376  -17.415 1.00 43.12 ? 11  MSE A N   1 
HETATM 26  C  CA  . MSE A 1 14  ? 8.259   27.174  -17.378 1.00 49.05 ? 11  MSE A CA  1 
HETATM 27  C  C   . MSE A 1 14  ? 8.559   26.837  -15.928 1.00 44.86 ? 11  MSE A C   1 
HETATM 28  O  O   . MSE A 1 14  ? 8.506   25.672  -15.562 1.00 41.05 ? 11  MSE A O   1 
HETATM 29  C  CB  . MSE A 1 14  ? 9.564   27.391  -18.155 1.00 65.71 ? 11  MSE A CB  1 
HETATM 30  C  CG  . MSE A 1 14  ? 9.692   26.574  -19.445 1.00 74.16 ? 11  MSE A CG  1 
HETATM 31  SE SE  . MSE A 1 14  ? 9.608   24.690  -19.060 1.00 84.44 ? 11  MSE A SE  1 
HETATM 32  C  CE  . MSE A 1 14  ? 11.484  24.167  -19.155 1.00 58.49 ? 11  MSE A CE  1 
ATOM   33  N  N   . LYS A 1 15  ? 8.885   27.855  -15.123 1.00 36.83 ? 12  LYS A N   1 
ATOM   34  C  CA  . LYS A 1 15  ? 9.130   27.677  -13.684 1.00 46.12 ? 12  LYS A CA  1 
ATOM   35  C  C   . LYS A 1 15  ? 7.842   27.154  -12.995 1.00 43.01 ? 12  LYS A C   1 
ATOM   36  O  O   . LYS A 1 15  ? 7.905   26.173  -12.258 1.00 37.65 ? 12  LYS A O   1 
ATOM   37  C  CB  . LYS A 1 15  ? 9.552   28.994  -13.022 1.00 42.42 ? 12  LYS A CB  1 
ATOM   38  C  CG  . LYS A 1 15  ? 10.025  28.865  -11.549 1.00 65.94 ? 12  LYS A CG  1 
ATOM   39  C  CD  . LYS A 1 15  ? 10.511  30.234  -10.970 1.00 81.15 ? 12  LYS A CD  1 
ATOM   40  C  CE  . LYS A 1 15  ? 11.375  30.100  -9.674  1.00 87.94 ? 12  LYS A CE  1 
ATOM   41  N  NZ  . LYS A 1 15  ? 11.995  31.383  -9.146  1.00 67.26 ? 12  LYS A NZ  1 
ATOM   42  N  N   . GLN A 1 16  ? 6.691   27.792  -13.219 1.00 30.96 ? 13  GLN A N   1 
ATOM   43  C  CA  . GLN A 1 16  ? 5.422   27.311  -12.626 1.00 35.96 ? 13  GLN A CA  1 
ATOM   44  C  C   . GLN A 1 16  ? 5.118   25.860  -13.010 1.00 36.48 ? 13  GLN A C   1 
ATOM   45  O  O   . GLN A 1 16  ? 4.602   25.054  -12.195 1.00 40.63 ? 13  GLN A O   1 
ATOM   46  C  CB  . GLN A 1 16  ? 4.253   28.169  -13.084 1.00 29.78 ? 13  GLN A CB  1 
ATOM   47  C  CG  . GLN A 1 16  ? 4.041   29.359  -12.194 1.00 47.16 ? 13  GLN A CG  1 
ATOM   48  C  CD  . GLN A 1 16  ? 2.898   30.179  -12.657 1.00 47.47 ? 13  GLN A CD  1 
ATOM   49  O  OE1 . GLN A 1 16  ? 2.981   30.811  -13.703 1.00 76.32 ? 13  GLN A OE1 1 
ATOM   50  N  NE2 . GLN A 1 16  ? 1.806   30.175  -11.899 1.00 48.58 ? 13  GLN A NE2 1 
ATOM   51  N  N   . ALA A 1 17  ? 5.439   25.535  -14.264 1.00 32.06 ? 14  ALA A N   1 
ATOM   52  C  CA  . ALA A 1 17  ? 5.217   24.202  -14.807 1.00 33.14 ? 14  ALA A CA  1 
ATOM   53  C  C   . ALA A 1 17  ? 6.137   23.183  -14.100 1.00 37.41 ? 14  ALA A C   1 
ATOM   54  O  O   . ALA A 1 17  ? 5.729   22.044  -13.798 1.00 38.26 ? 14  ALA A O   1 
ATOM   55  C  CB  . ALA A 1 17  ? 5.467   24.235  -16.315 1.00 27.73 ? 14  ALA A CB  1 
ATOM   56  N  N   . GLN A 1 18  ? 7.373   23.629  -13.847 1.00 39.37 ? 15  GLN A N   1 
ATOM   57  C  CA  . GLN A 1 18  ? 8.447   22.887  -13.170 1.00 40.90 ? 15  GLN A CA  1 
ATOM   58  C  C   . GLN A 1 18  ? 7.910   22.427  -11.838 1.00 42.61 ? 15  GLN A C   1 
ATOM   59  O  O   . GLN A 1 18  ? 7.866   21.250  -11.481 1.00 36.93 ? 15  GLN A O   1 
ATOM   60  C  CB  . GLN A 1 18  ? 9.587   23.841  -12.799 1.00 51.56 ? 15  GLN A CB  1 
ATOM   61  C  CG  . GLN A 1 18  ? 10.944  23.296  -12.963 1.00 45.51 ? 15  GLN A CG  1 
ATOM   62  C  CD  . GLN A 1 18  ? 11.170  23.105  -14.424 1.00 69.15 ? 15  GLN A CD  1 
ATOM   63  O  OE1 . GLN A 1 18  ? 10.621  22.170  -15.017 1.00 68.30 ? 15  GLN A OE1 1 
ATOM   64  N  NE2 . GLN A 1 18  ? 11.929  24.019  -15.045 1.00 53.06 ? 15  GLN A NE2 1 
ATOM   65  N  N   . GLN A 1 19  ? 7.586   23.453  -11.081 1.00 28.83 ? 16  GLN A N   1 
ATOM   66  C  CA  . GLN A 1 19  ? 7.091   23.302  -9.768  1.00 32.02 ? 16  GLN A CA  1 
ATOM   67  C  C   . GLN A 1 19  ? 5.869   22.400  -9.684  1.00 40.24 ? 16  GLN A C   1 
ATOM   68  O  O   . GLN A 1 19  ? 5.785   21.578  -8.783  1.00 42.96 ? 16  GLN A O   1 
ATOM   69  C  CB  . GLN A 1 19  ? 6.803   24.683  -9.226  1.00 36.44 ? 16  GLN A CB  1 
ATOM   70  C  CG  . GLN A 1 19  ? 8.008   25.578  -9.314  1.00 34.52 ? 16  GLN A CG  1 
ATOM   71  C  CD  . GLN A 1 19  ? 7.717   26.948  -8.729  1.00 57.91 ? 16  GLN A CD  1 
ATOM   72  O  OE1 . GLN A 1 19  ? 6.626   27.540  -8.924  1.00 60.29 ? 16  GLN A OE1 1 
ATOM   73  N  NE2 . GLN A 1 19  ? 8.687   27.465  -8.009  1.00 53.03 ? 16  GLN A NE2 1 
HETATM 74  N  N   A MSE A 1 20  ? 4.921   22.550  -10.605 0.50 28.94 ? 17  MSE A N   1 
HETATM 75  N  N   B MSE A 1 20  ? 4.921   22.551  -10.603 0.50 29.78 ? 17  MSE A N   1 
HETATM 76  C  CA  A MSE A 1 20  ? 3.754   21.705  -10.551 0.50 22.84 ? 17  MSE A CA  1 
HETATM 77  C  CA  B MSE A 1 20  ? 3.754   21.706  -10.553 0.50 23.14 ? 17  MSE A CA  1 
HETATM 78  C  C   A MSE A 1 20  ? 4.190   20.263  -10.637 0.50 26.19 ? 17  MSE A C   1 
HETATM 79  C  C   B MSE A 1 20  ? 4.199   20.267  -10.627 0.50 26.83 ? 17  MSE A C   1 
HETATM 80  O  O   A MSE A 1 20  ? 3.672   19.400  -9.931  0.50 30.24 ? 17  MSE A O   1 
HETATM 81  O  O   B MSE A 1 20  ? 3.696   19.410  -9.903  0.50 30.77 ? 17  MSE A O   1 
HETATM 82  C  CB  A MSE A 1 20  ? 2.794   22.040  -11.680 0.50 29.31 ? 17  MSE A CB  1 
HETATM 83  C  CB  B MSE A 1 20  ? 2.809   22.020  -11.697 0.50 30.97 ? 17  MSE A CB  1 
HETATM 84  C  CG  A MSE A 1 20  ? 1.628   22.896  -11.214 0.50 40.75 ? 17  MSE A CG  1 
HETATM 85  C  CG  B MSE A 1 20  ? 2.089   23.333  -11.501 0.50 35.53 ? 17  MSE A CG  1 
HETATM 86  SE SE  A MSE A 1 20  ? 0.094   21.866  -10.601 0.50 37.07 ? 17  MSE A SE  1 
HETATM 87  SE SE  B MSE A 1 20  ? 0.198   23.185  -11.934 0.50 56.51 ? 17  MSE A SE  1 
HETATM 88  C  CE  A MSE A 1 20  ? 0.968   20.624  -9.534  0.50 16.65 ? 17  MSE A CE  1 
HETATM 89  C  CE  B MSE A 1 20  ? 0.322   23.918  -13.693 0.50 25.70 ? 17  MSE A CE  1 
ATOM   90  N  N   . GLN A 1 21  ? 5.169   20.004  -11.491 1.00 29.17 ? 18  GLN A N   1 
ATOM   91  C  CA  . GLN A 1 21  ? 5.694   18.644  -11.653 1.00 39.19 ? 18  GLN A CA  1 
ATOM   92  C  C   . GLN A 1 21  ? 6.349   18.119  -10.380 1.00 33.67 ? 18  GLN A C   1 
ATOM   93  O  O   . GLN A 1 21  ? 6.122   16.978  -10.030 1.00 25.43 ? 18  GLN A O   1 
ATOM   94  C  CB  . GLN A 1 21  ? 6.726   18.565  -12.786 1.00 44.95 ? 18  GLN A CB  1 
ATOM   95  C  CG  . GLN A 1 21  ? 6.169   18.791  -14.170 1.00 75.67 ? 18  GLN A CG  1 
ATOM   96  C  CD  . GLN A 1 21  ? 5.133   17.761  -14.569 1.00 84.71 ? 18  GLN A CD  1 
ATOM   97  O  OE1 . GLN A 1 21  ? 4.130   17.552  -13.861 1.00 79.97 ? 18  GLN A OE1 1 
ATOM   98  N  NE2 . GLN A 1 21  ? 5.358   17.116  -15.723 1.00 88.29 ? 18  GLN A NE2 1 
ATOM   99  N  N   . GLU A 1 22  ? 7.171   18.948  -9.724  1.00 30.76 ? 19  GLU A N   1 
ATOM   100 C  CA  . GLU A 1 22  ? 7.849   18.566  -8.497  1.00 23.86 ? 19  GLU A CA  1 
ATOM   101 C  C   . GLU A 1 22  ? 6.848   18.388  -7.365  1.00 28.31 ? 19  GLU A C   1 
ATOM   102 O  O   . GLU A 1 22  ? 6.993   17.441  -6.581  1.00 29.02 ? 19  GLU A O   1 
ATOM   103 C  CB  . GLU A 1 22  ? 8.870   19.615  -8.081  1.00 38.12 ? 19  GLU A CB  1 
ATOM   104 C  CG  . GLU A 1 22  ? 10.086  19.728  -9.001  1.00 58.58 ? 19  GLU A CG  1 
ATOM   105 C  CD  . GLU A 1 22  ? 10.703  21.150  -8.997  1.00 65.57 ? 19  GLU A CD  1 
ATOM   106 O  OE1 . GLU A 1 22  ? 11.629  21.389  -9.802  1.00 69.65 ? 19  GLU A OE1 1 
ATOM   107 O  OE2 . GLU A 1 22  ? 10.260  22.023  -8.202  1.00 59.05 ? 19  GLU A OE2 1 
ATOM   108 N  N   . LYS A 1 23  ? 5.844   19.275  -7.269  1.00 22.16 ? 20  LYS A N   1 
ATOM   109 C  CA  . LYS A 1 23  ? 4.848   19.154  -6.210  1.00 27.09 ? 20  LYS A CA  1 
ATOM   110 C  C   . LYS A 1 23  ? 3.963   17.956  -6.460  1.00 31.32 ? 20  LYS A C   1 
ATOM   111 O  O   . LYS A 1 23  ? 3.533   17.259  -5.497  1.00 34.95 ? 20  LYS A O   1 
ATOM   112 C  CB  . LYS A 1 23  ? 3.996   20.421  -6.025  1.00 27.59 ? 20  LYS A CB  1 
ATOM   113 C  CG  . LYS A 1 23  ? 4.748   21.560  -5.268  1.00 41.36 ? 20  LYS A CG  1 
ATOM   114 C  CD  . LYS A 1 23  ? 5.622   20.997  -4.153  1.00 43.98 ? 20  LYS A CD  1 
ATOM   115 C  CE  . LYS A 1 23  ? 6.412   22.057  -3.368  1.00 50.75 ? 20  LYS A CE  1 
ATOM   116 N  NZ  . LYS A 1 23  ? 7.484   21.423  -2.499  1.00 47.83 ? 20  LYS A NZ  1 
HETATM 117 N  N   . MSE A 1 24  ? 3.675   17.685  -7.727  1.00 23.61 ? 21  MSE A N   1 
HETATM 118 C  CA  . MSE A 1 24  ? 2.873   16.496  -7.994  1.00 28.33 ? 21  MSE A CA  1 
HETATM 119 C  C   . MSE A 1 24  ? 3.643   15.246  -7.531  1.00 25.73 ? 21  MSE A C   1 
HETATM 120 O  O   . MSE A 1 24  ? 3.061   14.354  -6.906  1.00 29.22 ? 21  MSE A O   1 
HETATM 121 C  CB  . MSE A 1 24  ? 2.513   16.363  -9.482  1.00 25.16 ? 21  MSE A CB  1 
HETATM 122 C  CG  . MSE A 1 24  ? 1.262   17.137  -9.870  1.00 44.61 ? 21  MSE A CG  1 
HETATM 123 SE SE  . MSE A 1 24  ? -0.331  16.479  -8.879  1.00 56.40 ? 21  MSE A SE  1 
HETATM 124 C  CE  . MSE A 1 24  ? 0.239   14.744  -8.302  1.00 35.06 ? 21  MSE A CE  1 
ATOM   125 N  N   . GLN A 1 25  ? 4.942   15.200  -7.820  1.00 24.40 ? 22  GLN A N   1 
ATOM   126 C  CA  . GLN A 1 25  ? 5.781   14.053  -7.471  1.00 27.42 ? 22  GLN A CA  1 
ATOM   127 C  C   . GLN A 1 25  ? 5.813   13.970  -5.952  1.00 33.72 ? 22  GLN A C   1 
ATOM   128 O  O   . GLN A 1 25  ? 5.620   12.892  -5.383  1.00 29.57 ? 22  GLN A O   1 
ATOM   129 C  CB  . GLN A 1 25  ? 7.209   14.210  -8.021  1.00 21.45 ? 22  GLN A CB  1 
ATOM   130 C  CG  . GLN A 1 25  ? 8.054   12.971  -7.795  1.00 50.80 ? 22  GLN A CG  1 
ATOM   131 C  CD  . GLN A 1 25  ? 9.367   12.986  -8.563  1.00 63.62 ? 22  GLN A CD  1 
ATOM   132 O  OE1 . GLN A 1 25  ? 9.462   13.597  -9.625  1.00 73.20 ? 22  GLN A OE1 1 
ATOM   133 N  NE2 . GLN A 1 25  ? 10.380  12.286  -8.044  1.00 63.59 ? 22  GLN A NE2 1 
ATOM   134 N  N   . LYS A 1 26  ? 6.034   15.105  -5.295  1.00 25.11 ? 23  LYS A N   1 
ATOM   135 C  CA  . LYS A 1 26  ? 6.081   15.116  -3.832  1.00 38.53 ? 23  LYS A CA  1 
ATOM   136 C  C   . LYS A 1 26  ? 4.777   14.534  -3.197  1.00 33.35 ? 23  LYS A C   1 
ATOM   137 O  O   . LYS A 1 26  ? 4.840   13.758  -2.203  1.00 24.35 ? 23  LYS A O   1 
ATOM   138 C  CB  . LYS A 1 26  ? 6.397   16.562  -3.342  1.00 34.42 ? 23  LYS A CB  1 
ATOM   139 C  CG  . LYS A 1 26  ? 6.209   16.884  -1.806  1.00 57.68 ? 23  LYS A CG  1 
ATOM   140 C  CD  . LYS A 1 26  ? 6.061   18.432  -1.517  1.00 55.34 ? 23  LYS A CD  1 
ATOM   141 C  CE  . LYS A 1 26  ? 5.097   18.809  -0.357  1.00 55.41 ? 23  LYS A CE  1 
ATOM   142 N  NZ  . LYS A 1 26  ? 4.440   20.189  -0.532  1.00 50.25 ? 23  LYS A NZ  1 
HETATM 143 N  N   . MSE A 1 27  ? 3.614   14.896  -3.758  1.00 26.77 ? 24  MSE A N   1 
HETATM 144 C  CA  . MSE A 1 27  ? 2.324   14.394  -3.250  1.00 24.76 ? 24  MSE A CA  1 
HETATM 145 C  C   . MSE A 1 27  ? 2.200   12.864  -3.504  1.00 24.94 ? 24  MSE A C   1 
HETATM 146 O  O   . MSE A 1 27  ? 1.669   12.116  -2.675  1.00 20.33 ? 24  MSE A O   1 
HETATM 147 C  CB  . MSE A 1 27  ? 1.150   15.130  -3.909  1.00 24.18 ? 24  MSE A CB  1 
HETATM 148 C  CG  . MSE A 1 27  ? -0.209  14.561  -3.498  1.00 26.56 ? 24  MSE A CG  1 
HETATM 149 SE SE  . MSE A 1 27  ? -0.387  14.781  -1.516  1.00 24.55 ? 24  MSE A SE  1 
HETATM 150 C  CE  . MSE A 1 27  ? -0.229  16.703  -1.450  1.00 15.78 ? 24  MSE A CE  1 
ATOM   151 N  N   . GLN A 1 28  ? 2.667   12.396  -4.661  1.00 26.16 ? 25  GLN A N   1 
ATOM   152 C  CA  . GLN A 1 28  ? 2.654   10.947  -4.905  1.00 23.42 ? 25  GLN A CA  1 
ATOM   153 C  C   . GLN A 1 28  ? 3.499   10.173  -3.895  1.00 20.82 ? 25  GLN A C   1 
ATOM   154 O  O   . GLN A 1 28  ? 3.126   9.078   -3.449  1.00 22.10 ? 25  GLN A O   1 
ATOM   155 C  CB  . GLN A 1 28  ? 3.170   10.663  -6.289  1.00 25.75 ? 25  GLN A CB  1 
ATOM   156 C  CG  . GLN A 1 28  ? 2.068   10.189  -7.121  1.00 65.68 ? 25  GLN A CG  1 
ATOM   157 C  CD  . GLN A 1 28  ? 2.466   10.087  -8.543  1.00 75.78 ? 25  GLN A CD  1 
ATOM   158 O  OE1 . GLN A 1 28  ? 3.671   10.099  -8.862  1.00 78.98 ? 25  GLN A OE1 1 
ATOM   159 N  NE2 . GLN A 1 28  ? 1.466   9.979   -9.430  1.00 68.82 ? 25  GLN A NE2 1 
ATOM   160 N  N   . GLU A 1 29  ? 4.655   10.729  -3.539  1.00 19.18 ? 26  GLU A N   1 
ATOM   161 C  CA  . GLU A 1 29  ? 5.543   10.056  -2.562  1.00 24.58 ? 26  GLU A CA  1 
ATOM   162 C  C   . GLU A 1 29  ? 4.891   10.050  -1.181  1.00 25.40 ? 26  GLU A C   1 
ATOM   163 O  O   . GLU A 1 29  ? 4.985   9.062   -0.439  1.00 24.36 ? 26  GLU A O   1 
ATOM   164 C  CB  . GLU A 1 29  ? 6.936   10.738  -2.518  1.00 24.96 ? 26  GLU A CB  1 
ATOM   165 C  CG  . GLU A 1 29  ? 7.709   10.518  -3.820  1.00 44.87 ? 26  GLU A CG  1 
ATOM   166 C  CD  . GLU A 1 29  ? 8.843   11.539  -4.124  1.00 51.22 ? 26  GLU A CD  1 
ATOM   167 O  OE1 . GLU A 1 29  ? 9.335   11.522  -5.277  1.00 39.91 ? 26  GLU A OE1 1 
ATOM   168 O  OE2 . GLU A 1 29  ? 9.260   12.336  -3.252  1.00 39.67 ? 26  GLU A OE2 1 
ATOM   169 N  N   . GLU A 1 30  ? 4.220   11.153  -0.845  1.00 26.46 ? 27  GLU A N   1 
ATOM   170 C  CA  . GLU A 1 30  ? 3.532   11.280  0.433   1.00 19.17 ? 27  GLU A CA  1 
ATOM   171 C  C   . GLU A 1 30  ? 2.427   10.222  0.502   1.00 16.37 ? 27  GLU A C   1 
ATOM   172 O  O   . GLU A 1 30  ? 2.341   9.445   1.479   1.00 19.84 ? 27  GLU A O   1 
ATOM   173 C  CB  . GLU A 1 30  ? 2.921   12.649  0.520   1.00 18.06 ? 27  GLU A CB  1 
ATOM   174 C  CG  . GLU A 1 30  ? 2.471   12.999  1.872   1.00 19.87 ? 27  GLU A CG  1 
ATOM   175 C  CD  . GLU A 1 30  ? 1.864   14.348  1.838   1.00 28.00 ? 27  GLU A CD  1 
ATOM   176 O  OE1 . GLU A 1 30  ? 0.603   14.454  1.961   1.00 26.34 ? 27  GLU A OE1 1 
ATOM   177 O  OE2 . GLU A 1 30  ? 2.654   15.297  1.639   1.00 28.03 ? 27  GLU A OE2 1 
ATOM   178 N  N   . ILE A 1 31  ? 1.585   10.200  -0.524  1.00 16.73 ? 28  ILE A N   1 
ATOM   179 C  CA  . ILE A 1 31  ? 0.539   9.199   -0.602  1.00 24.01 ? 28  ILE A CA  1 
ATOM   180 C  C   . ILE A 1 31  ? 1.095   7.765   -0.421  1.00 23.54 ? 28  ILE A C   1 
ATOM   181 O  O   . ILE A 1 31  ? 0.497   6.938   0.307   1.00 16.45 ? 28  ILE A O   1 
ATOM   182 C  CB  . ILE A 1 31  ? -0.233  9.314   -1.926  1.00 17.28 ? 28  ILE A CB  1 
ATOM   183 C  CG1 . ILE A 1 31  ? -1.018  10.643  -1.940  1.00 19.44 ? 28  ILE A CG1 1 
ATOM   184 C  CG2 . ILE A 1 31  ? -1.229  8.104   -2.052  1.00 15.85 ? 28  ILE A CG2 1 
ATOM   185 C  CD1 . ILE A 1 31  ? -1.677  10.979  -3.299  1.00 22.90 ? 28  ILE A CD1 1 
ATOM   186 N  N   . ALA A 1 32  ? 2.237   7.506   -1.073  1.00 19.47 ? 29  ALA A N   1 
ATOM   187 C  CA  . ALA A 1 32  ? 2.881   6.218   -1.000  1.00 20.27 ? 29  ALA A CA  1 
ATOM   188 C  C   . ALA A 1 32  ? 3.421   5.905   0.387   1.00 26.38 ? 29  ALA A C   1 
ATOM   189 O  O   . ALA A 1 32  ? 3.867   4.782   0.584   1.00 21.43 ? 29  ALA A O   1 
ATOM   190 C  CB  . ALA A 1 32  ? 4.003   6.105   -2.005  1.00 17.39 ? 29  ALA A CB  1 
ATOM   191 N  N   . GLN A 1 33  ? 3.421   6.861   1.333   1.00 18.91 ? 30  GLN A N   1 
ATOM   192 C  CA  . GLN A 1 33  ? 3.906   6.545   2.699   1.00 16.54 ? 30  GLN A CA  1 
ATOM   193 C  C   . GLN A 1 33  ? 2.802   5.949   3.587   1.00 16.21 ? 30  GLN A C   1 
ATOM   194 O  O   . GLN A 1 33  ? 3.079   5.419   4.668   1.00 19.10 ? 30  GLN A O   1 
ATOM   195 C  CB  . GLN A 1 33  ? 4.444   7.804   3.399   1.00 19.18 ? 30  GLN A CB  1 
ATOM   196 C  CG  . GLN A 1 33  ? 5.539   8.517   2.649   1.00 27.09 ? 30  GLN A CG  1 
ATOM   197 C  CD  . GLN A 1 33  ? 6.875   7.886   2.911   1.00 39.48 ? 30  GLN A CD  1 
ATOM   198 O  OE1 . GLN A 1 33  ? 6.975   6.940   3.696   1.00 44.62 ? 30  GLN A OE1 1 
ATOM   199 N  NE2 . GLN A 1 33  ? 7.925   8.417   2.279   1.00 51.44 ? 30  GLN A NE2 1 
ATOM   200 N  N   . LEU A 1 34  ? 1.540   6.075   3.169   1.00 17.79 ? 31  LEU A N   1 
ATOM   201 C  CA  . LEU A 1 34  ? 0.435   5.539   3.976   1.00 17.88 ? 31  LEU A CA  1 
ATOM   202 C  C   . LEU A 1 34  ? 0.444   4.026   3.897   1.00 19.66 ? 31  LEU A C   1 
ATOM   203 O  O   . LEU A 1 34  ? 0.863   3.454   2.899   1.00 15.47 ? 31  LEU A O   1 
ATOM   204 C  CB  . LEU A 1 34  ? -0.925  6.037   3.470   1.00 15.25 ? 31  LEU A CB  1 
ATOM   205 C  CG  . LEU A 1 34  ? -1.067  7.587   3.510   1.00 28.14 ? 31  LEU A CG  1 
ATOM   206 C  CD1 . LEU A 1 34  ? -2.380  8.009   2.848   1.00 23.51 ? 31  LEU A CD1 1 
ATOM   207 C  CD2 . LEU A 1 34  ? -1.000  8.106   4.992   1.00 23.04 ? 31  LEU A CD2 1 
ATOM   208 N  N   . GLU A 1 35  ? -0.103  3.419   4.934   1.00 17.49 ? 32  GLU A N   1 
ATOM   209 C  CA  . GLU A 1 35  ? -0.175  2.000   5.044   1.00 16.32 ? 32  GLU A CA  1 
ATOM   210 C  C   . GLU A 1 35  ? -1.549  1.383   4.819   1.00 21.79 ? 32  GLU A C   1 
ATOM   211 O  O   . GLU A 1 35  ? -2.589  2.007   5.006   1.00 17.78 ? 32  GLU A O   1 
ATOM   212 C  CB  . GLU A 1 35  ? 0.385   1.598   6.403   1.00 15.53 ? 32  GLU A CB  1 
ATOM   213 C  CG  . GLU A 1 35  ? 1.880   1.818   6.469   1.00 22.83 ? 32  GLU A CG  1 
ATOM   214 C  CD  . GLU A 1 35  ? 2.534   1.584   7.838   1.00 36.29 ? 32  GLU A CD  1 
ATOM   215 O  OE1 . GLU A 1 35  ? 1.853   1.187   8.816   1.00 30.29 ? 32  GLU A OE1 1 
ATOM   216 O  OE2 . GLU A 1 35  ? 3.764   1.811   7.932   1.00 35.92 ? 32  GLU A OE2 1 
ATOM   217 N  N   . VAL A 1 36  ? -1.552  0.149   4.323   1.00 17.57 ? 33  VAL A N   1 
ATOM   218 C  CA  . VAL A 1 36  ? -2.800  -0.619  4.180   1.00 16.20 ? 33  VAL A CA  1 
ATOM   219 C  C   . VAL A 1 36  ? -2.492  -1.986  4.817   1.00 15.88 ? 33  VAL A C   1 
ATOM   220 O  O   . VAL A 1 36  ? -1.325  -2.404  4.929   1.00 14.08 ? 33  VAL A O   1 
ATOM   221 C  CB  . VAL A 1 36  ? -3.261  -0.858  2.709   1.00 17.39 ? 33  VAL A CB  1 
ATOM   222 C  CG1 . VAL A 1 36  ? -3.609  0.499   2.056   1.00 18.00 ? 33  VAL A CG1 1 
ATOM   223 C  CG2 . VAL A 1 36  ? -2.212  -1.579  1.921   1.00 17.13 ? 33  VAL A CG2 1 
ATOM   224 N  N   . THR A 1 37  ? -3.523  -2.673  5.286   1.00 17.90 ? 34  THR A N   1 
ATOM   225 C  CA  . THR A 1 37  ? -3.292  -3.994  5.864   1.00 19.48 ? 34  THR A CA  1 
ATOM   226 C  C   . THR A 1 37  ? -4.101  -4.993  5.099   1.00 23.83 ? 34  THR A C   1 
ATOM   227 O  O   . THR A 1 37  ? -5.303  -4.966  5.138   1.00 25.56 ? 34  THR A O   1 
ATOM   228 C  CB  . THR A 1 37  ? -3.713  -4.095  7.339   1.00 21.84 ? 34  THR A CB  1 
ATOM   229 O  OG1 . THR A 1 37  ? -2.906  -3.198  8.109   1.00 21.18 ? 34  THR A OG1 1 
ATOM   230 C  CG2 . THR A 1 37  ? -3.496  -5.555  7.841   1.00 18.38 ? 34  THR A CG2 1 
ATOM   231 N  N   . GLY A 1 38  ? -3.431  -5.844  4.356   1.00 17.98 ? 35  GLY A N   1 
ATOM   232 C  CA  . GLY A 1 38  ? -4.158  -6.866  3.615   1.00 16.11 ? 35  GLY A CA  1 
ATOM   233 C  C   . GLY A 1 38  ? -4.361  -8.058  4.531   1.00 20.59 ? 35  GLY A C   1 
ATOM   234 O  O   . GLY A 1 38  ? -3.701  -8.224  5.601   1.00 16.43 ? 35  GLY A O   1 
ATOM   235 N  N   . GLU A 1 39  ? -5.294  -8.924  4.148   1.00 22.91 ? 36  GLU A N   1 
ATOM   236 C  CA  . GLU A 1 39  ? -5.516  -10.108 4.978   1.00 19.13 ? 36  GLU A CA  1 
ATOM   237 C  C   . GLU A 1 39  ? -5.979  -11.287 4.165   1.00 16.52 ? 36  GLU A C   1 
ATOM   238 O  O   . GLU A 1 39  ? -6.450  -11.124 3.056   1.00 17.24 ? 36  GLU A O   1 
ATOM   239 C  CB  . GLU A 1 39  ? -6.560  -9.796  6.085   1.00 16.30 ? 36  GLU A CB  1 
ATOM   240 C  CG  . GLU A 1 39  ? -7.981  -9.496  5.636   1.00 25.23 ? 36  GLU A CG  1 
ATOM   241 C  CD  . GLU A 1 39  ? -8.821  -10.736 5.187   1.00 40.69 ? 36  GLU A CD  1 
ATOM   242 O  OE1 . GLU A 1 39  ? -8.574  -11.871 5.672   1.00 28.60 ? 36  GLU A OE1 1 
ATOM   243 O  OE2 . GLU A 1 39  ? -9.759  -10.566 4.352   1.00 30.49 ? 36  GLU A OE2 1 
ATOM   244 N  N   . SER A 1 40  ? -5.834  -12.482 4.727   1.00 17.13 ? 37  SER A N   1 
ATOM   245 C  CA  . SER A 1 40  ? -6.366  -13.690 4.092   1.00 21.35 ? 37  SER A CA  1 
ATOM   246 C  C   . SER A 1 40  ? -7.001  -14.527 5.250   1.00 28.21 ? 37  SER A C   1 
ATOM   247 O  O   . SER A 1 40  ? -6.663  -14.351 6.442   1.00 22.26 ? 37  SER A O   1 
ATOM   248 C  CB  . SER A 1 40  ? -5.246  -14.486 3.429   1.00 19.16 ? 37  SER A CB  1 
ATOM   249 O  OG  . SER A 1 40  ? -4.399  -14.959 4.463   1.00 18.08 ? 37  SER A OG  1 
ATOM   250 N  N   . GLY A 1 41  ? -7.910  -15.446 4.912   1.00 33.40 ? 38  GLY A N   1 
ATOM   251 C  CA  . GLY A 1 41  ? -8.490  -16.295 5.944   1.00 21.55 ? 38  GLY A CA  1 
ATOM   252 C  C   . GLY A 1 41  ? -9.307  -15.535 6.952   1.00 21.15 ? 38  GLY A C   1 
ATOM   253 O  O   . GLY A 1 41  ? -9.255  -15.798 8.138   1.00 29.57 ? 38  GLY A O   1 
ATOM   254 N  N   . ALA A 1 42  ? -10.081 -14.575 6.500   1.00 29.16 ? 39  ALA A N   1 
ATOM   255 C  CA  . ALA A 1 42  ? -10.855 -13.778 7.454   1.00 39.92 ? 39  ALA A CA  1 
ATOM   256 C  C   . ALA A 1 42  ? -10.026 -13.283 8.666   1.00 34.56 ? 39  ALA A C   1 
ATOM   257 O  O   . ALA A 1 42  ? -10.524 -13.336 9.804   1.00 32.35 ? 39  ALA A O   1 
ATOM   258 C  CB  . ALA A 1 42  ? -12.104 -14.559 7.943   1.00 29.18 ? 39  ALA A CB  1 
ATOM   259 N  N   . GLY A 1 43  ? -8.786  -12.805 8.402   1.00 25.54 ? 40  GLY A N   1 
ATOM   260 C  CA  . GLY A 1 43  ? -7.900  -12.237 9.424   1.00 18.08 ? 40  GLY A CA  1 
ATOM   261 C  C   . GLY A 1 43  ? -6.874  -13.188 9.997   1.00 20.32 ? 40  GLY A C   1 
ATOM   262 O  O   . GLY A 1 43  ? -6.127  -12.823 10.938  1.00 27.23 ? 40  GLY A O   1 
ATOM   263 N  N   . LEU A 1 44  ? -6.844  -14.409 9.459   1.00 19.30 ? 41  LEU A N   1 
ATOM   264 C  CA  . LEU A 1 44  ? -5.902  -15.432 9.922   1.00 20.59 ? 41  LEU A CA  1 
ATOM   265 C  C   . LEU A 1 44  ? -4.475  -14.921 9.752   1.00 20.54 ? 41  LEU A C   1 
ATOM   266 O  O   . LEU A 1 44  ? -3.601  -15.176 10.604  1.00 19.86 ? 41  LEU A O   1 
ATOM   267 C  CB  . LEU A 1 44  ? -6.101  -16.744 9.153   1.00 18.22 ? 41  LEU A CB  1 
ATOM   268 C  CG  . LEU A 1 44  ? -7.212  -17.568 9.828   1.00 27.10 ? 41  LEU A CG  1 
ATOM   269 C  CD1 . LEU A 1 44  ? -7.470  -18.795 8.958   1.00 19.86 ? 41  LEU A CD1 1 
ATOM   270 C  CD2 . LEU A 1 44  ? -6.837  -17.876 11.327  1.00 21.25 ? 41  LEU A CD2 1 
ATOM   271 N  N   . VAL A 1 45  ? -4.253  -14.208 8.645   1.00 22.82 ? 42  VAL A N   1 
ATOM   272 C  CA  . VAL A 1 45  ? -2.960  -13.565 8.347   1.00 19.84 ? 42  VAL A CA  1 
ATOM   273 C  C   . VAL A 1 45  ? -3.294  -12.121 7.966   1.00 21.93 ? 42  VAL A C   1 
ATOM   274 O  O   . VAL A 1 45  ? -4.196  -11.875 7.119   1.00 17.82 ? 42  VAL A O   1 
ATOM   275 C  CB  . VAL A 1 45  ? -2.193  -14.212 7.142   1.00 16.47 ? 42  VAL A CB  1 
ATOM   276 C  CG1 . VAL A 1 45  ? -0.971  -13.390 6.854   1.00 16.52 ? 42  VAL A CG1 1 
ATOM   277 C  CG2 . VAL A 1 45  ? -1.735  -15.658 7.460   1.00 15.03 ? 42  VAL A CG2 1 
ATOM   278 N  N   . LYS A 1 46  ? -2.583  -11.173 8.585   1.00 16.96 ? 43  LYS A N   1 
ATOM   279 C  CA  . LYS A 1 46  ? -2.782  -9.748  8.278   1.00 14.13 ? 43  LYS A CA  1 
ATOM   280 C  C   . LYS A 1 46  ? -1.369  -9.218  7.961   1.00 18.82 ? 43  LYS A C   1 
ATOM   281 O  O   . LYS A 1 46  ? -0.390  -9.446  8.714   1.00 19.87 ? 43  LYS A O   1 
ATOM   282 C  CB  . LYS A 1 46  ? -3.369  -8.992  9.479   1.00 18.45 ? 43  LYS A CB  1 
ATOM   283 C  CG  . LYS A 1 46  ? -4.700  -9.504  9.963   1.00 18.90 ? 43  LYS A CG  1 
ATOM   284 C  CD  . LYS A 1 46  ? -5.090  -8.697  11.205  1.00 25.04 ? 43  LYS A CD  1 
ATOM   285 C  CE  . LYS A 1 46  ? -6.322  -9.247  11.848  1.00 35.71 ? 43  LYS A CE  1 
ATOM   286 N  NZ  . LYS A 1 46  ? -6.045  -10.571 12.449  1.00 31.06 ? 43  LYS A NZ  1 
ATOM   287 N  N   . ILE A 1 47  ? -1.246  -8.525  6.845   1.00 14.65 ? 44  ILE A N   1 
ATOM   288 C  CA  . ILE A 1 47  ? 0.079   -8.012  6.475   1.00 14.26 ? 44  ILE A CA  1 
ATOM   289 C  C   . ILE A 1 47  ? -0.024  -6.523  6.185   1.00 14.73 ? 44  ILE A C   1 
ATOM   290 O  O   . ILE A 1 47  ? -0.906  -6.096  5.433   1.00 16.42 ? 44  ILE A O   1 
ATOM   291 C  CB  . ILE A 1 47  ? 0.663   -8.809  5.222   1.00 16.22 ? 44  ILE A CB  1 
ATOM   292 C  CG1 . ILE A 1 47  ? 0.867   -10.306 5.602   1.00 14.05 ? 44  ILE A CG1 1 
ATOM   293 C  CG2 . ILE A 1 47  ? 1.942   -8.075  4.666   1.00 12.54 ? 44  ILE A CG2 1 
ATOM   294 C  CD1 . ILE A 1 47  ? 1.480   -11.186 4.443   1.00 14.76 ? 44  ILE A CD1 1 
ATOM   295 N  N   . THR A 1 48  ? 0.878   -5.746  6.774   1.00 13.98 ? 45  THR A N   1 
ATOM   296 C  CA  . THR A 1 48  ? 0.842   -4.298  6.570   1.00 15.52 ? 45  THR A CA  1 
ATOM   297 C  C   . THR A 1 48  ? 1.975   -3.828  5.702   1.00 12.98 ? 45  THR A C   1 
ATOM   298 O  O   . THR A 1 48  ? 3.142   -4.103  5.991   1.00 17.16 ? 45  THR A O   1 
ATOM   299 C  CB  . THR A 1 48  ? 0.894   -3.553  7.909   1.00 16.31 ? 45  THR A CB  1 
ATOM   300 O  OG1 . THR A 1 48  ? -0.199  -3.987  8.747   1.00 17.68 ? 45  THR A OG1 1 
ATOM   301 C  CG2 . THR A 1 48  ? 0.844   -2.053  7.668   1.00 15.02 ? 45  THR A CG2 1 
ATOM   302 N  N   . ILE A 1 49  ? 1.611   -3.100  4.634   1.00 17.00 ? 46  ILE A N   1 
ATOM   303 C  CA  . ILE A 1 49  ? 2.586   -2.565  3.695   1.00 13.05 ? 46  ILE A CA  1 
ATOM   304 C  C   . ILE A 1 49  ? 2.250   -1.111  3.378   1.00 10.04 ? 46  ILE A C   1 
ATOM   305 O  O   . ILE A 1 49  ? 1.132   -0.659  3.622   1.00 17.31 ? 46  ILE A O   1 
ATOM   306 C  CB  . ILE A 1 49  ? 2.611   -3.388  2.341   1.00 11.08 ? 46  ILE A CB  1 
ATOM   307 C  CG1 . ILE A 1 49  ? 1.342   -3.140  1.523   1.00 11.79 ? 46  ILE A CG1 1 
ATOM   308 C  CG2 . ILE A 1 49  ? 2.730   -4.878  2.650   1.00 10.10 ? 46  ILE A CG2 1 
ATOM   309 C  CD1 . ILE A 1 49  ? 1.438   -3.780  0.096   1.00 14.24 ? 46  ILE A CD1 1 
ATOM   310 N  N   . ASN A 1 50  ? 3.225   -0.390  2.856   1.00 14.84 ? 47  ASN A N   1 
ATOM   311 C  CA  . ASN A 1 50  ? 2.951   0.996   2.416   1.00 20.59 ? 47  ASN A CA  1 
ATOM   312 C  C   . ASN A 1 50  ? 2.856   1.032   0.864   1.00 22.76 ? 47  ASN A C   1 
ATOM   313 O  O   . ASN A 1 50  ? 2.843   -0.048  0.220   1.00 16.75 ? 47  ASN A O   1 
ATOM   314 C  CB  . ASN A 1 50  ? 3.995   2.012   2.953   1.00 15.46 ? 47  ASN A CB  1 
ATOM   315 C  CG  . ASN A 1 50  ? 5.379   1.736   2.496   1.00 23.78 ? 47  ASN A CG  1 
ATOM   316 O  OD1 . ASN A 1 50  ? 5.623   0.891   1.619   1.00 24.95 ? 47  ASN A OD1 1 
ATOM   317 N  ND2 . ASN A 1 50  ? 6.329   2.458   3.080   1.00 24.26 ? 47  ASN A ND2 1 
ATOM   318 N  N   . GLY A 1 51  ? 2.779   2.232   0.279   1.00 18.41 ? 48  GLY A N   1 
ATOM   319 C  CA  . GLY A 1 51  ? 2.641   2.420   -1.179  1.00 17.27 ? 48  GLY A CA  1 
ATOM   320 C  C   . GLY A 1 51  ? 3.774   1.937   -2.084  1.00 16.51 ? 48  GLY A C   1 
ATOM   321 O  O   . GLY A 1 51  ? 3.547   1.578   -3.254  1.00 23.16 ? 48  GLY A O   1 
ATOM   322 N  N   . ALA A 1 52  ? 4.973   1.948   -1.509  1.00 17.56 ? 49  ALA A N   1 
ATOM   323 C  CA  . ALA A 1 52  ? 6.221   1.484   -2.073  1.00 19.61 ? 49  ALA A CA  1 
ATOM   324 C  C   . ALA A 1 52  ? 6.271   -0.042  -1.922  1.00 23.99 ? 49  ALA A C   1 
ATOM   325 O  O   . ALA A 1 52  ? 7.223   -0.675  -2.380  1.00 23.55 ? 49  ALA A O   1 
ATOM   326 C  CB  . ALA A 1 52  ? 7.342   2.067   -1.282  1.00 19.00 ? 49  ALA A CB  1 
ATOM   327 N  N   . HIS A 1 53  ? 5.265   -0.628  -1.247  1.00 15.76 ? 50  HIS A N   1 
ATOM   328 C  CA  . HIS A 1 53  ? 5.180   -2.066  -0.996  1.00 15.80 ? 50  HIS A CA  1 
ATOM   329 C  C   . HIS A 1 53  ? 6.227   -2.610  0.018   1.00 14.89 ? 50  HIS A C   1 
ATOM   330 O  O   . HIS A 1 53  ? 6.653   -3.775  -0.055  1.00 22.96 ? 50  HIS A O   1 
ATOM   331 C  CB  . HIS A 1 53  ? 5.240   -2.856  -2.324  1.00 15.81 ? 50  HIS A CB  1 
ATOM   332 C  CG  . HIS A 1 53  ? 4.098   -2.546  -3.257  1.00 18.12 ? 50  HIS A CG  1 
ATOM   333 N  ND1 . HIS A 1 53  ? 2.971   -1.839  -2.857  1.00 20.27 ? 50  HIS A ND1 1 
ATOM   334 C  CD2 . HIS A 1 53  ? 3.922   -2.846  -4.558  1.00 9.92  ? 50  HIS A CD2 1 
ATOM   335 C  CE1 . HIS A 1 53  ? 2.141   -1.716  -3.890  1.00 14.44 ? 50  HIS A CE1 1 
ATOM   336 N  NE2 . HIS A 1 53  ? 2.694   -2.316  -4.920  1.00 18.89 ? 50  HIS A NE2 1 
ATOM   337 N  N   . ASN A 1 54  ? 6.609   -1.747  0.958   1.00 14.06 ? 51  ASN A N   1 
ATOM   338 C  CA  . ASN A 1 54  ? 7.525   -2.122  2.000   1.00 17.33 ? 51  ASN A CA  1 
ATOM   339 C  C   . ASN A 1 54  ? 6.616   -2.779  3.046   1.00 15.20 ? 51  ASN A C   1 
ATOM   340 O  O   . ASN A 1 54  ? 5.616   -2.161  3.449   1.00 19.15 ? 51  ASN A O   1 
ATOM   341 C  CB  . ASN A 1 54  ? 8.201   -0.891  2.640   1.00 16.24 ? 51  ASN A CB  1 
ATOM   342 C  CG  . ASN A 1 54  ? 9.300   -1.299  3.656   1.00 25.43 ? 51  ASN A CG  1 
ATOM   343 O  OD1 . ASN A 1 54  ? 10.380  -1.814  3.261   1.00 35.89 ? 51  ASN A OD1 1 
ATOM   344 N  ND2 . ASN A 1 54  ? 9.038   -1.079  4.938   1.00 28.62 ? 51  ASN A ND2 1 
ATOM   345 N  N   . CYS A 1 55  ? 6.994   -3.993  3.481   1.00 15.43 ? 52  CYS A N   1 
ATOM   346 C  CA  . CYS A 1 55  ? 6.253   -4.784  4.449   1.00 12.94 ? 52  CYS A CA  1 
ATOM   347 C  C   . CYS A 1 55  ? 6.704   -4.307  5.814   1.00 17.25 ? 52  CYS A C   1 
ATOM   348 O  O   . CYS A 1 55  ? 7.881   -4.392  6.146   1.00 16.27 ? 52  CYS A O   1 
ATOM   349 C  CB  . CYS A 1 55  ? 6.543   -6.273  4.260   1.00 11.63 ? 52  CYS A CB  1 
ATOM   350 S  SG  . CYS A 1 55  ? 5.607   -7.135  5.416   1.00 21.20 ? 52  CYS A SG  1 
ATOM   351 N  N   . ARG A 1 56  ? 5.768   -3.755  6.566   1.00 12.79 ? 53  ARG A N   1 
ATOM   352 C  CA  . ARG A 1 56  ? 6.046   -3.206  7.901   1.00 17.60 ? 53  ARG A CA  1 
ATOM   353 C  C   . ARG A 1 56  ? 5.827   -4.188  9.046   1.00 24.12 ? 53  ARG A C   1 
ATOM   354 O  O   . ARG A 1 56  ? 6.654   -4.250  9.959   1.00 26.79 ? 53  ARG A O   1 
ATOM   355 C  CB  . ARG A 1 56  ? 5.259   -1.891  8.103   1.00 25.00 ? 53  ARG A CB  1 
ATOM   356 C  CG  . ARG A 1 56  ? 5.677   -0.784  7.057   1.00 33.35 ? 53  ARG A CG  1 
ATOM   357 C  CD  . ARG A 1 56  ? 6.137   0.494   7.813   1.00 74.42 ? 53  ARG A CD  1 
ATOM   358 N  NE  . ARG A 1 56  ? 6.691   0.183   9.148   1.00 70.38 ? 53  ARG A NE  1 
ATOM   359 C  CZ  . ARG A 1 56  ? 6.539   0.928   10.255  1.00 67.43 ? 53  ARG A CZ  1 
ATOM   360 N  NH1 . ARG A 1 56  ? 7.092   0.521   11.394  1.00 56.27 ? 53  ARG A NH1 1 
ATOM   361 N  NH2 . ARG A 1 56  ? 5.848   2.074   10.246  1.00 64.94 ? 53  ARG A NH2 1 
ATOM   362 N  N   A ARG A 1 57  ? 4.736   -4.946  9.000   0.50 19.37 ? 54  ARG A N   1 
ATOM   363 N  N   B ARG A 1 57  ? 4.733   -4.945  9.011   0.50 19.22 ? 54  ARG A N   1 
ATOM   364 C  CA  A ARG A 1 57  ? 4.453   -5.936  10.027  0.50 22.94 ? 54  ARG A CA  1 
ATOM   365 C  CA  B ARG A 1 57  ? 4.476   -5.954  10.030  0.50 22.45 ? 54  ARG A CA  1 
ATOM   366 C  C   A ARG A 1 57  ? 3.565   -7.041  9.470   0.50 18.19 ? 54  ARG A C   1 
ATOM   367 C  C   B ARG A 1 57  ? 3.572   -7.042  9.471   0.50 18.19 ? 54  ARG A C   1 
ATOM   368 O  O   A ARG A 1 57  ? 2.853   -6.865  8.475   0.50 18.60 ? 54  ARG A O   1 
ATOM   369 O  O   B ARG A 1 57  ? 2.855   -6.856  8.481   0.50 18.83 ? 54  ARG A O   1 
ATOM   370 C  CB  A ARG A 1 57  ? 3.840   -5.274  11.281  0.50 25.53 ? 54  ARG A CB  1 
ATOM   371 C  CB  B ARG A 1 57  ? 3.905   -5.345  11.332  0.50 25.28 ? 54  ARG A CB  1 
ATOM   372 C  CG  A ARG A 1 57  ? 2.981   -4.062  10.982  0.50 39.28 ? 54  ARG A CG  1 
ATOM   373 C  CG  B ARG A 1 57  ? 2.725   -4.436  11.148  0.50 33.90 ? 54  ARG A CG  1 
ATOM   374 C  CD  A ARG A 1 57  ? 2.869   -3.054  12.162  0.50 44.92 ? 54  ARG A CD  1 
ATOM   375 C  CD  B ARG A 1 57  ? 2.639   -3.334  12.237  0.50 47.43 ? 54  ARG A CD  1 
ATOM   376 N  NE  A ARG A 1 57  ? 1.823   -2.057  11.892  0.50 41.32 ? 54  ARG A NE  1 
ATOM   377 N  NE  B ARG A 1 57  ? 1.826   -2.205  11.761  0.50 44.95 ? 54  ARG A NE  1 
ATOM   378 C  CZ  A ARG A 1 57  ? 1.995   -0.936  11.192  0.50 27.48 ? 54  ARG A CZ  1 
ATOM   379 C  CZ  B ARG A 1 57  ? 0.490   -2.178  11.714  0.50 38.75 ? 54  ARG A CZ  1 
ATOM   380 N  NH1 A ARG A 1 57  ? 0.974   -0.112  10.984  0.50 37.03 ? 54  ARG A NH1 1 
ATOM   381 N  NH1 B ARG A 1 57  ? -0.120  -1.099  11.234  0.50 28.07 ? 54  ARG A NH1 1 
ATOM   382 N  NH2 A ARG A 1 57  ? 3.188   -0.616  10.738  0.50 16.28 ? 54  ARG A NH2 1 
ATOM   383 N  NH2 B ARG A 1 57  ? -0.238  -3.194  12.180  0.50 33.88 ? 54  ARG A NH2 1 
ATOM   384 N  N   . ILE A 1 58  ? 3.677   -8.207  10.085  1.00 20.71 ? 55  ILE A N   1 
ATOM   385 C  CA  . ILE A 1 58  ? 2.928   -9.374  9.671   1.00 20.66 ? 55  ILE A CA  1 
ATOM   386 C  C   . ILE A 1 58  ? 2.381   -9.977  10.965  1.00 20.27 ? 55  ILE A C   1 
ATOM   387 O  O   . ILE A 1 58  ? 3.077   -10.071 11.972  1.00 20.92 ? 55  ILE A O   1 
ATOM   388 C  CB  . ILE A 1 58  ? 3.878   -10.378 8.918   1.00 20.52 ? 55  ILE A CB  1 
ATOM   389 C  CG1 . ILE A 1 58  ? 4.379   -9.726  7.612   1.00 24.63 ? 55  ILE A CG1 1 
ATOM   390 C  CG2 . ILE A 1 58  ? 3.152   -11.679 8.584   1.00 23.71 ? 55  ILE A CG2 1 
ATOM   391 C  CD1 . ILE A 1 58  ? 5.192   -10.610 6.775   1.00 21.14 ? 55  ILE A CD1 1 
ATOM   392 N  N   . ASP A 1 59  ? 1.116   -10.348 10.961  1.00 18.84 ? 56  ASP A N   1 
ATOM   393 C  CA  . ASP A 1 59  ? 0.526   -10.937 12.170  1.00 19.62 ? 56  ASP A CA  1 
ATOM   394 C  C   . ASP A 1 59  ? -0.113  -12.258 11.754  1.00 17.43 ? 56  ASP A C   1 
ATOM   395 O  O   . ASP A 1 59  ? -1.115  -12.306 11.037  1.00 17.59 ? 56  ASP A O   1 
ATOM   396 C  CB  . ASP A 1 59  ? -0.516  -9.981  12.772  1.00 26.58 ? 56  ASP A CB  1 
ATOM   397 C  CG  . ASP A 1 59  ? -1.123  -10.519 14.042  1.00 27.38 ? 56  ASP A CG  1 
ATOM   398 O  OD1 . ASP A 1 59  ? -0.945  -11.716 14.288  1.00 29.17 ? 56  ASP A OD1 1 
ATOM   399 O  OD2 . ASP A 1 59  ? -1.771  -9.758  14.777  1.00 32.20 ? 56  ASP A OD2 1 
ATOM   400 N  N   . ILE A 1 60  ? 0.540   -13.321 12.188  1.00 18.43 ? 57  ILE A N   1 
ATOM   401 C  CA  . ILE A 1 60  ? 0.132   -14.697 11.921  1.00 19.82 ? 57  ILE A CA  1 
ATOM   402 C  C   . ILE A 1 60  ? -0.613  -15.276 13.135  1.00 16.25 ? 57  ILE A C   1 
ATOM   403 O  O   . ILE A 1 60  ? -0.123  -15.224 14.235  1.00 21.89 ? 57  ILE A O   1 
ATOM   404 C  CB  . ILE A 1 60  ? 1.355   -15.592 11.656  1.00 20.42 ? 57  ILE A CB  1 
ATOM   405 C  CG1 . ILE A 1 60  ? 2.107   -15.166 10.371  1.00 14.45 ? 57  ILE A CG1 1 
ATOM   406 C  CG2 . ILE A 1 60  ? 0.893   -17.014 11.594  1.00 21.48 ? 57  ILE A CG2 1 
ATOM   407 C  CD1 . ILE A 1 60  ? 3.501   -15.792 10.246  1.00 15.98 ? 57  ILE A CD1 1 
ATOM   408 N  N   . ASP A 1 61  ? -1.815  -15.786 12.904  1.00 19.37 ? 58  ASP A N   1 
ATOM   409 C  CA  . ASP A 1 61  ? -2.629  -16.372 13.950  1.00 18.78 ? 58  ASP A CA  1 
ATOM   410 C  C   . ASP A 1 61  ? -1.853  -17.551 14.512  1.00 23.80 ? 58  ASP A C   1 
ATOM   411 O  O   . ASP A 1 61  ? -1.358  -18.381 13.740  1.00 27.00 ? 58  ASP A O   1 
ATOM   412 C  CB  . ASP A 1 61  ? -3.930  -16.838 13.327  1.00 19.07 ? 58  ASP A CB  1 
ATOM   413 C  CG  . ASP A 1 61  ? -4.879  -17.346 14.347  1.00 28.68 ? 58  ASP A CG  1 
ATOM   414 O  OD1 . ASP A 1 61  ? -4.992  -18.577 14.519  1.00 38.58 ? 58  ASP A OD1 1 
ATOM   415 O  OD2 . ASP A 1 61  ? -5.489  -16.487 14.991  1.00 41.17 ? 58  ASP A OD2 1 
ATOM   416 N  N   . PRO A 1 62  ? -1.720  -17.645 15.858  1.00 28.74 ? 59  PRO A N   1 
ATOM   417 C  CA  . PRO A 1 62  ? -0.983  -18.744 16.501  1.00 27.71 ? 59  PRO A CA  1 
ATOM   418 C  C   . PRO A 1 62  ? -1.433  -20.123 15.958  1.00 25.60 ? 59  PRO A C   1 
ATOM   419 O  O   . PRO A 1 62  ? -0.619  -20.987 15.700  1.00 28.78 ? 59  PRO A O   1 
ATOM   420 C  CB  . PRO A 1 62  ? -1.321  -18.558 17.963  1.00 25.36 ? 59  PRO A CB  1 
ATOM   421 C  CG  . PRO A 1 62  ? -1.658  -17.128 18.086  1.00 26.11 ? 59  PRO A CG  1 
ATOM   422 C  CD  . PRO A 1 62  ? -2.422  -16.832 16.860  1.00 25.78 ? 59  PRO A CD  1 
ATOM   423 N  N   . SER A 1 63  ? -2.733  -20.310 15.754  1.00 26.91 ? 60  SER A N   1 
ATOM   424 C  CA  . SER A 1 63  ? -3.253  -21.582 15.221  1.00 28.97 ? 60  SER A CA  1 
ATOM   425 C  C   . SER A 1 63  ? -2.594  -22.110 13.965  1.00 30.88 ? 60  SER A C   1 
ATOM   426 O  O   . SER A 1 63  ? -2.640  -23.301 13.688  1.00 30.70 ? 60  SER A O   1 
ATOM   427 C  CB  . SER A 1 63  ? -4.761  -21.478 14.900  1.00 30.96 ? 60  SER A CB  1 
ATOM   428 O  OG  . SER A 1 63  ? -5.037  -21.181 13.527  1.00 35.72 ? 60  SER A OG  1 
ATOM   429 N  N   . LEU A 1 64  ? -2.018  -21.224 13.171  1.00 26.81 ? 61  LEU A N   1 
ATOM   430 C  CA  . LEU A 1 64  ? -1.403  -21.632 11.901  1.00 33.83 ? 61  LEU A CA  1 
ATOM   431 C  C   . LEU A 1 64  ? 0.033   -22.221 12.052  1.00 36.84 ? 61  LEU A C   1 
ATOM   432 O  O   . LEU A 1 64  ? 0.574   -22.864 11.127  1.00 30.11 ? 61  LEU A O   1 
ATOM   433 C  CB  . LEU A 1 64  ? -1.420  -20.412 10.941  1.00 28.26 ? 61  LEU A CB  1 
ATOM   434 C  CG  . LEU A 1 64  ? -2.810  -19.819 10.561  1.00 30.05 ? 61  LEU A CG  1 
ATOM   435 C  CD1 . LEU A 1 64  ? -2.605  -18.657 9.574   1.00 23.57 ? 61  LEU A CD1 1 
ATOM   436 C  CD2 . LEU A 1 64  ? -3.699  -20.890 9.894   1.00 23.00 ? 61  LEU A CD2 1 
HETATM 437 N  N   . MSE A 1 65  ? 0.598   -22.028 13.254  1.00 32.30 ? 62  MSE A N   1 
HETATM 438 C  CA  . MSE A 1 65  ? 1.957   -22.438 13.603  1.00 25.23 ? 62  MSE A CA  1 
HETATM 439 C  C   . MSE A 1 65  ? 2.036   -23.891 13.843  1.00 35.30 ? 62  MSE A C   1 
HETATM 440 O  O   . MSE A 1 65  ? 3.136   -24.422 13.948  1.00 38.60 ? 62  MSE A O   1 
HETATM 441 C  CB  . MSE A 1 65  ? 2.416   -21.709 14.860  1.00 29.36 ? 62  MSE A CB  1 
HETATM 442 C  CG  . MSE A 1 65  ? 2.605   -20.185 14.675  1.00 42.83 ? 62  MSE A CG  1 
HETATM 443 SE SE  . MSE A 1 65  ? 3.838   -19.711 13.230  1.00 24.70 ? 62  MSE A SE  1 
HETATM 444 C  CE  . MSE A 1 65  ? 5.417   -19.927 14.281  1.00 23.25 ? 62  MSE A CE  1 
ATOM   445 N  N   . GLU A 1 66  ? 0.860   -24.527 13.870  1.00 45.45 ? 63  GLU A N   1 
ATOM   446 C  CA  . GLU A 1 66  ? 0.709   -25.955 14.176  1.00 40.90 ? 63  GLU A CA  1 
ATOM   447 C  C   . GLU A 1 66  ? 0.446   -26.921 13.051  1.00 36.51 ? 63  GLU A C   1 
ATOM   448 O  O   . GLU A 1 66  ? 0.557   -28.121 13.239  1.00 45.11 ? 63  GLU A O   1 
ATOM   449 C  CB  . GLU A 1 66  ? -0.423  -26.137 15.189  1.00 45.26 ? 63  GLU A CB  1 
ATOM   450 C  CG  . GLU A 1 66  ? -0.523  -25.007 16.210  1.00 51.55 ? 63  GLU A CG  1 
ATOM   451 C  CD  . GLU A 1 66  ? -1.725  -25.140 17.119  1.00 53.04 ? 63  GLU A CD  1 
ATOM   452 O  OE1 . GLU A 1 66  ? -1.641  -25.907 18.101  1.00 72.40 ? 63  GLU A OE1 1 
ATOM   453 O  OE2 . GLU A 1 66  ? -2.765  -24.493 16.855  1.00 57.79 ? 63  GLU A OE2 1 
ATOM   454 N  N   . ASP A 1 67  ? 0.061   -26.452 11.882  1.00 37.30 ? 64  ASP A N   1 
ATOM   455 C  CA  . ASP A 1 67  ? -0.223  -27.436 10.856  1.00 35.74 ? 64  ASP A CA  1 
ATOM   456 C  C   . ASP A 1 67  ? 0.640   -27.331 9.637   1.00 37.22 ? 64  ASP A C   1 
ATOM   457 O  O   . ASP A 1 67  ? 1.669   -26.683 9.710   1.00 35.97 ? 64  ASP A O   1 
ATOM   458 C  CB  . ASP A 1 67  ? -1.698  -27.410 10.504  1.00 43.55 ? 64  ASP A CB  1 
ATOM   459 C  CG  . ASP A 1 67  ? -2.517  -28.115 11.547  1.00 46.25 ? 64  ASP A CG  1 
ATOM   460 O  OD1 . ASP A 1 67  ? -2.462  -29.360 11.582  1.00 41.91 ? 64  ASP A OD1 1 
ATOM   461 O  OD2 . ASP A 1 67  ? -3.177  -27.431 12.352  1.00 39.82 ? 64  ASP A OD2 1 
ATOM   462 N  N   . ASP A 1 68  ? 0.229   -27.972 8.535   1.00 33.89 ? 65  ASP A N   1 
ATOM   463 C  CA  . ASP A 1 68  ? 1.045   -27.977 7.319   1.00 48.56 ? 65  ASP A CA  1 
ATOM   464 C  C   . ASP A 1 68  ? 1.623   -26.594 7.087   1.00 37.89 ? 65  ASP A C   1 
ATOM   465 O  O   . ASP A 1 68  ? 0.896   -25.581 7.208   1.00 34.17 ? 65  ASP A O   1 
ATOM   466 C  CB  . ASP A 1 68  ? 0.245   -28.425 6.074   1.00 42.76 ? 65  ASP A CB  1 
ATOM   467 C  CG  . ASP A 1 68  ? 1.127   -29.204 5.068   1.00 57.40 ? 65  ASP A CG  1 
ATOM   468 O  OD1 . ASP A 1 68  ? 0.596   -30.157 4.454   1.00 64.02 ? 65  ASP A OD1 1 
ATOM   469 O  OD2 . ASP A 1 68  ? 2.344   -28.879 4.882   1.00 40.10 ? 65  ASP A OD2 1 
ATOM   470 N  N   . LYS A 1 69  ? 2.925   -26.536 6.807   1.00 24.70 ? 66  LYS A N   1 
ATOM   471 C  CA  . LYS A 1 69  ? 3.475   -25.234 6.564   1.00 26.67 ? 66  LYS A CA  1 
ATOM   472 C  C   . LYS A 1 69  ? 2.966   -24.804 5.172   1.00 23.49 ? 66  LYS A C   1 
ATOM   473 O  O   . LYS A 1 69  ? 2.949   -23.634 4.851   1.00 18.33 ? 66  LYS A O   1 
ATOM   474 C  CB  . LYS A 1 69  ? 4.998   -25.241 6.629   1.00 27.85 ? 66  LYS A CB  1 
ATOM   475 C  CG  . LYS A 1 69  ? 5.690   -25.739 5.363   1.00 38.63 ? 66  LYS A CG  1 
ATOM   476 C  CD  . LYS A 1 69  ? 7.201   -25.900 5.624   1.00 23.66 ? 66  LYS A CD  1 
ATOM   477 C  CE  . LYS A 1 69  ? 7.890   -26.471 4.385   1.00 21.28 ? 66  LYS A CE  1 
ATOM   478 N  NZ  . LYS A 1 69  ? 8.196   -25.450 3.338   1.00 26.82 ? 66  LYS A NZ  1 
ATOM   479 N  N   . GLU A 1 70  ? 2.517   -25.753 4.363   1.00 25.61 ? 67  GLU A N   1 
ATOM   480 C  CA  . GLU A 1 70  ? 2.004   -25.408 3.055   1.00 21.95 ? 67  GLU A CA  1 
ATOM   481 C  C   . GLU A 1 70  ? 0.790   -24.466 3.161   1.00 18.81 ? 67  GLU A C   1 
ATOM   482 O  O   . GLU A 1 70  ? 0.687   -23.511 2.379   1.00 20.54 ? 67  GLU A O   1 
ATOM   483 C  CB  . GLU A 1 70  ? 1.637   -26.669 2.298   1.00 24.22 ? 67  GLU A CB  1 
ATOM   484 C  CG  . GLU A 1 70  ? 1.199   -26.404 0.893   1.00 31.03 ? 67  GLU A CG  1 
ATOM   485 C  CD  . GLU A 1 70  ? 0.386   -27.569 0.313   1.00 48.01 ? 67  GLU A CD  1 
ATOM   486 O  OE1 . GLU A 1 70  ? -0.314  -27.368 -0.704  1.00 52.23 ? 67  GLU A OE1 1 
ATOM   487 O  OE2 . GLU A 1 70  ? 0.434   -28.688 0.869   1.00 55.75 ? 67  GLU A OE2 1 
HETATM 488 N  N   . MSE A 1 71  ? -0.126  -24.719 4.099   1.00 18.67 ? 68  MSE A N   1 
HETATM 489 C  CA  . MSE A 1 71  ? -1.289  -23.840 4.306   1.00 16.77 ? 68  MSE A CA  1 
HETATM 490 C  C   . MSE A 1 71  ? -0.875  -22.406 4.756   1.00 18.98 ? 68  MSE A C   1 
HETATM 491 O  O   . MSE A 1 71  ? -1.423  -21.400 4.269   1.00 15.11 ? 68  MSE A O   1 
HETATM 492 C  CB  . MSE A 1 71  ? -2.234  -24.428 5.361   1.00 19.05 ? 68  MSE A CB  1 
HETATM 493 C  CG  . MSE A 1 71  ? -3.000  -25.669 4.887   1.00 28.20 ? 68  MSE A CG  1 
HETATM 494 SE SE  . MSE A 1 71  ? -4.022  -25.298 3.263   1.00 26.45 ? 68  MSE A SE  1 
HETATM 495 C  CE  . MSE A 1 71  ? -4.928  -23.685 3.876   1.00 17.61 ? 68  MSE A CE  1 
ATOM   496 N  N   . LEU A 1 72  ? 0.065   -22.319 5.697   1.00 15.46 ? 69  LEU A N   1 
ATOM   497 C  CA  . LEU A 1 72  ? 0.528   -21.005 6.152   1.00 14.62 ? 69  LEU A CA  1 
ATOM   498 C  C   . LEU A 1 72  ? 1.151   -20.231 4.984   1.00 13.00 ? 69  LEU A C   1 
ATOM   499 O  O   . LEU A 1 72  ? 0.879   -19.075 4.793   1.00 14.56 ? 69  LEU A O   1 
ATOM   500 C  CB  . LEU A 1 72  ? 1.536   -21.166 7.295   1.00 19.71 ? 69  LEU A CB  1 
ATOM   501 C  CG  . LEU A 1 72  ? 2.199   -19.842 7.748   1.00 19.60 ? 69  LEU A CG  1 
ATOM   502 C  CD1 . LEU A 1 72  ? 1.142   -18.816 8.169   1.00 16.34 ? 69  LEU A CD1 1 
ATOM   503 C  CD2 . LEU A 1 72  ? 3.173   -20.148 8.894   1.00 17.34 ? 69  LEU A CD2 1 
ATOM   504 N  N   . GLU A 1 73  ? 1.944   -20.891 4.178   1.00 12.11 ? 70  GLU A N   1 
ATOM   505 C  CA  . GLU A 1 73  ? 2.571   -20.244 3.044   1.00 11.23 ? 70  GLU A CA  1 
ATOM   506 C  C   . GLU A 1 73  ? 1.515   -19.703 2.095   1.00 15.08 ? 70  GLU A C   1 
ATOM   507 O  O   . GLU A 1 73  ? 1.628   -18.608 1.543   1.00 14.68 ? 70  GLU A O   1 
ATOM   508 C  CB  . GLU A 1 73  ? 3.420   -21.279 2.326   1.00 15.56 ? 70  GLU A CB  1 
ATOM   509 C  CG  . GLU A 1 73  ? 4.671   -21.673 3.114   1.00 20.25 ? 70  GLU A CG  1 
ATOM   510 C  CD  . GLU A 1 73  ? 5.392   -22.917 2.544   1.00 22.81 ? 70  GLU A CD  1 
ATOM   511 O  OE1 . GLU A 1 73  ? 4.780   -23.704 1.781   1.00 18.30 ? 70  GLU A OE1 1 
ATOM   512 O  OE2 . GLU A 1 73  ? 6.577   -23.105 2.898   1.00 19.53 ? 70  GLU A OE2 1 
ATOM   513 N  N   . ASP A 1 74  ? 0.479   -20.501 1.879   1.00 19.77 ? 71  ASP A N   1 
ATOM   514 C  CA  . ASP A 1 74  ? -0.616  -20.146 0.975   1.00 19.13 ? 71  ASP A CA  1 
ATOM   515 C  C   . ASP A 1 74  ? -1.337  -18.930 1.504   1.00 14.30 ? 71  ASP A C   1 
ATOM   516 O  O   . ASP A 1 74  ? -1.624  -18.029 0.735   1.00 19.36 ? 71  ASP A O   1 
ATOM   517 C  CB  . ASP A 1 74  ? -1.603  -21.314 0.828   1.00 14.12 ? 71  ASP A CB  1 
ATOM   518 C  CG  . ASP A 1 74  ? -1.029  -22.465 0.021   1.00 18.92 ? 71  ASP A CG  1 
ATOM   519 O  OD1 . ASP A 1 74  ? -0.013  -22.248 -0.663  1.00 20.87 ? 71  ASP A OD1 1 
ATOM   520 O  OD2 . ASP A 1 74  ? -1.589  -23.578 0.049   1.00 18.13 ? 71  ASP A OD2 1 
ATOM   521 N  N   . LEU A 1 75  ? -1.614  -18.912 2.811   1.00 16.79 ? 72  LEU A N   1 
ATOM   522 C  CA  . LEU A 1 75  ? -2.308  -17.777 3.443   1.00 16.62 ? 72  LEU A CA  1 
ATOM   523 C  C   . LEU A 1 75  ? -1.462  -16.478 3.431   1.00 16.19 ? 72  LEU A C   1 
ATOM   524 O  O   . LEU A 1 75  ? -1.994  -15.377 3.163   1.00 17.72 ? 72  LEU A O   1 
ATOM   525 C  CB  . LEU A 1 75  ? -2.787  -18.156 4.875   1.00 13.97 ? 72  LEU A CB  1 
ATOM   526 C  CG  . LEU A 1 75  ? -3.993  -19.172 4.889   1.00 16.47 ? 72  LEU A CG  1 
ATOM   527 C  CD1 . LEU A 1 75  ? -4.300  -19.564 6.302   1.00 21.85 ? 72  LEU A CD1 1 
ATOM   528 C  CD2 . LEU A 1 75  ? -5.218  -18.610 4.195   1.00 18.89 ? 72  LEU A CD2 1 
ATOM   529 N  N   . ILE A 1 76  ? -0.161  -16.622 3.685   1.00 15.75 ? 73  ILE A N   1 
ATOM   530 C  CA  . ILE A 1 76  ? 0.752   -15.482 3.631   1.00 16.21 ? 73  ILE A CA  1 
ATOM   531 C  C   . ILE A 1 76  ? 0.777   -14.919 2.200   1.00 17.29 ? 73  ILE A C   1 
ATOM   532 O  O   . ILE A 1 76  ? 0.693   -13.727 2.015   1.00 13.44 ? 73  ILE A O   1 
ATOM   533 C  CB  . ILE A 1 76  ? 2.247   -15.859 4.005   1.00 17.23 ? 73  ILE A CB  1 
ATOM   534 C  CG1 . ILE A 1 76  ? 2.356   -16.274 5.477   1.00 11.73 ? 73  ILE A CG1 1 
ATOM   535 C  CG2 . ILE A 1 76  ? 3.215   -14.640 3.602   1.00 11.48 ? 73  ILE A CG2 1 
ATOM   536 C  CD1 . ILE A 1 76  ? 3.578   -17.110 5.768   1.00 17.03 ? 73  ILE A CD1 1 
ATOM   537 N  N   . ALA A 1 77  ? 0.923   -15.778 1.190   1.00 11.02 ? 74  ALA A N   1 
ATOM   538 C  CA  . ALA A 1 77  ? 0.955   -15.227 -0.133  1.00 11.19 ? 74  ALA A CA  1 
ATOM   539 C  C   . ALA A 1 77  ? -0.360  -14.486 -0.458  1.00 13.30 ? 74  ALA A C   1 
ATOM   540 O  O   . ALA A 1 77  ? -0.304  -13.392 -1.053  1.00 13.66 ? 74  ALA A O   1 
ATOM   541 C  CB  . ALA A 1 77  ? 1.295   -16.330 -1.149  1.00 15.88 ? 74  ALA A CB  1 
ATOM   542 N  N   . ALA A 1 78  ? -1.510  -15.028 -0.014  1.00 15.03 ? 75  ALA A N   1 
ATOM   543 C  CA  . ALA A 1 78  ? -2.827  -14.462 -0.290  1.00 16.27 ? 75  ALA A CA  1 
ATOM   544 C  C   . ALA A 1 78  ? -2.957  -13.102 0.408   1.00 13.28 ? 75  ALA A C   1 
ATOM   545 O  O   . ALA A 1 78  ? -3.497  -12.142 -0.169  1.00 13.18 ? 75  ALA A O   1 
ATOM   546 C  CB  . ALA A 1 78  ? -3.942  -15.429 0.207   1.00 13.94 ? 75  ALA A CB  1 
ATOM   547 N  N   . ALA A 1 79  ? -2.436  -13.021 1.645   1.00 14.10 ? 76  ALA A N   1 
ATOM   548 C  CA  . ALA A 1 79  ? -2.473  -11.769 2.438   1.00 19.90 ? 76  ALA A CA  1 
ATOM   549 C  C   . ALA A 1 79  ? -1.651  -10.662 1.775   1.00 14.85 ? 76  ALA A C   1 
ATOM   550 O  O   . ALA A 1 79  ? -2.052  -9.501  1.746   1.00 12.07 ? 76  ALA A O   1 
ATOM   551 C  CB  . ALA A 1 79  ? -1.961  -12.035 3.853   1.00 17.45 ? 76  ALA A CB  1 
ATOM   552 N  N   A PHE A 1 80  ? -0.491  -11.026 1.247   0.50 14.93 ? 77  PHE A N   1 
ATOM   553 N  N   B PHE A 1 80  ? -0.483  -11.035 1.255   0.50 15.47 ? 77  PHE A N   1 
ATOM   554 C  CA  A PHE A 1 80  ? 0.353   -10.036 0.591   0.50 13.65 ? 77  PHE A CA  1 
ATOM   555 C  CA  B PHE A 1 80  ? 0.403   -10.085 0.569   0.50 15.80 ? 77  PHE A CA  1 
ATOM   556 C  C   A PHE A 1 80  ? -0.345  -9.520  -0.683  0.50 14.35 ? 77  PHE A C   1 
ATOM   557 C  C   B PHE A 1 80  ? -0.305  -9.536  -0.691  0.50 16.91 ? 77  PHE A C   1 
ATOM   558 O  O   A PHE A 1 80  ? -0.367  -8.322  -0.949  0.50 10.51 ? 77  PHE A O   1 
ATOM   559 O  O   B PHE A 1 80  ? -0.293  -8.331  -0.951  0.50 19.06 ? 77  PHE A O   1 
ATOM   560 C  CB  A PHE A 1 80  ? 1.718   -10.649 0.230   0.50 13.06 ? 77  PHE A CB  1 
ATOM   561 C  CB  B PHE A 1 80  ? 1.727   -10.776 0.146   0.50 12.03 ? 77  PHE A CB  1 
ATOM   562 C  CG  A PHE A 1 80  ? 2.700   -9.645  -0.286  0.50 18.26 ? 77  PHE A CG  1 
ATOM   563 C  CG  B PHE A 1 80  ? 2.843   -10.683 1.164   0.50 11.14 ? 77  PHE A CG  1 
ATOM   564 C  CD1 A PHE A 1 80  ? 3.364   -8.779  0.595   0.50 6.88  ? 77  PHE A CD1 1 
ATOM   565 C  CD1 B PHE A 1 80  ? 3.419   -11.858 1.702   0.50 13.97 ? 77  PHE A CD1 1 
ATOM   566 C  CD2 A PHE A 1 80  ? 2.925   -9.517  -1.655  0.50 16.61 ? 77  PHE A CD2 1 
ATOM   567 C  CD2 B PHE A 1 80  ? 3.349   -9.436  1.576   0.50 8.24  ? 77  PHE A CD2 1 
ATOM   568 C  CE1 A PHE A 1 80  ? 4.220   -7.812  0.120   0.50 8.00  ? 77  PHE A CE1 1 
ATOM   569 C  CE1 B PHE A 1 80  ? 4.486   -11.799 2.615   0.50 7.16  ? 77  PHE A CE1 1 
ATOM   570 C  CE2 A PHE A 1 80  ? 3.798   -8.542  -2.131  0.50 15.44 ? 77  PHE A CE2 1 
ATOM   571 C  CE2 B PHE A 1 80  ? 4.427   -9.367  2.504   0.50 13.92 ? 77  PHE A CE2 1 
ATOM   572 C  CZ  A PHE A 1 80  ? 4.442   -7.689  -1.235  0.50 11.44 ? 77  PHE A CZ  1 
ATOM   573 C  CZ  B PHE A 1 80  ? 4.982   -10.562 3.020   0.50 11.88 ? 77  PHE A CZ  1 
ATOM   574 N  N   . ASN A 1 81  ? -0.905  -10.429 -1.479  1.00 11.61 ? 78  ASN A N   1 
ATOM   575 C  CA  . ASN A 1 81  ? -1.586  -10.016 -2.704  1.00 13.97 ? 78  ASN A CA  1 
ATOM   576 C  C   . ASN A 1 81  ? -2.784  -9.117  -2.389  1.00 13.36 ? 78  ASN A C   1 
ATOM   577 O  O   . ASN A 1 81  ? -3.033  -8.174  -3.087  1.00 14.64 ? 78  ASN A O   1 
ATOM   578 C  CB  . ASN A 1 81  ? -1.978  -11.256 -3.529  1.00 17.81 ? 78  ASN A CB  1 
ATOM   579 C  CG  . ASN A 1 81  ? -0.757  -11.999 -4.047  1.00 16.01 ? 78  ASN A CG  1 
ATOM   580 O  OD1 . ASN A 1 81  ? 0.327   -11.418 -4.189  1.00 20.08 ? 78  ASN A OD1 1 
ATOM   581 N  ND2 . ASN A 1 81  ? -0.913  -13.263 -4.331  1.00 18.20 ? 78  ASN A ND2 1 
ATOM   582 N  N   . ASP A 1 82  ? -3.496  -9.427  -1.315  1.00 14.85 ? 79  ASP A N   1 
ATOM   583 C  CA  . ASP A 1 82  ? -4.591  -8.592  -0.883  1.00 15.83 ? 79  ASP A CA  1 
ATOM   584 C  C   . ASP A 1 82  ? -4.054  -7.179  -0.488  1.00 17.79 ? 79  ASP A C   1 
ATOM   585 O  O   . ASP A 1 82  ? -4.623  -6.161  -0.873  1.00 16.52 ? 79  ASP A O   1 
ATOM   586 C  CB  . ASP A 1 82  ? -5.296  -9.241  0.307   1.00 15.03 ? 79  ASP A CB  1 
ATOM   587 C  CG  . ASP A 1 82  ? -6.545  -8.469  0.717   1.00 21.88 ? 79  ASP A CG  1 
ATOM   588 O  OD1 . ASP A 1 82  ? -7.444  -8.267  -0.121  1.00 18.43 ? 79  ASP A OD1 1 
ATOM   589 O  OD2 . ASP A 1 82  ? -6.613  -8.031  1.863   1.00 17.28 ? 79  ASP A OD2 1 
ATOM   590 N  N   . ALA A 1 83  ? -2.959  -7.112  0.264   1.00 15.75 ? 80  ALA A N   1 
ATOM   591 C  CA  . ALA A 1 83  ? -2.371  -5.843  0.692   1.00 11.40 ? 80  ALA A CA  1 
ATOM   592 C  C   . ALA A 1 83  ? -1.956  -5.058  -0.531  1.00 16.05 ? 80  ALA A C   1 
ATOM   593 O  O   . ALA A 1 83  ? -2.219  -3.827  -0.610  1.00 12.97 ? 80  ALA A O   1 
ATOM   594 C  CB  . ALA A 1 83  ? -1.169  -6.096  1.607   1.00 14.21 ? 80  ALA A CB  1 
ATOM   595 N  N   . VAL A 1 84  ? -1.320  -5.741  -1.491  1.00 11.42 ? 81  VAL A N   1 
ATOM   596 C  CA  . VAL A 1 84  ? -0.912  -5.020  -2.705  1.00 15.03 ? 81  VAL A CA  1 
ATOM   597 C  C   . VAL A 1 84  ? -2.125  -4.386  -3.489  1.00 17.11 ? 81  VAL A C   1 
ATOM   598 O  O   . VAL A 1 84  ? -2.049  -3.243  -3.952  1.00 17.78 ? 81  VAL A O   1 
ATOM   599 C  CB  . VAL A 1 84  ? -0.046  -5.920  -3.648  1.00 12.02 ? 81  VAL A CB  1 
ATOM   600 C  CG1 . VAL A 1 84  ? 0.221   -5.179  -4.976  1.00 19.48 ? 81  VAL A CG1 1 
ATOM   601 C  CG2 . VAL A 1 84  ? 1.278   -6.249  -2.992  1.00 13.13 ? 81  VAL A CG2 1 
ATOM   602 N  N   A ARG A 1 85  ? -3.232  -5.122  -3.616  0.50 15.19 ? 82  ARG A N   1 
ATOM   603 N  N   B ARG A 1 85  ? -3.279  -5.132  -3.572  0.50 14.43 ? 82  ARG A N   1 
ATOM   604 C  CA  A ARG A 1 85  ? -4.426  -4.608  -4.297  0.50 14.88 ? 82  ARG A CA  1 
ATOM   605 C  CA  B ARG A 1 85  ? -4.505  -4.665  -4.235  0.50 17.68 ? 82  ARG A CA  1 
ATOM   606 C  C   A ARG A 1 85  ? -5.013  -3.426  -3.510  0.50 15.56 ? 82  ARG A C   1 
ATOM   607 C  C   B ARG A 1 85  ? -5.036  -3.449  -3.497  0.50 15.15 ? 82  ARG A C   1 
ATOM   608 O  O   A ARG A 1 85  ? -5.439  -2.440  -4.083  0.50 15.89 ? 82  ARG A O   1 
ATOM   609 O  O   B ARG A 1 85  ? -5.426  -2.468  -4.098  0.50 16.23 ? 82  ARG A O   1 
ATOM   610 C  CB  A ARG A 1 85  ? -5.470  -5.736  -4.427  0.50 25.06 ? 82  ARG A CB  1 
ATOM   611 C  CB  B ARG A 1 85  ? -5.596  -5.767  -4.220  0.50 18.80 ? 82  ARG A CB  1 
ATOM   612 C  CG  A ARG A 1 85  ? -5.105  -6.812  -5.459  0.50 21.78 ? 82  ARG A CG  1 
ATOM   613 C  CG  B ARG A 1 85  ? -5.118  -7.132  -4.756  0.50 29.14 ? 82  ARG A CG  1 
ATOM   614 C  CD  A ARG A 1 85  ? -6.280  -7.720  -5.772  0.50 16.52 ? 82  ARG A CD  1 
ATOM   615 C  CD  B ARG A 1 85  ? -6.258  -8.133  -5.163  0.50 32.53 ? 82  ARG A CD  1 
ATOM   616 N  NE  A ARG A 1 85  ? -6.383  -8.753  -4.776  0.50 18.29 ? 82  ARG A NE  1 
ATOM   617 N  NE  B ARG A 1 85  ? -6.544  -9.125  -4.123  0.50 31.95 ? 82  ARG A NE  1 
ATOM   618 C  CZ  A ARG A 1 85  ? -5.667  -9.867  -4.808  0.50 13.94 ? 82  ARG A CZ  1 
ATOM   619 C  CZ  B ARG A 1 85  ? -7.377  -8.924  -3.104  0.50 40.58 ? 82  ARG A CZ  1 
ATOM   620 N  NH1 A ARG A 1 85  ? -5.808  -10.757 -3.855  0.50 16.43 ? 82  ARG A NH1 1 
ATOM   621 N  NH1 B ARG A 1 85  ? -7.557  -9.894  -2.212  0.50 26.45 ? 82  ARG A NH1 1 
ATOM   622 N  NH2 A ARG A 1 85  ? -4.836  -10.117 -5.812  0.50 15.68 ? 82  ARG A NH2 1 
ATOM   623 N  NH2 B ARG A 1 85  ? -8.041  -7.758  -2.982  0.50 34.78 ? 82  ARG A NH2 1 
ATOM   624 N  N   . ARG A 1 86  ? -5.033  -3.521  -2.186  1.00 17.08 ? 83  ARG A N   1 
ATOM   625 C  CA  . ARG A 1 86  ? -5.539  -2.433  -1.365  1.00 19.73 ? 83  ARG A CA  1 
ATOM   626 C  C   . ARG A 1 86  ? -4.618  -1.227  -1.471  1.00 24.20 ? 83  ARG A C   1 
ATOM   627 O  O   . ARG A 1 86  ? -5.088  -0.103  -1.453  1.00 21.76 ? 83  ARG A O   1 
ATOM   628 C  CB  . ARG A 1 86  ? -5.577  -2.834  0.105   1.00 21.92 ? 83  ARG A CB  1 
ATOM   629 C  CG  . ARG A 1 86  ? -6.552  -3.980  0.459   1.00 20.96 ? 83  ARG A CG  1 
ATOM   630 C  CD  . ARG A 1 86  ? -6.508  -4.237  1.945   1.00 15.36 ? 83  ARG A CD  1 
ATOM   631 N  NE  . ARG A 1 86  ? -7.513  -5.208  2.318   1.00 30.64 ? 83  ARG A NE  1 
ATOM   632 C  CZ  . ARG A 1 86  ? -8.494  -4.978  3.194   1.00 53.96 ? 83  ARG A CZ  1 
ATOM   633 N  NH1 . ARG A 1 86  ? -8.595  -3.791  3.787   1.00 70.71 ? 83  ARG A NH1 1 
ATOM   634 N  NH2 . ARG A 1 86  ? -9.372  -5.939  3.492   1.00 43.76 ? 83  ARG A NH2 1 
ATOM   635 N  N   . ALA A 1 87  ? -3.302  -1.461  -1.544  1.00 17.13 ? 84  ALA A N   1 
ATOM   636 C  CA  . ALA A 1 87  ? -2.357  -0.341  -1.645  1.00 16.82 ? 84  ALA A CA  1 
ATOM   637 C  C   . ALA A 1 87  ? -2.604  0.356   -3.006  1.00 20.83 ? 84  ALA A C   1 
ATOM   638 O  O   . ALA A 1 87  ? -2.603  1.608   -3.139  1.00 18.85 ? 84  ALA A O   1 
ATOM   639 C  CB  . ALA A 1 87  ? -0.868  -0.867  -1.554  1.00 15.33 ? 84  ALA A CB  1 
ATOM   640 N  N   . GLU A 1 88  ? -2.806  -0.440  -4.044  1.00 17.10 ? 85  GLU A N   1 
ATOM   641 C  CA  . GLU A 1 88  ? -3.014  0.166   -5.384  1.00 20.98 ? 85  GLU A CA  1 
ATOM   642 C  C   . GLU A 1 88  ? -4.295  1.012   -5.450  1.00 28.30 ? 85  GLU A C   1 
ATOM   643 O  O   . GLU A 1 88  ? -4.307  2.127   -5.949  1.00 24.70 ? 85  GLU A O   1 
ATOM   644 C  CB  . GLU A 1 88  ? -3.023  -0.935  -6.429  1.00 25.86 ? 85  GLU A CB  1 
ATOM   645 C  CG  . GLU A 1 88  ? -1.626  -1.604  -6.453  1.00 49.26 ? 85  GLU A CG  1 
ATOM   646 C  CD  . GLU A 1 88  ? -1.495  -2.809  -7.393  1.00 64.32 ? 85  GLU A CD  1 
ATOM   647 O  OE1 . GLU A 1 88  ? -2.489  -3.589  -7.606  1.00 52.46 ? 85  GLU A OE1 1 
ATOM   648 O  OE2 . GLU A 1 88  ? -0.347  -2.964  -7.888  1.00 47.71 ? 85  GLU A OE2 1 
ATOM   649 N  N   . GLU A 1 89  ? -5.355  0.470   -4.885  1.00 30.07 ? 86  GLU A N   1 
ATOM   650 C  CA  . GLU A 1 89  ? -6.627  1.143   -4.767  1.00 28.77 ? 86  GLU A CA  1 
ATOM   651 C  C   . GLU A 1 89  ? -6.446  2.435   -3.961  1.00 32.68 ? 86  GLU A C   1 
ATOM   652 O  O   . GLU A 1 89  ? -7.000  3.446   -4.337  1.00 30.40 ? 86  GLU A O   1 
ATOM   653 C  CB  . GLU A 1 89  ? -7.647  0.220   -4.075  1.00 25.90 ? 86  GLU A CB  1 
ATOM   654 C  CG  . GLU A 1 89  ? -9.121  0.678   -4.169  1.00 52.39 ? 86  GLU A CG  1 
ATOM   655 C  CD  . GLU A 1 89  ? -9.546  1.233   -5.550  1.00 62.63 ? 86  GLU A CD  1 
ATOM   656 O  OE1 . GLU A 1 89  ? -9.212  0.642   -6.614  1.00 59.89 ? 86  GLU A OE1 1 
ATOM   657 O  OE2 . GLU A 1 89  ? -10.239 2.274   -5.566  1.00 72.28 ? 86  GLU A OE2 1 
ATOM   658 N  N   . LEU A 1 90  ? -5.682  2.422   -2.867  1.00 27.96 ? 87  LEU A N   1 
ATOM   659 C  CA  . LEU A 1 90  ? -5.499  3.645   -2.084  1.00 22.41 ? 87  LEU A CA  1 
ATOM   660 C  C   . LEU A 1 90  ? -4.773  4.731   -2.918  1.00 21.81 ? 87  LEU A C   1 
ATOM   661 O  O   . LEU A 1 90  ? -5.203  5.888   -2.899  1.00 18.96 ? 87  LEU A O   1 
ATOM   662 C  CB  . LEU A 1 90  ? -4.757  3.354   -0.720  1.00 20.93 ? 87  LEU A CB  1 
ATOM   663 C  CG  . LEU A 1 90  ? -4.364  4.532   0.254   1.00 25.16 ? 87  LEU A CG  1 
ATOM   664 C  CD1 . LEU A 1 90  ? -3.980  4.094   1.658   1.00 26.99 ? 87  LEU A CD1 1 
ATOM   665 C  CD2 . LEU A 1 90  ? -3.100  5.243   -0.257  1.00 39.00 ? 87  LEU A CD2 1 
ATOM   666 N  N   . GLN A 1 91  ? -3.710  4.363   -3.661  1.00 23.29 ? 88  GLN A N   1 
ATOM   667 C  CA  . GLN A 1 91  ? -2.934  5.355   -4.447  1.00 23.48 ? 88  GLN A CA  1 
ATOM   668 C  C   . GLN A 1 91  ? -3.850  6.101   -5.383  1.00 30.29 ? 88  GLN A C   1 
ATOM   669 O  O   . GLN A 1 91  ? -3.776  7.330   -5.532  1.00 29.89 ? 88  GLN A O   1 
ATOM   670 C  CB  . GLN A 1 91  ? -1.829  4.743   -5.330  1.00 27.32 ? 88  GLN A CB  1 
ATOM   671 C  CG  . GLN A 1 91  ? -0.876  3.643   -4.685  1.00 54.15 ? 88  GLN A CG  1 
ATOM   672 C  CD  . GLN A 1 91  ? -0.142  4.052   -3.354  1.00 63.02 ? 88  GLN A CD  1 
ATOM   673 O  OE1 . GLN A 1 91  ? 0.713   4.982   -3.332  1.00 42.76 ? 88  GLN A OE1 1 
ATOM   674 N  NE2 . GLN A 1 91  ? -0.476  3.334   -2.238  1.00 27.81 ? 88  GLN A NE2 1 
ATOM   675 N  N   . LYS A 1 92  ? -4.718  5.339   -6.019  1.00 28.02 ? 89  LYS A N   1 
ATOM   676 C  CA  . LYS A 1 92  ? -5.658  5.872   -7.002  1.00 39.33 ? 89  LYS A CA  1 
ATOM   677 C  C   . LYS A 1 92  ? -6.737  6.756   -6.346  1.00 33.38 ? 89  LYS A C   1 
ATOM   678 O  O   . LYS A 1 92  ? -6.982  7.908   -6.743  1.00 41.91 ? 89  LYS A O   1 
ATOM   679 C  CB  . LYS A 1 92  ? -6.234  4.667   -7.715  1.00 33.64 ? 89  LYS A CB  1 
ATOM   680 C  CG  . LYS A 1 92  ? -7.428  4.878   -8.506  1.00 49.33 ? 89  LYS A CG  1 
ATOM   681 C  CD  . LYS A 1 92  ? -7.918  3.499   -8.864  1.00 52.41 ? 89  LYS A CD  1 
ATOM   682 C  CE  . LYS A 1 92  ? -7.523  3.128   -10.277 1.00 62.57 ? 89  LYS A CE  1 
ATOM   683 N  NZ  . LYS A 1 92  ? -8.485  3.694   -11.279 1.00 69.49 ? 89  LYS A NZ  1 
ATOM   684 N  N   . GLU A 1 93  ? -7.318  6.240   -5.281  1.00 31.49 ? 90  GLU A N   1 
ATOM   685 C  CA  . GLU A 1 93  ? -8.347  6.937   -4.561  1.00 32.76 ? 90  GLU A CA  1 
ATOM   686 C  C   . GLU A 1 93  ? -7.841  8.225   -3.934  1.00 35.19 ? 90  GLU A C   1 
ATOM   687 O  O   . GLU A 1 93  ? -8.452  9.278   -4.143  1.00 39.61 ? 90  GLU A O   1 
ATOM   688 C  CB  . GLU A 1 93  ? -8.946  6.010   -3.501  1.00 43.79 ? 90  GLU A CB  1 
ATOM   689 C  CG  . GLU A 1 93  ? -10.102 6.575   -2.726  1.00 61.13 ? 90  GLU A CG  1 
ATOM   690 C  CD  . GLU A 1 93  ? -9.668  7.561   -1.666  1.00 67.22 ? 90  GLU A CD  1 
ATOM   691 O  OE1 . GLU A 1 93  ? -9.098  7.115   -0.636  1.00 78.70 ? 90  GLU A OE1 1 
ATOM   692 O  OE2 . GLU A 1 93  ? -9.890  8.784   -1.863  1.00 82.48 ? 90  GLU A OE2 1 
ATOM   693 N  N   . LYS A 1 94  ? -6.748  8.168   -3.170  1.00 33.77 ? 91  LYS A N   1 
ATOM   694 C  CA  . LYS A 1 94  ? -6.204  9.367   -2.523  1.00 33.91 ? 91  LYS A CA  1 
ATOM   695 C  C   . LYS A 1 94  ? -5.740  10.419  -3.549  1.00 37.42 ? 91  LYS A C   1 
ATOM   696 O  O   . LYS A 1 94  ? -5.904  11.617  -3.299  1.00 39.71 ? 91  LYS A O   1 
ATOM   697 C  CB  . LYS A 1 94  ? -5.026  9.046   -1.578  1.00 29.76 ? 91  LYS A CB  1 
ATOM   698 C  CG  . LYS A 1 94  ? -5.375  8.211   -0.334  1.00 33.28 ? 91  LYS A CG  1 
ATOM   699 C  CD  . LYS A 1 94  ? -6.156  8.971   0.737   1.00 32.14 ? 91  LYS A CD  1 
ATOM   700 C  CE  . LYS A 1 94  ? -6.473  8.073   1.948   1.00 35.20 ? 91  LYS A CE  1 
ATOM   701 N  NZ  . LYS A 1 94  ? -7.477  8.702   2.871   1.00 23.71 ? 91  LYS A NZ  1 
HETATM 702 N  N   . MSE A 1 95  ? -5.174  9.996   -4.682  1.00 28.85 ? 92  MSE A N   1 
HETATM 703 C  CA  . MSE A 1 95  ? -4.736  10.969  -5.673  1.00 30.64 ? 92  MSE A CA  1 
HETATM 704 C  C   . MSE A 1 95  ? -5.976  11.695  -6.221  1.00 41.91 ? 92  MSE A C   1 
HETATM 705 O  O   . MSE A 1 95  ? -6.051  12.947  -6.211  1.00 29.22 ? 92  MSE A O   1 
HETATM 706 C  CB  . MSE A 1 95  ? -3.971  10.292  -6.804  1.00 23.27 ? 92  MSE A CB  1 
HETATM 707 C  CG  . MSE A 1 95  ? -3.218  11.290  -7.700  1.00 28.74 ? 92  MSE A CG  1 
HETATM 708 SE SE  . MSE A 1 95  ? -2.129  12.731  -6.882  1.00 38.75 ? 92  MSE A SE  1 
HETATM 709 C  CE  . MSE A 1 95  ? -0.591  11.611  -6.719  1.00 29.37 ? 92  MSE A CE  1 
ATOM   710 N  N   . ALA A 1 96  ? -6.948  10.904  -6.689  1.00 41.73 ? 93  ALA A N   1 
ATOM   711 C  CA  . ALA A 1 96  ? -8.204  11.450  -7.199  1.00 36.66 ? 93  ALA A CA  1 
ATOM   712 C  C   . ALA A 1 96  ? -8.815  12.426  -6.179  1.00 25.42 ? 93  ALA A C   1 
ATOM   713 O  O   . ALA A 1 96  ? -9.330  13.467  -6.535  1.00 45.74 ? 93  ALA A O   1 
ATOM   714 C  CB  . ALA A 1 96  ? -9.176  10.307  -7.488  1.00 50.39 ? 93  ALA A CB  1 
ATOM   715 N  N   . SER A 1 97  ? -8.734  12.103  -4.904  1.00 30.95 ? 94  SER A N   1 
ATOM   716 C  CA  . SER A 1 97  ? -9.284  12.953  -3.853  1.00 28.49 ? 94  SER A CA  1 
ATOM   717 C  C   . SER A 1 97  ? -8.508  14.259  -3.710  1.00 34.48 ? 94  SER A C   1 
ATOM   718 O  O   . SER A 1 97  ? -9.082  15.343  -3.652  1.00 35.75 ? 94  SER A O   1 
ATOM   719 C  CB  . SER A 1 97  ? -9.241  12.194  -2.543  1.00 42.21 ? 94  SER A CB  1 
ATOM   720 O  OG  . SER A 1 97  ? -10.086 12.784  -1.591  1.00 45.11 ? 94  SER A OG  1 
ATOM   721 N  N   . VAL A 1 98  ? -7.197  14.146  -3.631  1.00 34.55 ? 95  VAL A N   1 
ATOM   722 C  CA  . VAL A 1 98  ? -6.353  15.305  -3.513  1.00 37.20 ? 95  VAL A CA  1 
ATOM   723 C  C   . VAL A 1 98  ? -6.592  16.235  -4.704  1.00 52.37 ? 95  VAL A C   1 
ATOM   724 O  O   . VAL A 1 98  ? -6.741  17.440  -4.523  1.00 60.37 ? 95  VAL A O   1 
ATOM   725 C  CB  . VAL A 1 98  ? -4.842  14.893  -3.442  1.00 39.63 ? 95  VAL A CB  1 
ATOM   726 C  CG1 . VAL A 1 98  ? -3.894  16.091  -3.649  1.00 34.39 ? 95  VAL A CG1 1 
ATOM   727 C  CG2 . VAL A 1 98  ? -4.581  14.346  -2.079  1.00 40.95 ? 95  VAL A CG2 1 
ATOM   728 N  N   . THR A 1 99  ? -6.653  15.694  -5.920  1.00 57.24 ? 96  THR A N   1 
ATOM   729 C  CA  . THR A 1 99  ? -6.858  16.562  -7.089  1.00 51.63 ? 96  THR A CA  1 
ATOM   730 C  C   . THR A 1 99  ? -8.335  16.902  -7.319  1.00 49.71 ? 96  THR A C   1 
ATOM   731 O  O   . THR A 1 99  ? -8.914  16.652  -8.363  1.00 45.86 ? 96  THR A O   1 
ATOM   732 C  CB  . THR A 1 99  ? -6.175  15.969  -8.372  1.00 36.10 ? 96  THR A CB  1 
ATOM   733 O  OG1 . THR A 1 99  ? -6.764  14.719  -8.739  1.00 38.90 ? 96  THR A OG1 1 
ATOM   734 C  CG2 . THR A 1 99  ? -4.701  15.764  -8.116  1.00 28.92 ? 96  THR A CG2 1 
ATOM   735 N  N   . ALA A 1 100 ? -8.907  17.487  -6.277  1.00 58.58 ? 97  ALA A N   1 
ATOM   736 C  CA  . ALA A 1 100 ? -10.292 17.920  -6.209  1.00 61.14 ? 97  ALA A CA  1 
ATOM   737 C  C   . ALA A 1 100 ? -10.714 18.644  -7.447  1.00 61.93 ? 97  ALA A C   1 
ATOM   738 O  O   . ALA A 1 100 ? -10.968 19.850  -7.388  1.00 68.42 ? 97  ALA A O   1 
ATOM   739 C  CB  . ALA A 1 100 ? -10.491 18.847  -4.989  1.00 65.80 ? 97  ALA A CB  1 
ATOM   740 N  N   . GLY A 1 101 ? -10.809 17.914  -8.556  1.00 66.94 ? 98  GLY A N   1 
ATOM   741 C  CA  . GLY A 1 101 ? -11.214 18.516  -9.815  1.00 75.25 ? 98  GLY A CA  1 
ATOM   742 C  C   . GLY A 1 101 ? -11.312 17.511  -10.956 1.00 90.60 ? 98  GLY A C   1 
ATOM   743 O  O   . GLY A 1 101 ? -10.813 17.814  -12.078 1.00 97.73 ? 98  GLY A O   1 
HETATM 744 O  O   . HOH B 2 .   ? 0.324   4.247   0.216   1.00 20.26 ? 201 HOH A O   1 
HETATM 745 O  O   . HOH B 2 .   ? -3.819  -12.472 12.414  1.00 21.79 ? 202 HOH A O   1 
HETATM 746 O  O   . HOH B 2 .   ? 8.945   -6.876  10.583  1.00 27.14 ? 203 HOH A O   1 
HETATM 747 O  O   . HOH B 2 .   ? -0.196  -23.964 8.746   1.00 28.07 ? 204 HOH A O   1 
HETATM 748 O  O   . HOH B 2 .   ? -0.414  -6.474  10.082  1.00 20.13 ? 205 HOH A O   1 
HETATM 749 O  O   . HOH B 2 .   ? -0.517  17.023  2.170   1.00 22.79 ? 206 HOH A O   1 
HETATM 750 O  O   . HOH B 2 .   ? 1.324   7.346   -4.570  1.00 20.90 ? 207 HOH A O   1 
HETATM 751 O  O   . HOH B 2 .   ? -2.246  -13.330 16.282  1.00 36.35 ? 208 HOH A O   1 
HETATM 752 O  O   . HOH B 2 .   ? 4.545   26.333  -19.924 1.00 36.35 ? 209 HOH A O   1 
HETATM 753 O  O   . HOH B 2 .   ? -2.691  -0.484  7.843   1.00 31.85 ? 210 HOH A O   1 
HETATM 754 O  O   . HOH B 2 .   ? -7.318  0.252   -0.154  1.00 28.70 ? 211 HOH A O   1 
HETATM 755 O  O   . HOH B 2 .   ? -12.292 -4.146  4.215   1.00 41.73 ? 212 HOH A O   1 
HETATM 756 O  O   . HOH B 2 .   ? 4.271   -29.161 7.006   1.00 41.26 ? 213 HOH A O   1 
HETATM 757 O  O   . HOH B 2 .   ? -0.985  5.063   7.345   1.00 23.89 ? 214 HOH A O   1 
HETATM 758 O  O   . HOH B 2 .   ? 0.922   -24.124 -1.681  1.00 29.82 ? 215 HOH A O   1 
HETATM 759 O  O   . HOH B 2 .   ? 2.757   18.527  -3.111  1.00 31.16 ? 216 HOH A O   1 
HETATM 760 O  O   . HOH B 2 .   ? -11.106 -17.320 8.944   1.00 37.22 ? 217 HOH A O   1 
HETATM 761 O  O   . HOH B 2 .   ? -6.041  -1.390  5.144   1.00 25.00 ? 218 HOH A O   1 
HETATM 762 O  O   . HOH B 2 .   ? -13.238 18.071  -2.562  1.00 67.21 ? 219 HOH A O   1 
HETATM 763 O  O   . HOH B 2 .   ? -3.428  -20.792 -2.574  1.00 34.61 ? 220 HOH A O   1 
HETATM 764 O  O   . HOH B 2 .   ? -11.065 3.548   -3.425  1.00 38.64 ? 221 HOH A O   1 
HETATM 765 O  O   . HOH B 2 .   ? 9.587   -4.350  8.375   1.00 33.34 ? 222 HOH A O   1 
HETATM 766 O  O   . HOH B 2 .   ? -10.252 -17.493 12.007  1.00 48.11 ? 223 HOH A O   1 
HETATM 767 O  O   . HOH B 2 .   ? 5.610   -26.290 1.184   1.00 34.32 ? 224 HOH A O   1 
HETATM 768 O  O   . HOH B 2 .   ? 4.910   6.540   -5.356  1.00 58.53 ? 225 HOH A O   1 
HETATM 769 O  O   . HOH B 2 .   ? 0.594   0.834   -4.345  1.00 22.75 ? 226 HOH A O   1 
HETATM 770 O  O   . HOH B 2 .   ? 2.661   -19.567 -1.242  1.00 25.82 ? 227 HOH A O   1 
HETATM 771 O  O   . HOH B 2 .   ? 1.588   5.793   7.326   1.00 33.94 ? 228 HOH A O   1 
HETATM 772 O  O   . HOH B 2 .   ? 3.284   -23.660 -0.497  1.00 30.95 ? 229 HOH A O   1 
HETATM 773 O  O   . HOH B 2 .   ? -3.473  -24.824 11.653  1.00 29.87 ? 230 HOH A O   1 
HETATM 774 O  O   . HOH B 2 .   ? 7.057   7.680   -0.647  1.00 34.53 ? 231 HOH A O   1 
HETATM 775 O  O   . HOH B 2 .   ? -1.073  0.879   9.519   1.00 36.28 ? 232 HOH A O   1 
HETATM 776 O  O   . HOH B 2 .   ? -10.511 -6.479  6.586   1.00 54.31 ? 233 HOH A O   1 
HETATM 777 O  O   . HOH B 2 .   ? 7.002   11.163  1.355   1.00 39.98 ? 234 HOH A O   1 
HETATM 778 O  O   . HOH B 2 .   ? -11.067 22.595  -4.450  1.00 69.99 ? 235 HOH A O   1 
HETATM 779 O  O   . HOH B 2 .   ? 7.465   6.753   -3.311  1.00 58.32 ? 236 HOH A O   1 
HETATM 780 O  O   . HOH B 2 .   ? 12.051  19.446  -10.995 1.00 69.11 ? 237 HOH A O   1 
HETATM 781 O  O   . HOH B 2 .   ? 9.835   18.761  -4.732  1.00 40.29 ? 238 HOH A O   1 
HETATM 782 O  O   . HOH B 2 .   ? 12.615  12.804  -9.991  1.00 65.84 ? 239 HOH A O   1 
HETATM 783 O  O   . HOH B 2 .   ? -5.129  -5.199  11.827  1.00 37.02 ? 240 HOH A O   1 
HETATM 784 O  O   . HOH B 2 .   ? 4.320   33.463  -13.836 1.00 32.68 ? 241 HOH A O   1 
HETATM 785 O  O   . HOH B 2 .   ? 4.750   -28.190 2.400   1.00 46.34 ? 242 HOH A O   1 
HETATM 786 O  O   . HOH B 2 .   ? -2.247  2.512   -7.924  1.00 40.25 ? 243 HOH A O   1 
HETATM 787 O  O   . HOH B 2 .   ? -5.406  -12.705 -1.938  1.00 30.38 ? 244 HOH A O   1 
HETATM 788 O  O   . HOH B 2 .   ? 9.592   -0.804  -1.180  1.00 33.07 ? 245 HOH A O   1 
HETATM 789 O  O   . HOH B 2 .   ? -3.681  -12.416 -6.898  1.00 38.93 ? 246 HOH A O   1 
HETATM 790 O  O   . HOH B 2 .   ? -9.201  -1.566  -1.171  1.00 35.22 ? 247 HOH A O   1 
HETATM 791 O  O   . HOH B 2 .   ? 4.853   16.595  1.774   1.00 49.03 ? 248 HOH A O   1 
HETATM 792 O  O   . HOH B 2 .   ? -1.897  -18.502 -1.903  1.00 26.44 ? 249 HOH A O   1 
HETATM 793 O  O   . HOH B 2 .   ? 6.704   -29.521 5.320   1.00 49.54 ? 250 HOH A O   1 
HETATM 794 O  O   . HOH B 2 .   ? 5.876   4.142   -4.877  1.00 37.54 ? 251 HOH A O   1 
HETATM 795 O  O   . HOH B 2 .   ? 9.483   2.216   2.465   1.00 39.82 ? 252 HOH A O   1 
HETATM 796 O  O   . HOH B 2 .   ? 9.251   -0.993  8.112   1.00 55.67 ? 253 HOH A O   1 
HETATM 797 O  O   . HOH B 2 .   ? 10.520  -3.039  0.210   1.00 29.73 ? 254 HOH A O   1 
HETATM 798 O  O   . HOH B 2 .   ? -11.498 9.239   -5.109  1.00 35.31 ? 255 HOH A O   1 
HETATM 799 O  O   . HOH B 2 .   ? -4.507  3.086   5.314   1.00 45.54 ? 256 HOH A O   1 
HETATM 800 O  O   . HOH B 2 .   ? -4.902  19.404  -2.226  1.00 46.90 ? 257 HOH A O   1 
HETATM 801 O  O   . HOH B 2 .   ? 7.784   -0.615  -5.143  1.00 51.04 ? 258 HOH A O   1 
HETATM 802 O  O   . HOH B 2 .   ? -2.970  -7.580  13.809  1.00 56.96 ? 259 HOH A O   1 
HETATM 803 O  O   . HOH B 2 .   ? -1.656  -20.728 -6.200  1.00 48.27 ? 260 HOH A O   1 
HETATM 804 O  O   . HOH B 2 .   ? 5.300   3.994   5.442   1.00 29.40 ? 261 HOH A O   1 
HETATM 805 O  O   . HOH B 2 .   ? 12.277  23.545  -5.865  1.00 81.75 ? 262 HOH A O   1 
HETATM 806 O  O   . HOH B 2 .   ? 10.227  2.699   -4.548  1.00 65.97 ? 263 HOH A O   1 
HETATM 807 O  O   . HOH B 2 .   ? 1.680   27.852  -10.512 1.00 39.53 ? 264 HOH A O   1 
HETATM 808 O  O   . HOH B 2 .   ? -3.522  -14.118 -4.337  1.00 39.54 ? 265 HOH A O   1 
HETATM 809 O  O   . HOH B 2 .   ? -13.222 -4.914  2.130   1.00 56.50 ? 266 HOH A O   1 
HETATM 810 O  O   . HOH B 2 .   ? -8.844  -3.412  -2.935  1.00 40.47 ? 267 HOH A O   1 
HETATM 811 O  O   . HOH B 2 .   ? -12.170 13.000  -5.698  1.00 71.52 ? 268 HOH A O   1 
HETATM 812 O  O   . HOH B 2 .   ? 6.550   -5.533  13.803  1.00 46.71 ? 269 HOH A O   1 
HETATM 813 O  O   . HOH B 2 .   ? -7.110  -7.171  8.266   1.00 36.81 ? 270 HOH A O   1 
HETATM 814 O  O   . HOH B 2 .   ? -2.329  -6.435  11.763  1.00 34.17 ? 271 HOH A O   1 
HETATM 815 O  O   . HOH B 2 .   ? 5.124   -1.020  12.158  1.00 42.64 ? 272 HOH A O   1 
HETATM 816 O  O   . HOH B 2 .   ? -11.709 12.163  -8.359  1.00 48.89 ? 273 HOH A O   1 
HETATM 817 O  O   . HOH B 2 .   ? -5.086  -15.576 -3.073  1.00 46.89 ? 274 HOH A O   1 
HETATM 818 O  O   . HOH B 2 .   ? -4.371  21.573  -3.226  1.00 40.38 ? 275 HOH A O   1 
HETATM 819 O  O   . HOH B 2 .   ? -7.289  -13.938 -0.539  1.00 49.15 ? 276 HOH A O   1 
HETATM 820 O  O   . HOH B 2 .   ? -5.559  0.222   7.472   1.00 56.28 ? 277 HOH A O   1 
HETATM 821 O  O   . HOH B 2 .   ? 2.728   -8.377  14.304  1.00 30.47 ? 278 HOH A O   1 
HETATM 822 O  O   . HOH B 2 .   ? -7.791  -12.228 0.738   1.00 31.16 ? 279 HOH A O   1 
HETATM 823 O  O   . HOH B 2 .   ? -10.749 3.080   -9.003  1.00 67.66 ? 280 HOH A O   1 
HETATM 824 O  O   . HOH B 2 .   ? -3.724  -18.793 -5.682  1.00 52.51 ? 281 HOH A O   1 
HETATM 825 O  O   . HOH B 2 .   ? 1.371   -21.732 17.705  1.00 58.84 ? 282 HOH A O   1 
HETATM 826 O  O   . HOH B 2 .   ? 9.179   5.960   4.156   1.00 65.49 ? 283 HOH A O   1 
HETATM 827 O  O   . HOH B 2 .   ? 11.140  -2.075  6.747   1.00 41.03 ? 284 HOH A O   1 
HETATM 828 O  O   . HOH B 2 .   ? 10.411  1.301   0.288   1.00 40.17 ? 285 HOH A O   1 
HETATM 829 O  O   . HOH B 2 .   ? 13.012  11.502  -6.378  1.00 55.71 ? 286 HOH A O   1 
HETATM 830 O  O   . HOH B 2 .   ? 0.794   -6.349  13.140  1.00 44.39 ? 287 HOH A O   1 
HETATM 831 O  O   . HOH B 2 .   ? 7.722   1.793   6.024   1.00 63.00 ? 288 HOH A O   1 
HETATM 832 O  O   . HOH B 2 .   ? 9.517   13.387  -0.714  1.00 44.73 ? 289 HOH A O   1 
HETATM 833 O  O   . HOH B 2 .   ? -5.186  -13.384 14.482  1.00 45.67 ? 290 HOH A O   1 
HETATM 834 O  O   . HOH B 2 .   ? -9.997  -3.976  -0.633  1.00 58.22 ? 291 HOH A O   1 
HETATM 835 O  O   . HOH B 2 .   ? -10.277 9.424   0.195   1.00 38.93 ? 292 HOH A O   1 
HETATM 836 O  O   . HOH B 2 .   ? 3.638   -21.221 -1.697  1.00 33.36 ? 293 HOH A O   1 
HETATM 837 O  O   . HOH B 2 .   ? -7.325  -6.780  -8.596  1.00 55.54 ? 294 HOH A O   1 
HETATM 838 O  O   . HOH B 2 .   ? -2.754  -16.128 -3.883  1.00 32.78 ? 295 HOH A O   1 
HETATM 839 O  O   . HOH B 2 .   ? -4.690  -10.295 15.367  1.00 40.55 ? 296 HOH A O   1 
HETATM 840 O  O   . HOH B 2 .   ? -8.657  -8.929  8.641   1.00 44.82 ? 297 HOH A O   1 
HETATM 841 O  O   . HOH B 2 .   ? -0.915  8.199   -5.980  1.00 46.42 ? 298 HOH A O   1 
HETATM 842 O  O   . HOH B 2 .   ? -14.180 -16.558 9.759   1.00 37.77 ? 299 HOH A O   1 
HETATM 843 O  O   . HOH B 2 .   ? -2.813  -22.926 23.179  1.00 52.44 ? 300 HOH A O   1 
HETATM 844 O  O   . HOH B 2 .   ? 11.132  -0.066  -2.768  1.00 45.11 ? 301 HOH A O   1 
HETATM 845 O  O   . HOH B 2 .   ? 9.215   5.099   6.176   1.00 62.38 ? 302 HOH A O   1 
HETATM 846 O  O   . HOH B 2 .   ? -8.130  -15.368 2.342   1.00 45.38 ? 303 HOH A O   1 
HETATM 847 O  O   . HOH B 2 .   ? 13.573  14.118  -7.810  1.00 74.22 ? 304 HOH A O   1 
HETATM 848 O  O   . HOH B 2 .   ? 8.759   -5.922  13.169  1.00 52.30 ? 305 HOH A O   1 
HETATM 849 O  O   . HOH B 2 .   ? -17.895 22.295  -10.449 1.00 67.58 ? 306 HOH A O   1 
HETATM 850 O  O   . HOH B 2 .   ? 2.834   17.066  -0.477  1.00 40.05 ? 307 HOH A O   1 
HETATM 851 O  O   . HOH B 2 .   ? 7.171   15.798  1.526   1.00 37.28 ? 308 HOH A O   1 
HETATM 852 O  O   . HOH B 2 .   ? 9.420   16.299  -6.231  1.00 30.90 ? 309 HOH A O   1 
HETATM 853 O  O   . HOH B 2 .   ? -16.245 27.603  -5.777  1.00 48.45 ? 310 HOH A O   1 
HETATM 854 O  O   . HOH B 2 .   ? -14.290 13.453  -10.181 1.00 51.46 ? 311 HOH A O   1 
HETATM 855 O  O   . HOH B 2 .   ? 3.224   10.447  -13.762 1.00 53.58 ? 312 HOH A O   1 
HETATM 856 O  O   . HOH B 2 .   ? 6.850   13.552  -0.079  1.00 35.54 ? 313 HOH A O   1 
HETATM 857 O  O   . HOH B 2 .   ? -15.222 20.282  0.056   1.00 63.85 ? 314 HOH A O   1 
HETATM 858 O  O   . HOH B 2 .   ? 4.062   -27.237 11.869  1.00 39.34 ? 315 HOH A O   1 
HETATM 859 O  O   . HOH B 2 .   ? -11.050 0.042   -1.978  1.00 52.54 ? 316 HOH A O   1 
HETATM 860 O  O   . HOH B 2 .   ? -13.127 -6.698  4.577   1.00 72.59 ? 317 HOH A O   1 
HETATM 861 O  O   . HOH B 2 .   ? 10.264  -27.386 2.099   1.00 48.53 ? 318 HOH A O   1 
HETATM 862 O  O   . HOH B 2 .   ? -6.307  8.736   -9.028  1.00 52.28 ? 319 HOH A O   1 
HETATM 863 O  O   . HOH B 2 .   ? 2.932   -29.328 0.037   1.00 51.49 ? 320 HOH A O   1 
HETATM 864 O  O   . HOH B 2 .   ? -14.180 11.200  -6.871  1.00 64.70 ? 321 HOH A O   1 
HETATM 865 O  O   . HOH B 2 .   ? -9.123  -6.421  -6.522  1.00 72.40 ? 322 HOH A O   1 
HETATM 866 O  O   . HOH B 2 .   ? -10.055 -15.158 3.412   1.00 48.45 ? 323 HOH A O   1 
HETATM 867 O  O   . HOH B 2 .   ? -17.297 26.699  -10.775 0.50 50.39 ? 324 HOH A O   1 
HETATM 868 O  O   . HOH B 2 .   ? -0.247  -5.458  14.819  1.00 51.57 ? 325 HOH A O   1 
HETATM 869 O  O   . HOH B 2 .   ? -6.393  -2.386  -6.771  1.00 44.50 ? 326 HOH A O   1 
HETATM 870 O  O   . HOH B 2 .   ? -7.386  -2.626  7.302   1.00 56.43 ? 327 HOH A O   1 
HETATM 871 O  O   . HOH B 2 .   ? -5.676  -17.421 18.230  1.00 71.56 ? 328 HOH A O   1 
HETATM 872 O  O   . HOH B 2 .   ? -11.375 -12.834 4.297   1.00 47.11 ? 329 HOH A O   1 
HETATM 873 O  O   . HOH B 2 .   ? -7.047  2.400   4.894   1.00 44.41 ? 330 HOH A O   1 
HETATM 874 O  O   . HOH B 2 .   ? -0.652  8.309   -8.191  1.00 59.52 ? 331 HOH A O   1 
HETATM 875 O  O   . HOH B 2 .   ? 0.547   3.387   -12.426 1.00 56.46 ? 332 HOH A O   1 
HETATM 876 O  O   . HOH B 2 .   ? -12.564 -0.929  -5.646  1.00 44.47 ? 333 HOH A O   1 
HETATM 877 O  O   . HOH B 2 .   ? 5.048   6.782   -10.552 1.00 58.46 ? 334 HOH A O   1 
HETATM 878 O  O   . HOH B 2 .   ? 2.965   20.842  -15.466 1.00 46.16 ? 335 HOH A O   1 
HETATM 879 O  O   . HOH B 2 .   ? 4.591   -26.681 16.503  0.50 67.81 ? 336 HOH A O   1 
HETATM 880 O  O   . HOH B 2 .   ? 1.468   13.144  -12.586 1.00 56.94 ? 337 HOH A O   1 
HETATM 881 O  O   . HOH B 2 .   ? 14.733  20.866  -17.920 1.00 57.87 ? 338 HOH A O   1 
HETATM 882 O  O   . HOH B 2 .   ? 0.452   -20.828 24.942  1.00 70.32 ? 339 HOH A O   1 
HETATM 883 O  O   . HOH B 2 .   ? -0.814  -18.253 21.350  1.00 55.89 ? 340 HOH A O   1 
HETATM 884 O  O   . HOH B 2 .   ? 0.102   1.934   -7.059  1.00 40.87 ? 341 HOH A O   1 
HETATM 885 O  O   . HOH B 2 .   ? 8.038   6.273   -8.921  1.00 48.28 ? 342 HOH A O   1 
HETATM 886 O  O   . HOH B 2 .   ? 6.747   22.146  -20.933 1.00 48.75 ? 343 HOH A O   1 
HETATM 887 O  O   . HOH B 2 .   ? -2.876  -13.568 19.566  1.00 82.76 ? 344 HOH A O   1 
HETATM 888 O  O   . HOH B 2 .   ? 2.204   20.647  -2.348  1.00 46.85 ? 345 HOH A O   1 
HETATM 889 O  O   . HOH B 2 .   ? 9.597   30.800  -15.842 1.00 78.15 ? 346 HOH A O   1 
HETATM 890 O  O   . HOH B 2 .   ? -9.243  -3.255  -5.812  1.00 57.05 ? 347 HOH A O   1 
HETATM 891 O  O   . HOH B 2 .   ? 11.813  -26.710 -0.135  1.00 43.26 ? 348 HOH A O   1 
HETATM 892 O  O   . HOH B 2 .   ? -7.227  -5.511  6.670   1.00 53.90 ? 349 HOH A O   1 
HETATM 893 O  O   . HOH B 2 .   ? -7.087  0.227   -8.381  1.00 43.69 ? 350 HOH A O   1 
HETATM 894 O  O   . HOH B 2 .   ? -8.099  5.014   0.176   1.00 62.91 ? 351 HOH A O   1 
HETATM 895 O  O   . HOH B 2 .   ? -7.422  -1.196  3.266   1.00 46.84 ? 352 HOH A O   1 
HETATM 896 O  O   . HOH B 2 .   ? 6.167   24.595  -20.315 1.00 66.27 ? 353 HOH A O   1 
HETATM 897 O  O   . HOH B 2 .   ? -7.649  -14.828 13.016  1.00 57.52 ? 354 HOH A O   1 
HETATM 898 O  O   . HOH B 2 .   ? 2.531   1.722   -7.513  1.00 86.27 ? 355 HOH A O   1 
HETATM 899 O  O   . HOH B 2 .   ? 7.720   -25.597 -0.247  1.00 60.87 ? 356 HOH A O   1 
HETATM 900 O  O   . HOH B 2 .   ? 4.694   14.909  -11.490 1.00 61.88 ? 357 HOH A O   1 
HETATM 901 O  O   . HOH B 2 .   ? -6.944  -5.408  9.962   1.00 56.52 ? 358 HOH A O   1 
HETATM 902 O  O   . HOH B 2 .   ? 9.550   9.623   -0.722  1.00 60.79 ? 359 HOH A O   1 
HETATM 903 O  O   . HOH B 2 .   ? 15.252  12.130  -10.701 1.00 59.20 ? 360 HOH A O   1 
HETATM 904 O  O   . HOH B 2 .   ? 5.313   9.276   -15.159 1.00 56.65 ? 361 HOH A O   1 
# 
